data_2I4W
# 
_entry.id   2I4W 
# 
_audit_conform.dict_name       mmcif_pdbx.dic 
_audit_conform.dict_version    5.387 
_audit_conform.dict_location   http://mmcif.pdb.org/dictionaries/ascii/mmcif_pdbx.dic 
# 
loop_
_database_2.database_id 
_database_2.database_code 
_database_2.pdbx_database_accession 
_database_2.pdbx_DOI 
PDB   2I4W         pdb_00002i4w 10.2210/pdb2i4w/pdb 
RCSB  RCSB039140   ?            ?                   
WWPDB D_1000039140 ?            ?                   
# 
loop_
_pdbx_audit_revision_history.ordinal 
_pdbx_audit_revision_history.data_content_type 
_pdbx_audit_revision_history.major_revision 
_pdbx_audit_revision_history.minor_revision 
_pdbx_audit_revision_history.revision_date 
1 'Structure model' 1 0 2007-08-28 
2 'Structure model' 1 1 2011-07-13 
3 'Structure model' 1 2 2024-02-21 
# 
_pdbx_audit_revision_details.ordinal             1 
_pdbx_audit_revision_details.revision_ordinal    1 
_pdbx_audit_revision_details.data_content_type   'Structure model' 
_pdbx_audit_revision_details.provider            repository 
_pdbx_audit_revision_details.type                'Initial release' 
_pdbx_audit_revision_details.description         ? 
_pdbx_audit_revision_details.details             ? 
# 
loop_
_pdbx_audit_revision_group.ordinal 
_pdbx_audit_revision_group.revision_ordinal 
_pdbx_audit_revision_group.data_content_type 
_pdbx_audit_revision_group.group 
1 2 'Structure model' 'Derived calculations'      
2 2 'Structure model' 'Version format compliance' 
3 3 'Structure model' 'Data collection'           
4 3 'Structure model' 'Database references'       
5 3 'Structure model' 'Derived calculations'      
# 
loop_
_pdbx_audit_revision_category.ordinal 
_pdbx_audit_revision_category.revision_ordinal 
_pdbx_audit_revision_category.data_content_type 
_pdbx_audit_revision_category.category 
1 3 'Structure model' chem_comp_atom     
2 3 'Structure model' chem_comp_bond     
3 3 'Structure model' database_2         
4 3 'Structure model' struct_ref_seq_dif 
5 3 'Structure model' struct_site        
# 
loop_
_pdbx_audit_revision_item.ordinal 
_pdbx_audit_revision_item.revision_ordinal 
_pdbx_audit_revision_item.data_content_type 
_pdbx_audit_revision_item.item 
1 3 'Structure model' '_database_2.pdbx_DOI'                
2 3 'Structure model' '_database_2.pdbx_database_accession' 
3 3 'Structure model' '_struct_ref_seq_dif.details'         
4 3 'Structure model' '_struct_site.pdbx_auth_asym_id'      
5 3 'Structure model' '_struct_site.pdbx_auth_comp_id'      
6 3 'Structure model' '_struct_site.pdbx_auth_seq_id'       
# 
_pdbx_database_status.status_code                     REL 
_pdbx_database_status.entry_id                        2I4W 
_pdbx_database_status.recvd_initial_deposition_date   2006-08-22 
_pdbx_database_status.deposit_site                    RCSB 
_pdbx_database_status.process_site                    RCSB 
_pdbx_database_status.status_code_sf                  ? 
_pdbx_database_status.status_code_mr                  ? 
_pdbx_database_status.SG_entry                        ? 
_pdbx_database_status.pdb_format_compatible           Y 
_pdbx_database_status.status_code_cs                  ? 
_pdbx_database_status.status_code_nmr_data            ? 
_pdbx_database_status.methods_development_category    ? 
# 
loop_
_pdbx_database_related.db_name 
_pdbx_database_related.db_id 
_pdbx_database_related.details 
_pdbx_database_related.content_type 
PDB 2I4D . unspecified 
PDB 2I4U . unspecified 
PDB 2I4V . unspecified 
PDB 2I4X . unspecified 
# 
_audit_author.name           'Hatada, M.' 
_audit_author.pdbx_ordinal   1 
# 
_citation.id                        primary 
_citation.title                     'Suppression of HIV-1 Protease Inhibitor Resistance by Phosphonate-mediated Solvent Anchoring.' 
_citation.journal_abbrev            J.Mol.Biol. 
_citation.journal_volume            363 
_citation.page_first                635 
_citation.page_last                 647 
_citation.year                      2006 
_citation.journal_id_ASTM           JMOBAK 
_citation.country                   UK 
_citation.journal_id_ISSN           0022-2836 
_citation.journal_id_CSD            0070 
_citation.book_publisher            ? 
_citation.pdbx_database_id_PubMed   16979654 
_citation.pdbx_database_id_DOI      10.1016/j.jmb.2006.07.073 
# 
loop_
_citation_author.citation_id 
_citation_author.name 
_citation_author.ordinal 
_citation_author.identifier_ORCID 
primary 'Cihlar, T.'      1  ? 
primary 'He, G.X.'        2  ? 
primary 'Liu, X.'         3  ? 
primary 'Chen, J.M.'      4  ? 
primary 'Hatada, M.'      5  ? 
primary 'Swaminathan, S.' 6  ? 
primary 'McDermott, M.J.' 7  ? 
primary 'Yang, Z.Y.'      8  ? 
primary 'Mulato, A.S.'    9  ? 
primary 'Chen, X.'        10 ? 
primary 'Leavitt, S.A.'   11 ? 
primary 'Stray, K.M.'     12 ? 
primary 'Lee, W.A.'       13 ? 
# 
loop_
_entity.id 
_entity.type 
_entity.src_method 
_entity.pdbx_description 
_entity.formula_weight 
_entity.pdbx_number_of_molecules 
_entity.pdbx_ec 
_entity.pdbx_mutation 
_entity.pdbx_fragment 
_entity.details 
1 polymer     man Protease 10831.809 2   3.4.23.16 ? ? ? 
2 non-polymer syn 
;DIETHYL ({4-[(2S,3R)-2-({[(3R,3AS,6AR)-HEXAHYDROFURO[2,3-B]FURAN-3-YLOXY]CARBONYL}AMINO)-3-HYDROXY-4-{ISOBUTYL[(4-METHOXYPHENYL)SULFONYL]AMINO}BUTYL]PHENOXY}METHYL)PHOSPHONATE
;
728.787   1   ?         ? ? ? 
3 water       nat water 18.015    180 ?         ? ? ? 
# 
_entity_poly.entity_id                      1 
_entity_poly.type                           'polypeptide(L)' 
_entity_poly.nstd_linkage                   no 
_entity_poly.nstd_monomer                   no 
_entity_poly.pdbx_seq_one_letter_code       
;PQITLWQRPLVTIKIGGQLKEALLDTGADDTVLEEMSLPGRWKPKMIGGIGGFIKVRQYDQILIEICGHKAIGTVLVGPT
PVNIIGRNLLTQIGMTLNF
;
_entity_poly.pdbx_seq_one_letter_code_can   
;PQITLWQRPLVTIKIGGQLKEALLDTGADDTVLEEMSLPGRWKPKMIGGIGGFIKVRQYDQILIEICGHKAIGTVLVGPT
PVNIIGRNLLTQIGMTLNF
;
_entity_poly.pdbx_strand_id                 A,B 
_entity_poly.pdbx_target_identifier         ? 
# 
loop_
_pdbx_entity_nonpoly.entity_id 
_pdbx_entity_nonpoly.name 
_pdbx_entity_nonpoly.comp_id 
2 
;DIETHYL ({4-[(2S,3R)-2-({[(3R,3AS,6AR)-HEXAHYDROFURO[2,3-B]FURAN-3-YLOXY]CARBONYL}AMINO)-3-HYDROXY-4-{ISOBUTYL[(4-METHOXYPHENYL)SULFONYL]AMINO}BUTYL]PHENOXY}METHYL)PHOSPHONATE
;
KGQ 
3 water HOH 
# 
loop_
_entity_poly_seq.entity_id 
_entity_poly_seq.num 
_entity_poly_seq.mon_id 
_entity_poly_seq.hetero 
1 1  PRO n 
1 2  GLN n 
1 3  ILE n 
1 4  THR n 
1 5  LEU n 
1 6  TRP n 
1 7  GLN n 
1 8  ARG n 
1 9  PRO n 
1 10 LEU n 
1 11 VAL n 
1 12 THR n 
1 13 ILE n 
1 14 LYS n 
1 15 ILE n 
1 16 GLY n 
1 17 GLY n 
1 18 GLN n 
1 19 LEU n 
1 20 LYS n 
1 21 GLU n 
1 22 ALA n 
1 23 LEU n 
1 24 LEU n 
1 25 ASP n 
1 26 THR n 
1 27 GLY n 
1 28 ALA n 
1 29 ASP n 
1 30 ASP n 
1 31 THR n 
1 32 VAL n 
1 33 LEU n 
1 34 GLU n 
1 35 GLU n 
1 36 MET n 
1 37 SER n 
1 38 LEU n 
1 39 PRO n 
1 40 GLY n 
1 41 ARG n 
1 42 TRP n 
1 43 LYS n 
1 44 PRO n 
1 45 LYS n 
1 46 MET n 
1 47 ILE n 
1 48 GLY n 
1 49 GLY n 
1 50 ILE n 
1 51 GLY n 
1 52 GLY n 
1 53 PHE n 
1 54 ILE n 
1 55 LYS n 
1 56 VAL n 
1 57 ARG n 
1 58 GLN n 
1 59 TYR n 
1 60 ASP n 
1 61 GLN n 
1 62 ILE n 
1 63 LEU n 
1 64 ILE n 
1 65 GLU n 
1 66 ILE n 
1 67 CYS n 
1 68 GLY n 
1 69 HIS n 
1 70 LYS n 
1 71 ALA n 
1 72 ILE n 
1 73 GLY n 
1 74 THR n 
1 75 VAL n 
1 76 LEU n 
1 77 VAL n 
1 78 GLY n 
1 79 PRO n 
1 80 THR n 
1 81 PRO n 
1 82 VAL n 
1 83 ASN n 
1 84 ILE n 
1 85 ILE n 
1 86 GLY n 
1 87 ARG n 
1 88 ASN n 
1 89 LEU n 
1 90 LEU n 
1 91 THR n 
1 92 GLN n 
1 93 ILE n 
1 94 GLY n 
1 95 MET n 
1 96 THR n 
1 97 LEU n 
1 98 ASN n 
1 99 PHE n 
# 
_entity_src_gen.entity_id                          1 
_entity_src_gen.pdbx_src_id                        1 
_entity_src_gen.pdbx_alt_source_flag               sample 
_entity_src_gen.pdbx_seq_type                      ? 
_entity_src_gen.pdbx_beg_seq_num                   ? 
_entity_src_gen.pdbx_end_seq_num                   ? 
_entity_src_gen.gene_src_common_name               ? 
_entity_src_gen.gene_src_genus                     Lentivirus 
_entity_src_gen.pdbx_gene_src_gene                 gag 
_entity_src_gen.gene_src_species                   ? 
_entity_src_gen.gene_src_strain                    ? 
_entity_src_gen.gene_src_tissue                    ? 
_entity_src_gen.gene_src_tissue_fraction           ? 
_entity_src_gen.gene_src_details                   ? 
_entity_src_gen.pdbx_gene_src_fragment             ? 
_entity_src_gen.pdbx_gene_src_scientific_name      'Human immunodeficiency virus 1' 
_entity_src_gen.pdbx_gene_src_ncbi_taxonomy_id     11676 
_entity_src_gen.pdbx_gene_src_variant              ? 
_entity_src_gen.pdbx_gene_src_cell_line            ? 
_entity_src_gen.pdbx_gene_src_atcc                 ? 
_entity_src_gen.pdbx_gene_src_organ                ? 
_entity_src_gen.pdbx_gene_src_organelle            ? 
_entity_src_gen.pdbx_gene_src_cell                 ? 
_entity_src_gen.pdbx_gene_src_cellular_location    ? 
_entity_src_gen.host_org_common_name               ? 
_entity_src_gen.pdbx_host_org_scientific_name      'Escherichia coli' 
_entity_src_gen.pdbx_host_org_ncbi_taxonomy_id     562 
_entity_src_gen.host_org_genus                     Escherichia 
_entity_src_gen.pdbx_host_org_gene                 ? 
_entity_src_gen.pdbx_host_org_organ                ? 
_entity_src_gen.host_org_species                   ? 
_entity_src_gen.pdbx_host_org_tissue               ? 
_entity_src_gen.pdbx_host_org_tissue_fraction      ? 
_entity_src_gen.pdbx_host_org_strain               ? 
_entity_src_gen.pdbx_host_org_variant              ? 
_entity_src_gen.pdbx_host_org_cell_line            ? 
_entity_src_gen.pdbx_host_org_atcc                 ? 
_entity_src_gen.pdbx_host_org_culture_collection   ? 
_entity_src_gen.pdbx_host_org_cell                 ? 
_entity_src_gen.pdbx_host_org_organelle            ? 
_entity_src_gen.pdbx_host_org_cellular_location    ? 
_entity_src_gen.pdbx_host_org_vector_type          ? 
_entity_src_gen.pdbx_host_org_vector               ? 
_entity_src_gen.host_org_details                   ? 
_entity_src_gen.expression_system_id               ? 
_entity_src_gen.plasmid_name                       ? 
_entity_src_gen.plasmid_details                    ? 
_entity_src_gen.pdbx_description                   ? 
# 
loop_
_chem_comp.id 
_chem_comp.type 
_chem_comp.mon_nstd_flag 
_chem_comp.name 
_chem_comp.pdbx_synonyms 
_chem_comp.formula 
_chem_comp.formula_weight 
ALA 'L-peptide linking' y ALANINE ? 'C3 H7 N O2'         89.093  
ARG 'L-peptide linking' y ARGININE ? 'C6 H15 N4 O2 1'     175.209 
ASN 'L-peptide linking' y ASPARAGINE ? 'C4 H8 N2 O3'        132.118 
ASP 'L-peptide linking' y 'ASPARTIC ACID' ? 'C4 H7 N O4'         133.103 
CYS 'L-peptide linking' y CYSTEINE ? 'C3 H7 N O2 S'       121.158 
GLN 'L-peptide linking' y GLUTAMINE ? 'C5 H10 N2 O3'       146.144 
GLU 'L-peptide linking' y 'GLUTAMIC ACID' ? 'C5 H9 N O4'         147.129 
GLY 'peptide linking'   y GLYCINE ? 'C2 H5 N O2'         75.067  
HIS 'L-peptide linking' y HISTIDINE ? 'C6 H10 N3 O2 1'     156.162 
HOH non-polymer         . WATER ? 'H2 O'               18.015  
ILE 'L-peptide linking' y ISOLEUCINE ? 'C6 H13 N O2'        131.173 
KGQ non-polymer         . 
;DIETHYL ({4-[(2S,3R)-2-({[(3R,3AS,6AR)-HEXAHYDROFURO[2,3-B]FURAN-3-YLOXY]CARBONYL}AMINO)-3-HYDROXY-4-{ISOBUTYL[(4-METHOXYPHENYL)SULFONYL]AMINO}BUTYL]PHENOXY}METHYL)PHOSPHONATE
;
? 'C33 H49 N2 O12 P S' 728.787 
LEU 'L-peptide linking' y LEUCINE ? 'C6 H13 N O2'        131.173 
LYS 'L-peptide linking' y LYSINE ? 'C6 H15 N2 O2 1'     147.195 
MET 'L-peptide linking' y METHIONINE ? 'C5 H11 N O2 S'      149.211 
PHE 'L-peptide linking' y PHENYLALANINE ? 'C9 H11 N O2'        165.189 
PRO 'L-peptide linking' y PROLINE ? 'C5 H9 N O2'         115.130 
SER 'L-peptide linking' y SERINE ? 'C3 H7 N O3'         105.093 
THR 'L-peptide linking' y THREONINE ? 'C4 H9 N O3'         119.119 
TRP 'L-peptide linking' y TRYPTOPHAN ? 'C11 H12 N2 O2'      204.225 
TYR 'L-peptide linking' y TYROSINE ? 'C9 H11 N O3'        181.189 
VAL 'L-peptide linking' y VALINE ? 'C5 H11 N O2'        117.146 
# 
loop_
_pdbx_poly_seq_scheme.asym_id 
_pdbx_poly_seq_scheme.entity_id 
_pdbx_poly_seq_scheme.seq_id 
_pdbx_poly_seq_scheme.mon_id 
_pdbx_poly_seq_scheme.ndb_seq_num 
_pdbx_poly_seq_scheme.pdb_seq_num 
_pdbx_poly_seq_scheme.auth_seq_num 
_pdbx_poly_seq_scheme.pdb_mon_id 
_pdbx_poly_seq_scheme.auth_mon_id 
_pdbx_poly_seq_scheme.pdb_strand_id 
_pdbx_poly_seq_scheme.pdb_ins_code 
_pdbx_poly_seq_scheme.hetero 
A 1 1  PRO 1  1   1   PRO PRO A . n 
A 1 2  GLN 2  2   2   GLN GLN A . n 
A 1 3  ILE 3  3   3   ILE ILE A . n 
A 1 4  THR 4  4   4   THR THR A . n 
A 1 5  LEU 5  5   5   LEU LEU A . n 
A 1 6  TRP 6  6   6   TRP TRP A . n 
A 1 7  GLN 7  7   7   GLN GLN A . n 
A 1 8  ARG 8  8   8   ARG ARG A . n 
A 1 9  PRO 9  9   9   PRO PRO A . n 
A 1 10 LEU 10 10  10  LEU LEU A . n 
A 1 11 VAL 11 11  11  VAL VAL A . n 
A 1 12 THR 12 12  12  THR THR A . n 
A 1 13 ILE 13 13  13  ILE ILE A . n 
A 1 14 LYS 14 14  14  LYS LYS A . n 
A 1 15 ILE 15 15  15  ILE ILE A . n 
A 1 16 GLY 16 16  16  GLY GLY A . n 
A 1 17 GLY 17 17  17  GLY GLY A . n 
A 1 18 GLN 18 18  18  GLN GLN A . n 
A 1 19 LEU 19 19  19  LEU LEU A . n 
A 1 20 LYS 20 20  20  LYS LYS A . n 
A 1 21 GLU 21 21  21  GLU GLU A . n 
A 1 22 ALA 22 22  22  ALA ALA A . n 
A 1 23 LEU 23 23  23  LEU LEU A . n 
A 1 24 LEU 24 24  24  LEU LEU A . n 
A 1 25 ASP 25 25  25  ASP ASP A . n 
A 1 26 THR 26 26  26  THR THR A . n 
A 1 27 GLY 27 27  27  GLY GLY A . n 
A 1 28 ALA 28 28  28  ALA ALA A . n 
A 1 29 ASP 29 29  29  ASP ASP A . n 
A 1 30 ASP 30 30  30  ASP ASP A . n 
A 1 31 THR 31 31  31  THR THR A . n 
A 1 32 VAL 32 32  32  VAL VAL A . n 
A 1 33 LEU 33 33  33  LEU LEU A . n 
A 1 34 GLU 34 34  34  GLU GLU A . n 
A 1 35 GLU 35 35  35  GLU GLU A . n 
A 1 36 MET 36 36  36  MET MET A . n 
A 1 37 SER 37 37  37  SER SER A . n 
A 1 38 LEU 38 38  38  LEU LEU A . n 
A 1 39 PRO 39 39  39  PRO PRO A . n 
A 1 40 GLY 40 40  40  GLY GLY A . n 
A 1 41 ARG 41 41  41  ARG ARG A . n 
A 1 42 TRP 42 42  42  TRP TRP A . n 
A 1 43 LYS 43 43  43  LYS LYS A . n 
A 1 44 PRO 44 44  44  PRO PRO A . n 
A 1 45 LYS 45 45  45  LYS LYS A . n 
A 1 46 MET 46 46  46  MET MET A . n 
A 1 47 ILE 47 47  47  ILE ILE A . n 
A 1 48 GLY 48 48  48  GLY GLY A . n 
A 1 49 GLY 49 49  49  GLY GLY A . n 
A 1 50 ILE 50 50  50  ILE ILE A . n 
A 1 51 GLY 51 51  51  GLY GLY A . n 
A 1 52 GLY 52 52  52  GLY GLY A . n 
A 1 53 PHE 53 53  53  PHE PHE A . n 
A 1 54 ILE 54 54  54  ILE ILE A . n 
A 1 55 LYS 55 55  55  LYS LYS A . n 
A 1 56 VAL 56 56  56  VAL VAL A . n 
A 1 57 ARG 57 57  57  ARG ARG A . n 
A 1 58 GLN 58 58  58  GLN GLN A . n 
A 1 59 TYR 59 59  59  TYR TYR A . n 
A 1 60 ASP 60 60  60  ASP ASP A . n 
A 1 61 GLN 61 61  61  GLN GLN A . n 
A 1 62 ILE 62 62  62  ILE ILE A . n 
A 1 63 LEU 63 63  63  LEU LEU A . n 
A 1 64 ILE 64 64  64  ILE ILE A . n 
A 1 65 GLU 65 65  65  GLU GLU A . n 
A 1 66 ILE 66 66  66  ILE ILE A . n 
A 1 67 CYS 67 67  67  CYS CYS A . n 
A 1 68 GLY 68 68  68  GLY GLY A . n 
A 1 69 HIS 69 69  69  HIS HIS A . n 
A 1 70 LYS 70 70  70  LYS LYS A . n 
A 1 71 ALA 71 71  71  ALA ALA A . n 
A 1 72 ILE 72 72  72  ILE ILE A . n 
A 1 73 GLY 73 73  73  GLY GLY A . n 
A 1 74 THR 74 74  74  THR THR A . n 
A 1 75 VAL 75 75  75  VAL VAL A . n 
A 1 76 LEU 76 76  76  LEU LEU A . n 
A 1 77 VAL 77 77  77  VAL VAL A . n 
A 1 78 GLY 78 78  78  GLY GLY A . n 
A 1 79 PRO 79 79  79  PRO PRO A . n 
A 1 80 THR 80 80  80  THR THR A . n 
A 1 81 PRO 81 81  81  PRO PRO A . n 
A 1 82 VAL 82 82  82  VAL VAL A . n 
A 1 83 ASN 83 83  83  ASN ASN A . n 
A 1 84 ILE 84 84  84  ILE ILE A . n 
A 1 85 ILE 85 85  85  ILE ILE A . n 
A 1 86 GLY 86 86  86  GLY GLY A . n 
A 1 87 ARG 87 87  87  ARG ARG A . n 
A 1 88 ASN 88 88  88  ASN ASN A . n 
A 1 89 LEU 89 89  89  LEU LEU A . n 
A 1 90 LEU 90 90  90  LEU LEU A . n 
A 1 91 THR 91 91  91  THR THR A . n 
A 1 92 GLN 92 92  92  GLN GLN A . n 
A 1 93 ILE 93 93  93  ILE ILE A . n 
A 1 94 GLY 94 94  94  GLY GLY A . n 
A 1 95 MET 95 95  95  MET MET A . n 
A 1 96 THR 96 96  96  THR THR A . n 
A 1 97 LEU 97 97  97  LEU LEU A . n 
A 1 98 ASN 98 98  98  ASN ASN A . n 
A 1 99 PHE 99 99  99  PHE PHE A . n 
B 1 1  PRO 1  201 201 PRO PRO B . n 
B 1 2  GLN 2  202 202 GLN GLN B . n 
B 1 3  ILE 3  203 203 ILE ILE B . n 
B 1 4  THR 4  204 204 THR THR B . n 
B 1 5  LEU 5  205 205 LEU LEU B . n 
B 1 6  TRP 6  206 206 TRP TRP B . n 
B 1 7  GLN 7  207 207 GLN GLN B . n 
B 1 8  ARG 8  208 208 ARG ARG B . n 
B 1 9  PRO 9  209 209 PRO PRO B . n 
B 1 10 LEU 10 210 210 LEU LEU B . n 
B 1 11 VAL 11 211 211 VAL VAL B . n 
B 1 12 THR 12 212 212 THR THR B . n 
B 1 13 ILE 13 213 213 ILE ILE B . n 
B 1 14 LYS 14 214 214 LYS LYS B . n 
B 1 15 ILE 15 215 215 ILE ILE B . n 
B 1 16 GLY 16 216 216 GLY GLY B . n 
B 1 17 GLY 17 217 217 GLY GLY B . n 
B 1 18 GLN 18 218 218 GLN GLN B . n 
B 1 19 LEU 19 219 219 LEU LEU B . n 
B 1 20 LYS 20 220 220 LYS LYS B . n 
B 1 21 GLU 21 221 221 GLU GLU B . n 
B 1 22 ALA 22 222 222 ALA ALA B . n 
B 1 23 LEU 23 223 223 LEU LEU B . n 
B 1 24 LEU 24 224 224 LEU LEU B . n 
B 1 25 ASP 25 225 225 ASP ASP B . n 
B 1 26 THR 26 226 226 THR THR B . n 
B 1 27 GLY 27 227 227 GLY GLY B . n 
B 1 28 ALA 28 228 228 ALA ALA B . n 
B 1 29 ASP 29 229 229 ASP ASP B . n 
B 1 30 ASP 30 230 230 ASP ASP B . n 
B 1 31 THR 31 231 231 THR THR B . n 
B 1 32 VAL 32 232 232 VAL VAL B . n 
B 1 33 LEU 33 233 233 LEU LEU B . n 
B 1 34 GLU 34 234 234 GLU GLU B . n 
B 1 35 GLU 35 235 235 GLU GLU B . n 
B 1 36 MET 36 236 236 MET MET B . n 
B 1 37 SER 37 237 237 SER SER B . n 
B 1 38 LEU 38 238 238 LEU LEU B . n 
B 1 39 PRO 39 239 239 PRO PRO B . n 
B 1 40 GLY 40 240 240 GLY GLY B . n 
B 1 41 ARG 41 241 241 ARG ARG B . n 
B 1 42 TRP 42 242 242 TRP TRP B . n 
B 1 43 LYS 43 243 243 LYS LYS B . n 
B 1 44 PRO 44 244 244 PRO PRO B . n 
B 1 45 LYS 45 245 245 LYS LYS B . n 
B 1 46 MET 46 246 246 MET MET B . n 
B 1 47 ILE 47 247 247 ILE ILE B . n 
B 1 48 GLY 48 248 248 GLY GLY B . n 
B 1 49 GLY 49 249 249 GLY GLY B . n 
B 1 50 ILE 50 250 250 ILE ILE B . n 
B 1 51 GLY 51 251 251 GLY GLY B . n 
B 1 52 GLY 52 252 252 GLY GLY B . n 
B 1 53 PHE 53 253 253 PHE PHE B . n 
B 1 54 ILE 54 254 254 ILE ILE B . n 
B 1 55 LYS 55 255 255 LYS LYS B . n 
B 1 56 VAL 56 256 256 VAL VAL B . n 
B 1 57 ARG 57 257 257 ARG ARG B . n 
B 1 58 GLN 58 258 258 GLN GLN B . n 
B 1 59 TYR 59 259 259 TYR TYR B . n 
B 1 60 ASP 60 260 260 ASP ASP B . n 
B 1 61 GLN 61 261 261 GLN GLN B . n 
B 1 62 ILE 62 262 262 ILE ILE B . n 
B 1 63 LEU 63 263 263 LEU LEU B . n 
B 1 64 ILE 64 264 264 ILE ILE B . n 
B 1 65 GLU 65 265 265 GLU GLU B . n 
B 1 66 ILE 66 266 266 ILE ILE B . n 
B 1 67 CYS 67 267 267 CYS CYS B . n 
B 1 68 GLY 68 268 268 GLY GLY B . n 
B 1 69 HIS 69 269 269 HIS HIS B . n 
B 1 70 LYS 70 270 270 LYS LYS B . n 
B 1 71 ALA 71 271 271 ALA ALA B . n 
B 1 72 ILE 72 272 272 ILE ILE B . n 
B 1 73 GLY 73 273 273 GLY GLY B . n 
B 1 74 THR 74 274 274 THR THR B . n 
B 1 75 VAL 75 275 275 VAL VAL B . n 
B 1 76 LEU 76 276 276 LEU LEU B . n 
B 1 77 VAL 77 277 277 VAL VAL B . n 
B 1 78 GLY 78 278 278 GLY GLY B . n 
B 1 79 PRO 79 279 279 PRO PRO B . n 
B 1 80 THR 80 280 280 THR THR B . n 
B 1 81 PRO 81 281 281 PRO PRO B . n 
B 1 82 VAL 82 282 282 VAL VAL B . n 
B 1 83 ASN 83 283 283 ASN ASN B . n 
B 1 84 ILE 84 284 284 ILE ILE B . n 
B 1 85 ILE 85 285 285 ILE ILE B . n 
B 1 86 GLY 86 286 286 GLY GLY B . n 
B 1 87 ARG 87 287 287 ARG ARG B . n 
B 1 88 ASN 88 288 288 ASN ASN B . n 
B 1 89 LEU 89 289 289 LEU LEU B . n 
B 1 90 LEU 90 290 290 LEU LEU B . n 
B 1 91 THR 91 291 291 THR THR B . n 
B 1 92 GLN 92 292 292 GLN GLN B . n 
B 1 93 ILE 93 293 293 ILE ILE B . n 
B 1 94 GLY 94 294 294 GLY GLY B . n 
B 1 95 MET 95 295 295 MET MET B . n 
B 1 96 THR 96 296 296 THR THR B . n 
B 1 97 LEU 97 297 297 LEU LEU B . n 
B 1 98 ASN 98 298 298 ASN ASN B . n 
B 1 99 PHE 99 299 299 PHE PHE B . n 
# 
loop_
_pdbx_nonpoly_scheme.asym_id 
_pdbx_nonpoly_scheme.entity_id 
_pdbx_nonpoly_scheme.mon_id 
_pdbx_nonpoly_scheme.ndb_seq_num 
_pdbx_nonpoly_scheme.pdb_seq_num 
_pdbx_nonpoly_scheme.auth_seq_num 
_pdbx_nonpoly_scheme.pdb_mon_id 
_pdbx_nonpoly_scheme.auth_mon_id 
_pdbx_nonpoly_scheme.pdb_strand_id 
_pdbx_nonpoly_scheme.pdb_ins_code 
C 2 KGQ 1   300 300 KGQ KGQ B . 
D 3 HOH 1   100 3   HOH H2O A . 
D 3 HOH 2   101 6   HOH H2O A . 
D 3 HOH 3   102 9   HOH H2O A . 
D 3 HOH 4   103 13  HOH H2O A . 
D 3 HOH 5   104 16  HOH H2O A . 
D 3 HOH 6   105 17  HOH H2O A . 
D 3 HOH 7   106 18  HOH H2O A . 
D 3 HOH 8   107 20  HOH H2O A . 
D 3 HOH 9   108 24  HOH H2O A . 
D 3 HOH 10  109 28  HOH H2O A . 
D 3 HOH 11  110 30  HOH H2O A . 
D 3 HOH 12  111 32  HOH H2O A . 
D 3 HOH 13  112 39  HOH H2O A . 
D 3 HOH 14  113 40  HOH H2O A . 
D 3 HOH 15  114 42  HOH H2O A . 
D 3 HOH 16  115 44  HOH H2O A . 
D 3 HOH 17  116 46  HOH H2O A . 
D 3 HOH 18  117 47  HOH H2O A . 
D 3 HOH 19  118 54  HOH H2O A . 
D 3 HOH 20  119 56  HOH H2O A . 
D 3 HOH 21  120 57  HOH H2O A . 
D 3 HOH 22  121 61  HOH H2O A . 
D 3 HOH 23  122 62  HOH H2O A . 
D 3 HOH 24  123 63  HOH H2O A . 
D 3 HOH 25  124 72  HOH H2O A . 
D 3 HOH 26  125 73  HOH H2O A . 
D 3 HOH 27  126 77  HOH H2O A . 
D 3 HOH 28  127 80  HOH H2O A . 
D 3 HOH 29  128 83  HOH H2O A . 
D 3 HOH 30  129 85  HOH H2O A . 
D 3 HOH 31  130 88  HOH H2O A . 
D 3 HOH 32  131 93  HOH H2O A . 
D 3 HOH 33  132 96  HOH H2O A . 
D 3 HOH 34  133 98  HOH H2O A . 
D 3 HOH 35  134 100 HOH H2O A . 
D 3 HOH 36  135 101 HOH H2O A . 
D 3 HOH 37  136 103 HOH H2O A . 
D 3 HOH 38  137 104 HOH H2O A . 
D 3 HOH 39  138 106 HOH H2O A . 
D 3 HOH 40  139 108 HOH H2O A . 
D 3 HOH 41  140 111 HOH H2O A . 
D 3 HOH 42  141 112 HOH H2O A . 
D 3 HOH 43  142 113 HOH H2O A . 
D 3 HOH 44  143 114 HOH H2O A . 
D 3 HOH 45  144 115 HOH H2O A . 
D 3 HOH 46  145 117 HOH H2O A . 
D 3 HOH 47  146 119 HOH H2O A . 
D 3 HOH 48  147 123 HOH H2O A . 
D 3 HOH 49  148 125 HOH H2O A . 
D 3 HOH 50  149 126 HOH H2O A . 
D 3 HOH 51  150 131 HOH H2O A . 
D 3 HOH 52  151 134 HOH H2O A . 
D 3 HOH 53  152 138 HOH H2O A . 
D 3 HOH 54  153 139 HOH H2O A . 
D 3 HOH 55  154 140 HOH H2O A . 
D 3 HOH 56  155 141 HOH H2O A . 
D 3 HOH 57  156 149 HOH H2O A . 
D 3 HOH 58  157 152 HOH H2O A . 
D 3 HOH 59  158 153 HOH H2O A . 
D 3 HOH 60  159 154 HOH H2O A . 
D 3 HOH 61  160 155 HOH H2O A . 
D 3 HOH 62  161 161 HOH H2O A . 
D 3 HOH 63  162 165 HOH H2O A . 
D 3 HOH 64  163 167 HOH H2O A . 
D 3 HOH 65  164 170 HOH H2O A . 
D 3 HOH 66  165 173 HOH H2O A . 
D 3 HOH 67  166 179 HOH H2O A . 
D 3 HOH 68  167 182 HOH H2O A . 
D 3 HOH 69  168 186 HOH H2O A . 
D 3 HOH 70  169 187 HOH H2O A . 
D 3 HOH 71  170 203 HOH H2O A . 
D 3 HOH 72  171 204 HOH H2O A . 
D 3 HOH 73  172 207 HOH H2O A . 
D 3 HOH 74  173 208 HOH H2O A . 
D 3 HOH 75  174 215 HOH H2O A . 
D 3 HOH 76  175 217 HOH H2O A . 
D 3 HOH 77  176 218 HOH H2O A . 
D 3 HOH 78  177 221 HOH H2O A . 
E 3 HOH 1   301 1   HOH H2O B . 
E 3 HOH 2   302 2   HOH H2O B . 
E 3 HOH 3   303 4   HOH H2O B . 
E 3 HOH 4   304 5   HOH H2O B . 
E 3 HOH 5   305 7   HOH H2O B . 
E 3 HOH 6   306 8   HOH H2O B . 
E 3 HOH 7   307 10  HOH H2O B . 
E 3 HOH 8   308 11  HOH H2O B . 
E 3 HOH 9   309 12  HOH H2O B . 
E 3 HOH 10  310 14  HOH H2O B . 
E 3 HOH 11  311 15  HOH H2O B . 
E 3 HOH 12  312 21  HOH H2O B . 
E 3 HOH 13  313 22  HOH H2O B . 
E 3 HOH 14  314 23  HOH H2O B . 
E 3 HOH 15  315 25  HOH H2O B . 
E 3 HOH 16  316 26  HOH H2O B . 
E 3 HOH 17  317 27  HOH H2O B . 
E 3 HOH 18  318 29  HOH H2O B . 
E 3 HOH 19  319 33  HOH H2O B . 
E 3 HOH 20  320 34  HOH H2O B . 
E 3 HOH 21  321 35  HOH H2O B . 
E 3 HOH 22  322 36  HOH H2O B . 
E 3 HOH 23  323 37  HOH H2O B . 
E 3 HOH 24  324 38  HOH H2O B . 
E 3 HOH 25  325 41  HOH H2O B . 
E 3 HOH 26  326 45  HOH H2O B . 
E 3 HOH 27  327 48  HOH H2O B . 
E 3 HOH 28  328 49  HOH H2O B . 
E 3 HOH 29  329 51  HOH H2O B . 
E 3 HOH 30  330 52  HOH H2O B . 
E 3 HOH 31  331 53  HOH H2O B . 
E 3 HOH 32  332 55  HOH H2O B . 
E 3 HOH 33  333 58  HOH H2O B . 
E 3 HOH 34  334 59  HOH H2O B . 
E 3 HOH 35  335 64  HOH H2O B . 
E 3 HOH 36  336 65  HOH H2O B . 
E 3 HOH 37  337 66  HOH H2O B . 
E 3 HOH 38  338 67  HOH H2O B . 
E 3 HOH 39  339 69  HOH H2O B . 
E 3 HOH 40  340 70  HOH H2O B . 
E 3 HOH 41  341 71  HOH H2O B . 
E 3 HOH 42  342 74  HOH H2O B . 
E 3 HOH 43  343 76  HOH H2O B . 
E 3 HOH 44  344 78  HOH H2O B . 
E 3 HOH 45  345 79  HOH H2O B . 
E 3 HOH 46  346 81  HOH H2O B . 
E 3 HOH 47  347 82  HOH H2O B . 
E 3 HOH 48  348 84  HOH H2O B . 
E 3 HOH 49  349 86  HOH H2O B . 
E 3 HOH 50  350 87  HOH H2O B . 
E 3 HOH 51  351 89  HOH H2O B . 
E 3 HOH 52  352 90  HOH H2O B . 
E 3 HOH 53  353 92  HOH H2O B . 
E 3 HOH 54  354 94  HOH H2O B . 
E 3 HOH 55  355 95  HOH H2O B . 
E 3 HOH 56  356 97  HOH H2O B . 
E 3 HOH 57  357 99  HOH H2O B . 
E 3 HOH 58  358 102 HOH H2O B . 
E 3 HOH 59  359 107 HOH H2O B . 
E 3 HOH 60  360 110 HOH H2O B . 
E 3 HOH 61  361 116 HOH H2O B . 
E 3 HOH 62  362 118 HOH H2O B . 
E 3 HOH 63  363 120 HOH H2O B . 
E 3 HOH 64  364 121 HOH H2O B . 
E 3 HOH 65  365 122 HOH H2O B . 
E 3 HOH 66  366 124 HOH H2O B . 
E 3 HOH 67  367 128 HOH H2O B . 
E 3 HOH 68  368 130 HOH H2O B . 
E 3 HOH 69  369 132 HOH H2O B . 
E 3 HOH 70  370 133 HOH H2O B . 
E 3 HOH 71  371 136 HOH H2O B . 
E 3 HOH 72  372 137 HOH H2O B . 
E 3 HOH 73  373 143 HOH H2O B . 
E 3 HOH 74  374 145 HOH H2O B . 
E 3 HOH 75  375 150 HOH H2O B . 
E 3 HOH 76  376 151 HOH H2O B . 
E 3 HOH 77  377 157 HOH H2O B . 
E 3 HOH 78  378 158 HOH H2O B . 
E 3 HOH 79  379 160 HOH H2O B . 
E 3 HOH 80  380 163 HOH H2O B . 
E 3 HOH 81  381 166 HOH H2O B . 
E 3 HOH 82  382 168 HOH H2O B . 
E 3 HOH 83  383 171 HOH H2O B . 
E 3 HOH 84  384 176 HOH H2O B . 
E 3 HOH 85  385 177 HOH H2O B . 
E 3 HOH 86  386 184 HOH H2O B . 
E 3 HOH 87  387 189 HOH H2O B . 
E 3 HOH 88  388 192 HOH H2O B . 
E 3 HOH 89  389 193 HOH H2O B . 
E 3 HOH 90  390 194 HOH H2O B . 
E 3 HOH 91  391 195 HOH H2O B . 
E 3 HOH 92  392 196 HOH H2O B . 
E 3 HOH 93  393 198 HOH H2O B . 
E 3 HOH 94  394 199 HOH H2O B . 
E 3 HOH 95  395 200 HOH H2O B . 
E 3 HOH 96  396 202 HOH H2O B . 
E 3 HOH 97  397 206 HOH H2O B . 
E 3 HOH 98  398 209 HOH H2O B . 
E 3 HOH 99  399 212 HOH H2O B . 
E 3 HOH 100 400 214 HOH H2O B . 
E 3 HOH 101 401 219 HOH H2O B . 
E 3 HOH 102 402 220 HOH H2O B . 
# 
loop_
_software.name 
_software.classification 
_software.version 
_software.citation_id 
_software.pdbx_ordinal 
CrystalClear 'data collection' .     ? 1 
AMoRE        phasing           .     ? 2 
X-PLOR       refinement        3.851 ? 3 
d*TREK       'data reduction'  .     ? 4 
d*TREK       'data scaling'    .     ? 5 
# 
_cell.entry_id           2I4W 
_cell.length_a           57.600 
_cell.length_b           85.911 
_cell.length_c           46.349 
_cell.angle_alpha        90. 
_cell.angle_beta         90. 
_cell.angle_gamma        90. 
_cell.pdbx_unique_axis   ? 
_cell.Z_PDB              8 
_cell.length_a_esd       ? 
_cell.length_b_esd       ? 
_cell.length_c_esd       ? 
_cell.angle_alpha_esd    ? 
_cell.angle_beta_esd     ? 
_cell.angle_gamma_esd    ? 
# 
_symmetry.entry_id                         2I4W 
_symmetry.space_group_name_H-M             'P 21 21 2' 
_symmetry.pdbx_full_space_group_name_H-M   ? 
_symmetry.Int_Tables_number                18 
_symmetry.cell_setting                     ? 
_symmetry.space_group_name_Hall            ? 
# 
_exptl.entry_id          2I4W 
_exptl.method            'X-RAY DIFFRACTION' 
_exptl.crystals_number   1 
# 
_exptl_crystal.id                    1 
_exptl_crystal.density_meas          ? 
_exptl_crystal.density_Matthews      2.65 
_exptl_crystal.density_percent_sol   53.50 
_exptl_crystal.description           ? 
_exptl_crystal.F_000                 ? 
_exptl_crystal.preparation           ? 
# 
_exptl_crystal_grow.crystal_id      1 
_exptl_crystal_grow.method          'VAPOR DIFFUSION' 
_exptl_crystal_grow.temp            298 
_exptl_crystal_grow.temp_details    ? 
_exptl_crystal_grow.pH              6.5 
_exptl_crystal_grow.pdbx_details    '0.2M Mg Acetate, 0.1M Na Cacodylate, 20% PEG 8000, pH 6.5, VAPOR DIFFUSION, temperature 298K' 
_exptl_crystal_grow.pdbx_pH_range   . 
# 
_diffrn.id                     1 
_diffrn.ambient_temp           100. 
_diffrn.ambient_temp_details   ? 
_diffrn.crystal_id             1 
# 
_diffrn_detector.diffrn_id              1 
_diffrn_detector.detector               'IMAGE PLATE' 
_diffrn_detector.type                   'RIGAKU RAXIS IV' 
_diffrn_detector.pdbx_collection_date   2001-09-03 
_diffrn_detector.details                ? 
# 
_diffrn_radiation.diffrn_id                        1 
_diffrn_radiation.wavelength_id                    1 
_diffrn_radiation.pdbx_monochromatic_or_laue_m_l   M 
_diffrn_radiation.monochromator                    'Osmic mirrors' 
_diffrn_radiation.pdbx_diffrn_protocol             'SINGLE WAVELENGTH' 
_diffrn_radiation.pdbx_scattering_type             x-ray 
# 
_diffrn_radiation_wavelength.id           1 
_diffrn_radiation_wavelength.wavelength   1.5418 
_diffrn_radiation_wavelength.wt           1.0 
# 
_diffrn_source.diffrn_id                   1 
_diffrn_source.source                      'ROTATING ANODE' 
_diffrn_source.type                        'RIGAKU RU300' 
_diffrn_source.pdbx_synchrotron_site       ? 
_diffrn_source.pdbx_synchrotron_beamline   ? 
_diffrn_source.pdbx_wavelength             ? 
_diffrn_source.pdbx_wavelength_list        1.5418 
# 
_reflns.entry_id                     2I4W 
_reflns.observed_criterion_sigma_F   ? 
_reflns.observed_criterion_sigma_I   2.0 
_reflns.d_resolution_high            1.45 
_reflns.d_resolution_low             24.5 
_reflns.number_all                   ? 
_reflns.number_obs                   36883 
_reflns.percent_possible_obs         ? 
_reflns.pdbx_Rmerge_I_obs            ? 
_reflns.pdbx_Rsym_value              ? 
_reflns.pdbx_netI_over_sigmaI        ? 
_reflns.B_iso_Wilson_estimate        ? 
_reflns.pdbx_redundancy              ? 
_reflns.R_free_details               ? 
_reflns.limit_h_max                  ? 
_reflns.limit_h_min                  ? 
_reflns.limit_k_max                  ? 
_reflns.limit_k_min                  ? 
_reflns.limit_l_max                  ? 
_reflns.limit_l_min                  ? 
_reflns.observed_criterion_F_max     ? 
_reflns.observed_criterion_F_min     ? 
_reflns.pdbx_chi_squared             ? 
_reflns.pdbx_scaling_rejects         ? 
_reflns.pdbx_ordinal                 1 
_reflns.pdbx_diffrn_id               1 
# 
_refine.entry_id                                 2I4W 
_refine.ls_d_res_high                            1.55 
_refine.ls_d_res_low                             10.0 
_refine.pdbx_ls_sigma_F                          2.0 
_refine.pdbx_ls_sigma_I                          ? 
_refine.ls_number_reflns_all                     ? 
_refine.ls_number_reflns_obs                     32864 
_refine.ls_number_reflns_R_free                  3290 
_refine.ls_percent_reflns_obs                    ? 
_refine.ls_R_factor_all                          ? 
_refine.ls_R_factor_obs                          ? 
_refine.ls_R_factor_R_work                       0.224 
_refine.ls_R_factor_R_free                       0.252 
_refine.ls_redundancy_reflns_obs                 ? 
_refine.pdbx_data_cutoff_high_absF               ? 
_refine.pdbx_data_cutoff_low_absF                ? 
_refine.ls_number_parameters                     ? 
_refine.ls_number_restraints                     ? 
_refine.ls_percent_reflns_R_free                 ? 
_refine.ls_R_factor_R_free_error                 ? 
_refine.ls_R_factor_R_free_error_details         ? 
_refine.pdbx_method_to_determine_struct          'MOLECULAR REPLACEMENT' 
_refine.pdbx_starting_model                      ? 
_refine.pdbx_ls_cross_valid_method               THROUGHOUT 
_refine.pdbx_R_Free_selection_details            RANDOM 
_refine.pdbx_stereochem_target_val_spec_case     ? 
_refine.pdbx_stereochemistry_target_values       'Engh & Huber' 
_refine.solvent_model_details                    ? 
_refine.solvent_model_param_bsol                 ? 
_refine.solvent_model_param_ksol                 ? 
_refine.occupancy_max                            ? 
_refine.occupancy_min                            ? 
_refine.pdbx_isotropic_thermal_model             ? 
_refine.B_iso_mean                               ? 
_refine.aniso_B[1][1]                            ? 
_refine.aniso_B[1][2]                            ? 
_refine.aniso_B[1][3]                            ? 
_refine.aniso_B[2][2]                            ? 
_refine.aniso_B[2][3]                            ? 
_refine.aniso_B[3][3]                            ? 
_refine.details                                  ? 
_refine.B_iso_min                                ? 
_refine.B_iso_max                                ? 
_refine.correlation_coeff_Fo_to_Fc               ? 
_refine.correlation_coeff_Fo_to_Fc_free          ? 
_refine.pdbx_solvent_vdw_probe_radii             ? 
_refine.pdbx_solvent_ion_probe_radii             ? 
_refine.pdbx_solvent_shrinkage_radii             ? 
_refine.overall_SU_R_Cruickshank_DPI             ? 
_refine.overall_SU_R_free                        ? 
_refine.overall_SU_ML                            ? 
_refine.overall_SU_B                             ? 
_refine.pdbx_overall_ESU_R_Free                  ? 
_refine.pdbx_data_cutoff_high_rms_absF           ? 
_refine.pdbx_overall_ESU_R                       ? 
_refine.ls_wR_factor_R_free                      ? 
_refine.ls_wR_factor_R_work                      ? 
_refine.overall_FOM_free_R_set                   ? 
_refine.overall_FOM_work_R_set                   ? 
_refine.pdbx_refine_id                           'X-RAY DIFFRACTION' 
_refine.pdbx_diffrn_id                           1 
_refine.pdbx_TLS_residual_ADP_flag               ? 
_refine.pdbx_overall_phase_error                 ? 
_refine.pdbx_overall_SU_R_free_Cruickshank_DPI   ? 
_refine.pdbx_overall_SU_R_Blow_DPI               ? 
_refine.pdbx_overall_SU_R_free_Blow_DPI          ? 
# 
_refine_hist.pdbx_refine_id                   'X-RAY DIFFRACTION' 
_refine_hist.cycle_id                         LAST 
_refine_hist.pdbx_number_atoms_protein        1520 
_refine_hist.pdbx_number_atoms_nucleic_acid   0 
_refine_hist.pdbx_number_atoms_ligand         49 
_refine_hist.number_atoms_solvent             180 
_refine_hist.number_atoms_total               1749 
_refine_hist.d_res_high                       1.55 
_refine_hist.d_res_low                        10.0 
# 
_struct.entry_id                  2I4W 
_struct.title                     'HIV-1 protease WT with GS-8374' 
_struct.pdbx_model_details        ? 
_struct.pdbx_CASP_flag            ? 
_struct.pdbx_model_type_details   ? 
# 
_struct_keywords.entry_id        2I4W 
_struct_keywords.pdbx_keywords   HYDROLASE 
_struct_keywords.text            'HIV-1 protease inhibitor, hydrolase' 
# 
loop_
_struct_asym.id 
_struct_asym.pdbx_blank_PDB_chainid_flag 
_struct_asym.pdbx_modified 
_struct_asym.entity_id 
_struct_asym.details 
A N N 1 ? 
B N N 1 ? 
C N N 2 ? 
D N N 3 ? 
E N N 3 ? 
# 
_struct_ref.id                         1 
_struct_ref.db_name                    UNP 
_struct_ref.db_code                    POL_HV1PV 
_struct_ref.pdbx_db_accession          P03368 
_struct_ref.entity_id                  1 
_struct_ref.pdbx_seq_one_letter_code   
;PQITLWQRPLVTIKIGGQLKEALLDTGADDTVLEEMSLPGRWKPKMIGGIGGFIKVRQYDQILIEICGHKAIGTVLVGPT
PVNIIGRNLLTQIGCTLNF
;
_struct_ref.pdbx_align_begin           500 
_struct_ref.pdbx_db_isoform            ? 
# 
loop_
_struct_ref_seq.align_id 
_struct_ref_seq.ref_id 
_struct_ref_seq.pdbx_PDB_id_code 
_struct_ref_seq.pdbx_strand_id 
_struct_ref_seq.seq_align_beg 
_struct_ref_seq.pdbx_seq_align_beg_ins_code 
_struct_ref_seq.seq_align_end 
_struct_ref_seq.pdbx_seq_align_end_ins_code 
_struct_ref_seq.pdbx_db_accession 
_struct_ref_seq.db_align_beg 
_struct_ref_seq.pdbx_db_align_beg_ins_code 
_struct_ref_seq.db_align_end 
_struct_ref_seq.pdbx_db_align_end_ins_code 
_struct_ref_seq.pdbx_auth_seq_align_beg 
_struct_ref_seq.pdbx_auth_seq_align_end 
1 1 2I4W A 1 ? 99 ? P03368 500 ? 598 ? 1   99  
2 1 2I4W B 1 ? 99 ? P03368 500 ? 598 ? 201 299 
# 
loop_
_struct_ref_seq_dif.align_id 
_struct_ref_seq_dif.pdbx_pdb_id_code 
_struct_ref_seq_dif.mon_id 
_struct_ref_seq_dif.pdbx_pdb_strand_id 
_struct_ref_seq_dif.seq_num 
_struct_ref_seq_dif.pdbx_pdb_ins_code 
_struct_ref_seq_dif.pdbx_seq_db_name 
_struct_ref_seq_dif.pdbx_seq_db_accession_code 
_struct_ref_seq_dif.db_mon_id 
_struct_ref_seq_dif.pdbx_seq_db_seq_num 
_struct_ref_seq_dif.details 
_struct_ref_seq_dif.pdbx_auth_seq_num 
_struct_ref_seq_dif.pdbx_ordinal 
1 2I4W MET A 95 ? UNP P03368 CYS 594 conflict 95  1 
2 2I4W MET B 95 ? UNP P03368 CYS 594 conflict 295 2 
# 
_pdbx_struct_assembly.id                   1 
_pdbx_struct_assembly.details              author_and_software_defined_assembly 
_pdbx_struct_assembly.method_details       PISA,PQS 
_pdbx_struct_assembly.oligomeric_details   dimeric 
_pdbx_struct_assembly.oligomeric_count     2 
# 
loop_
_pdbx_struct_assembly_prop.biol_id 
_pdbx_struct_assembly_prop.type 
_pdbx_struct_assembly_prop.value 
_pdbx_struct_assembly_prop.details 
1 'ABSA (A^2)' 5200 ? 
1 MORE         -24  ? 
1 'SSA (A^2)'  9160 ? 
# 
_pdbx_struct_assembly_gen.assembly_id       1 
_pdbx_struct_assembly_gen.oper_expression   1 
_pdbx_struct_assembly_gen.asym_id_list      A,B,C,D,E 
# 
_pdbx_struct_oper_list.id                   1 
_pdbx_struct_oper_list.type                 'identity operation' 
_pdbx_struct_oper_list.name                 1_555 
_pdbx_struct_oper_list.symmetry_operation   x,y,z 
_pdbx_struct_oper_list.matrix[1][1]         1.0000000000 
_pdbx_struct_oper_list.matrix[1][2]         0.0000000000 
_pdbx_struct_oper_list.matrix[1][3]         0.0000000000 
_pdbx_struct_oper_list.vector[1]            0.0000000000 
_pdbx_struct_oper_list.matrix[2][1]         0.0000000000 
_pdbx_struct_oper_list.matrix[2][2]         1.0000000000 
_pdbx_struct_oper_list.matrix[2][3]         0.0000000000 
_pdbx_struct_oper_list.vector[2]            0.0000000000 
_pdbx_struct_oper_list.matrix[3][1]         0.0000000000 
_pdbx_struct_oper_list.matrix[3][2]         0.0000000000 
_pdbx_struct_oper_list.matrix[3][3]         1.0000000000 
_pdbx_struct_oper_list.vector[3]            0.0000000000 
# 
_struct_biol.id   1 
# 
loop_
_struct_conf.conf_type_id 
_struct_conf.id 
_struct_conf.pdbx_PDB_helix_id 
_struct_conf.beg_label_comp_id 
_struct_conf.beg_label_asym_id 
_struct_conf.beg_label_seq_id 
_struct_conf.pdbx_beg_PDB_ins_code 
_struct_conf.end_label_comp_id 
_struct_conf.end_label_asym_id 
_struct_conf.end_label_seq_id 
_struct_conf.pdbx_end_PDB_ins_code 
_struct_conf.beg_auth_comp_id 
_struct_conf.beg_auth_asym_id 
_struct_conf.beg_auth_seq_id 
_struct_conf.end_auth_comp_id 
_struct_conf.end_auth_asym_id 
_struct_conf.end_auth_seq_id 
_struct_conf.pdbx_PDB_helix_class 
_struct_conf.details 
_struct_conf.pdbx_PDB_helix_length 
HELX_P HELX_P1 1 GLY A 86 ? THR A 91 ? GLY A 86  THR A 91  1 ? 6 
HELX_P HELX_P2 2 GLN A 92 ? GLY A 94 ? GLN A 92  GLY A 94  5 ? 3 
HELX_P HELX_P3 3 GLY B 86 ? THR B 91 ? GLY B 286 THR B 291 1 ? 6 
# 
_struct_conf_type.id          HELX_P 
_struct_conf_type.criteria    ? 
_struct_conf_type.reference   ? 
# 
loop_
_struct_sheet.id 
_struct_sheet.type 
_struct_sheet.number_strands 
_struct_sheet.details 
A ? 4 ? 
B ? 8 ? 
C ? 8 ? 
# 
loop_
_struct_sheet_order.sheet_id 
_struct_sheet_order.range_id_1 
_struct_sheet_order.range_id_2 
_struct_sheet_order.offset 
_struct_sheet_order.sense 
A 1 2 ? anti-parallel 
A 2 3 ? anti-parallel 
A 3 4 ? anti-parallel 
B 1 2 ? anti-parallel 
B 2 3 ? anti-parallel 
B 3 4 ? parallel      
B 4 5 ? anti-parallel 
B 5 6 ? parallel      
B 6 7 ? anti-parallel 
B 7 8 ? anti-parallel 
C 1 2 ? anti-parallel 
C 2 3 ? anti-parallel 
C 3 4 ? parallel      
C 4 5 ? anti-parallel 
C 5 6 ? parallel      
C 6 7 ? anti-parallel 
C 7 8 ? anti-parallel 
# 
loop_
_struct_sheet_range.sheet_id 
_struct_sheet_range.id 
_struct_sheet_range.beg_label_comp_id 
_struct_sheet_range.beg_label_asym_id 
_struct_sheet_range.beg_label_seq_id 
_struct_sheet_range.pdbx_beg_PDB_ins_code 
_struct_sheet_range.end_label_comp_id 
_struct_sheet_range.end_label_asym_id 
_struct_sheet_range.end_label_seq_id 
_struct_sheet_range.pdbx_end_PDB_ins_code 
_struct_sheet_range.beg_auth_comp_id 
_struct_sheet_range.beg_auth_asym_id 
_struct_sheet_range.beg_auth_seq_id 
_struct_sheet_range.end_auth_comp_id 
_struct_sheet_range.end_auth_asym_id 
_struct_sheet_range.end_auth_seq_id 
A 1 GLN A 2  ? ILE A 3  ? GLN A 2   ILE A 3   
A 2 THR B 96 ? ASN B 98 ? THR B 296 ASN B 298 
A 3 THR A 96 ? ASN A 98 ? THR A 96  ASN A 98  
A 4 GLN B 2  ? ILE B 3  ? GLN B 202 ILE B 203 
B 1 LYS A 43 ? GLY A 49 ? LYS A 43  GLY A 49  
B 2 GLY A 52 ? ILE A 66 ? GLY A 52  ILE A 66  
B 3 HIS A 69 ? VAL A 77 ? HIS A 69  VAL A 77  
B 4 THR A 31 ? LEU A 33 ? THR A 31  LEU A 33  
B 5 ILE A 84 ? ILE A 85 ? ILE A 84  ILE A 85  
B 6 GLN A 18 ? LEU A 24 ? GLN A 18  LEU A 24  
B 7 LEU A 10 ? ILE A 15 ? LEU A 10  ILE A 15  
B 8 GLY A 52 ? ILE A 66 ? GLY A 52  ILE A 66  
C 1 LYS B 43 ? GLY B 48 ? LYS B 243 GLY B 248 
C 2 PHE B 53 ? ILE B 66 ? PHE B 253 ILE B 266 
C 3 HIS B 69 ? VAL B 77 ? HIS B 269 VAL B 277 
C 4 VAL B 32 ? LEU B 33 ? VAL B 232 LEU B 233 
C 5 ILE B 84 ? ILE B 85 ? ILE B 284 ILE B 285 
C 6 GLN B 18 ? LEU B 24 ? GLN B 218 LEU B 224 
C 7 LEU B 10 ? ILE B 15 ? LEU B 210 ILE B 215 
C 8 PHE B 53 ? ILE B 66 ? PHE B 253 ILE B 266 
# 
loop_
_pdbx_struct_sheet_hbond.sheet_id 
_pdbx_struct_sheet_hbond.range_id_1 
_pdbx_struct_sheet_hbond.range_id_2 
_pdbx_struct_sheet_hbond.range_1_label_atom_id 
_pdbx_struct_sheet_hbond.range_1_label_comp_id 
_pdbx_struct_sheet_hbond.range_1_label_asym_id 
_pdbx_struct_sheet_hbond.range_1_label_seq_id 
_pdbx_struct_sheet_hbond.range_1_PDB_ins_code 
_pdbx_struct_sheet_hbond.range_1_auth_atom_id 
_pdbx_struct_sheet_hbond.range_1_auth_comp_id 
_pdbx_struct_sheet_hbond.range_1_auth_asym_id 
_pdbx_struct_sheet_hbond.range_1_auth_seq_id 
_pdbx_struct_sheet_hbond.range_2_label_atom_id 
_pdbx_struct_sheet_hbond.range_2_label_comp_id 
_pdbx_struct_sheet_hbond.range_2_label_asym_id 
_pdbx_struct_sheet_hbond.range_2_label_seq_id 
_pdbx_struct_sheet_hbond.range_2_PDB_ins_code 
_pdbx_struct_sheet_hbond.range_2_auth_atom_id 
_pdbx_struct_sheet_hbond.range_2_auth_comp_id 
_pdbx_struct_sheet_hbond.range_2_auth_asym_id 
_pdbx_struct_sheet_hbond.range_2_auth_seq_id 
A 1 2 N ILE A 3  ? N ILE A 3   O LEU B 97 ? O LEU B 297 
A 2 3 O ASN B 98 ? O ASN B 298 N THR A 96 ? N THR A 96  
A 3 4 N LEU A 97 ? N LEU A 97  O ILE B 3  ? O ILE B 203 
B 1 2 N LYS A 45 ? N LYS A 45  O VAL A 56 ? O VAL A 56  
B 2 3 N ILE A 64 ? N ILE A 64  O ALA A 71 ? O ALA A 71  
B 3 4 O LEU A 76 ? O LEU A 76  N LEU A 33 ? N LEU A 33  
B 4 5 N VAL A 32 ? N VAL A 32  O ILE A 84 ? O ILE A 84  
B 5 6 O ILE A 85 ? O ILE A 85  N LEU A 23 ? N LEU A 23  
B 6 7 O ALA A 22 ? O ALA A 22  N VAL A 11 ? N VAL A 11  
B 7 8 N LYS A 14 ? N LYS A 14  O GLU A 65 ? O GLU A 65  
C 1 2 N LYS B 43 ? N LYS B 243 O GLN B 58 ? O GLN B 258 
C 2 3 N ILE B 64 ? N ILE B 264 O ALA B 71 ? O ALA B 271 
C 3 4 O LEU B 76 ? O LEU B 276 N LEU B 33 ? N LEU B 233 
C 4 5 N VAL B 32 ? N VAL B 232 O ILE B 84 ? O ILE B 284 
C 5 6 O ILE B 85 ? O ILE B 285 N LEU B 23 ? N LEU B 223 
C 6 7 O LYS B 20 ? O LYS B 220 N ILE B 13 ? N ILE B 213 
C 7 8 N LYS B 14 ? N LYS B 214 O GLU B 65 ? O GLU B 265 
# 
_struct_site.id                   AC1 
_struct_site.pdbx_evidence_code   Software 
_struct_site.pdbx_auth_asym_id    B 
_struct_site.pdbx_auth_comp_id    KGQ 
_struct_site.pdbx_auth_seq_id     300 
_struct_site.pdbx_auth_ins_code   ? 
_struct_site.pdbx_num_residues    22 
_struct_site.details              'BINDING SITE FOR RESIDUE KGQ B 300' 
# 
loop_
_struct_site_gen.id 
_struct_site_gen.site_id 
_struct_site_gen.pdbx_num_res 
_struct_site_gen.label_comp_id 
_struct_site_gen.label_asym_id 
_struct_site_gen.label_seq_id 
_struct_site_gen.pdbx_auth_ins_code 
_struct_site_gen.auth_comp_id 
_struct_site_gen.auth_asym_id 
_struct_site_gen.auth_seq_id 
_struct_site_gen.label_atom_id 
_struct_site_gen.label_alt_id 
_struct_site_gen.symmetry 
_struct_site_gen.details 
1  AC1 22 ASP A 25 ? ASP A 25  . ? 1_555 ? 
2  AC1 22 GLY A 27 ? GLY A 27  . ? 1_555 ? 
3  AC1 22 ALA A 28 ? ALA A 28  . ? 1_555 ? 
4  AC1 22 ASP A 29 ? ASP A 29  . ? 1_555 ? 
5  AC1 22 ASP A 30 ? ASP A 30  . ? 1_555 ? 
6  AC1 22 GLY A 48 ? GLY A 48  . ? 1_555 ? 
7  AC1 22 GLY A 49 ? GLY A 49  . ? 1_555 ? 
8  AC1 22 PRO A 81 ? PRO A 81  . ? 1_555 ? 
9  AC1 22 VAL A 82 ? VAL A 82  . ? 1_555 ? 
10 AC1 22 ILE A 84 ? ILE A 84  . ? 1_555 ? 
11 AC1 22 HOH D .  ? HOH A 106 . ? 1_555 ? 
12 AC1 22 HOH D .  ? HOH A 148 . ? 1_555 ? 
13 AC1 22 ASP B 25 ? ASP B 225 . ? 1_555 ? 
14 AC1 22 GLY B 27 ? GLY B 227 . ? 1_555 ? 
15 AC1 22 ALA B 28 ? ALA B 228 . ? 1_555 ? 
16 AC1 22 ASP B 29 ? ASP B 229 . ? 1_555 ? 
17 AC1 22 ASP B 30 ? ASP B 230 . ? 1_555 ? 
18 AC1 22 GLY B 48 ? GLY B 248 . ? 1_555 ? 
19 AC1 22 GLY B 49 ? GLY B 249 . ? 1_555 ? 
20 AC1 22 ILE B 50 ? ILE B 250 . ? 1_555 ? 
21 AC1 22 PHE B 53 ? PHE B 253 . ? 1_555 ? 
22 AC1 22 HOH E .  ? HOH B 313 . ? 1_555 ? 
# 
loop_
_chem_comp_atom.comp_id 
_chem_comp_atom.atom_id 
_chem_comp_atom.type_symbol 
_chem_comp_atom.pdbx_aromatic_flag 
_chem_comp_atom.pdbx_stereo_config 
_chem_comp_atom.pdbx_ordinal 
ALA N    N N N 1   
ALA CA   C N S 2   
ALA C    C N N 3   
ALA O    O N N 4   
ALA CB   C N N 5   
ALA OXT  O N N 6   
ALA H    H N N 7   
ALA H2   H N N 8   
ALA HA   H N N 9   
ALA HB1  H N N 10  
ALA HB2  H N N 11  
ALA HB3  H N N 12  
ALA HXT  H N N 13  
ARG N    N N N 14  
ARG CA   C N S 15  
ARG C    C N N 16  
ARG O    O N N 17  
ARG CB   C N N 18  
ARG CG   C N N 19  
ARG CD   C N N 20  
ARG NE   N N N 21  
ARG CZ   C N N 22  
ARG NH1  N N N 23  
ARG NH2  N N N 24  
ARG OXT  O N N 25  
ARG H    H N N 26  
ARG H2   H N N 27  
ARG HA   H N N 28  
ARG HB2  H N N 29  
ARG HB3  H N N 30  
ARG HG2  H N N 31  
ARG HG3  H N N 32  
ARG HD2  H N N 33  
ARG HD3  H N N 34  
ARG HE   H N N 35  
ARG HH11 H N N 36  
ARG HH12 H N N 37  
ARG HH21 H N N 38  
ARG HH22 H N N 39  
ARG HXT  H N N 40  
ASN N    N N N 41  
ASN CA   C N S 42  
ASN C    C N N 43  
ASN O    O N N 44  
ASN CB   C N N 45  
ASN CG   C N N 46  
ASN OD1  O N N 47  
ASN ND2  N N N 48  
ASN OXT  O N N 49  
ASN H    H N N 50  
ASN H2   H N N 51  
ASN HA   H N N 52  
ASN HB2  H N N 53  
ASN HB3  H N N 54  
ASN HD21 H N N 55  
ASN HD22 H N N 56  
ASN HXT  H N N 57  
ASP N    N N N 58  
ASP CA   C N S 59  
ASP C    C N N 60  
ASP O    O N N 61  
ASP CB   C N N 62  
ASP CG   C N N 63  
ASP OD1  O N N 64  
ASP OD2  O N N 65  
ASP OXT  O N N 66  
ASP H    H N N 67  
ASP H2   H N N 68  
ASP HA   H N N 69  
ASP HB2  H N N 70  
ASP HB3  H N N 71  
ASP HD2  H N N 72  
ASP HXT  H N N 73  
CYS N    N N N 74  
CYS CA   C N R 75  
CYS C    C N N 76  
CYS O    O N N 77  
CYS CB   C N N 78  
CYS SG   S N N 79  
CYS OXT  O N N 80  
CYS H    H N N 81  
CYS H2   H N N 82  
CYS HA   H N N 83  
CYS HB2  H N N 84  
CYS HB3  H N N 85  
CYS HG   H N N 86  
CYS HXT  H N N 87  
GLN N    N N N 88  
GLN CA   C N S 89  
GLN C    C N N 90  
GLN O    O N N 91  
GLN CB   C N N 92  
GLN CG   C N N 93  
GLN CD   C N N 94  
GLN OE1  O N N 95  
GLN NE2  N N N 96  
GLN OXT  O N N 97  
GLN H    H N N 98  
GLN H2   H N N 99  
GLN HA   H N N 100 
GLN HB2  H N N 101 
GLN HB3  H N N 102 
GLN HG2  H N N 103 
GLN HG3  H N N 104 
GLN HE21 H N N 105 
GLN HE22 H N N 106 
GLN HXT  H N N 107 
GLU N    N N N 108 
GLU CA   C N S 109 
GLU C    C N N 110 
GLU O    O N N 111 
GLU CB   C N N 112 
GLU CG   C N N 113 
GLU CD   C N N 114 
GLU OE1  O N N 115 
GLU OE2  O N N 116 
GLU OXT  O N N 117 
GLU H    H N N 118 
GLU H2   H N N 119 
GLU HA   H N N 120 
GLU HB2  H N N 121 
GLU HB3  H N N 122 
GLU HG2  H N N 123 
GLU HG3  H N N 124 
GLU HE2  H N N 125 
GLU HXT  H N N 126 
GLY N    N N N 127 
GLY CA   C N N 128 
GLY C    C N N 129 
GLY O    O N N 130 
GLY OXT  O N N 131 
GLY H    H N N 132 
GLY H2   H N N 133 
GLY HA2  H N N 134 
GLY HA3  H N N 135 
GLY HXT  H N N 136 
HIS N    N N N 137 
HIS CA   C N S 138 
HIS C    C N N 139 
HIS O    O N N 140 
HIS CB   C N N 141 
HIS CG   C Y N 142 
HIS ND1  N Y N 143 
HIS CD2  C Y N 144 
HIS CE1  C Y N 145 
HIS NE2  N Y N 146 
HIS OXT  O N N 147 
HIS H    H N N 148 
HIS H2   H N N 149 
HIS HA   H N N 150 
HIS HB2  H N N 151 
HIS HB3  H N N 152 
HIS HD1  H N N 153 
HIS HD2  H N N 154 
HIS HE1  H N N 155 
HIS HE2  H N N 156 
HIS HXT  H N N 157 
HOH O    O N N 158 
HOH H1   H N N 159 
HOH H2   H N N 160 
ILE N    N N N 161 
ILE CA   C N S 162 
ILE C    C N N 163 
ILE O    O N N 164 
ILE CB   C N S 165 
ILE CG1  C N N 166 
ILE CG2  C N N 167 
ILE CD1  C N N 168 
ILE OXT  O N N 169 
ILE H    H N N 170 
ILE H2   H N N 171 
ILE HA   H N N 172 
ILE HB   H N N 173 
ILE HG12 H N N 174 
ILE HG13 H N N 175 
ILE HG21 H N N 176 
ILE HG22 H N N 177 
ILE HG23 H N N 178 
ILE HD11 H N N 179 
ILE HD12 H N N 180 
ILE HD13 H N N 181 
ILE HXT  H N N 182 
KGQ N    N N N 183 
KGQ C    C N S 184 
KGQ O    O N N 185 
KGQ C6   C N S 186 
KGQ C8   C N N 187 
KGQ C9   C Y N 188 
KGQ C11  C Y N 189 
KGQ C13  C Y N 190 
KGQ C14  C Y N 191 
KGQ C15  C N N 192 
KGQ P    P N N 193 
KGQ O3   O N N 194 
KGQ C18  C N N 195 
KGQ C19  C N N 196 
KGQ O2   O N N 197 
KGQ O1   O N N 198 
KGQ C16  C N N 199 
KGQ C17  C N N 200 
KGQ C12  C Y N 201 
KGQ C10  C Y N 202 
KGQ C7   C N R 203 
KGQ O8   O N N 204 
KGQ C20  C N N 205 
KGQ N1   N N S 206 
KGQ C21  C N N 207 
KGQ C22  C N N 208 
KGQ C30  C N N 209 
KGQ C29  C N N 210 
KGQ S    S N N 211 
KGQ O10  O N N 212 
KGQ O9   O N N 213 
KGQ C23  C Y N 214 
KGQ C28  C Y N 215 
KGQ C27  C Y N 216 
KGQ C26  C Y N 217 
KGQ O5   O N N 218 
KGQ C31  C N N 219 
KGQ C25  C Y N 220 
KGQ C24  C Y N 221 
KGQ C4   C N N 222 
KGQ O7   O N N 223 
KGQ O6   O N N 224 
KGQ C5   C N S 225 
KGQ C3   C N N 226 
KGQ O4   O N N 227 
KGQ C32  C N R 228 
KGQ O11  O N N 229 
KGQ C2   C N N 230 
KGQ C1   C N N 231 
KGQ HN   H N N 232 
KGQ H    H N N 233 
KGQ H6   H N N 234 
KGQ H81  H N N 235 
KGQ H82  H N N 236 
KGQ H11  H N N 237 
KGQ H13  H N N 238 
KGQ H151 H N N 239 
KGQ H152 H N N 240 
KGQ H181 H N N 241 
KGQ H182 H N N 242 
KGQ H191 H N N 243 
KGQ H192 H N N 244 
KGQ H193 H N N 245 
KGQ H161 H N N 246 
KGQ H162 H N N 247 
KGQ H171 H N N 248 
KGQ H172 H N N 249 
KGQ H173 H N N 250 
KGQ H12  H N N 251 
KGQ H10  H N N 252 
KGQ H7   H N N 253 
KGQ HO8  H N N 254 
KGQ H201 H N N 255 
KGQ H202 H N N 256 
KGQ H211 H N N 257 
KGQ H212 H N N 258 
KGQ H22  H N N 259 
KGQ H301 H N N 260 
KGQ H302 H N N 261 
KGQ H303 H N N 262 
KGQ H291 H N N 263 
KGQ H292 H N N 264 
KGQ H293 H N N 265 
KGQ H28  H N N 266 
KGQ H27  H N N 267 
KGQ H311 H N N 268 
KGQ H312 H N N 269 
KGQ H313 H N N 270 
KGQ H25  H N N 271 
KGQ H24  H N N 272 
KGQ H5   H N N 273 
KGQ H31  H N N 274 
KGQ H32A H N N 275 
KGQ H32  H N N 276 
KGQ H21  H N N 277 
KGQ H22A H N N 278 
KGQ H11A H N N 279 
KGQ H12A H N N 280 
LEU N    N N N 281 
LEU CA   C N S 282 
LEU C    C N N 283 
LEU O    O N N 284 
LEU CB   C N N 285 
LEU CG   C N N 286 
LEU CD1  C N N 287 
LEU CD2  C N N 288 
LEU OXT  O N N 289 
LEU H    H N N 290 
LEU H2   H N N 291 
LEU HA   H N N 292 
LEU HB2  H N N 293 
LEU HB3  H N N 294 
LEU HG   H N N 295 
LEU HD11 H N N 296 
LEU HD12 H N N 297 
LEU HD13 H N N 298 
LEU HD21 H N N 299 
LEU HD22 H N N 300 
LEU HD23 H N N 301 
LEU HXT  H N N 302 
LYS N    N N N 303 
LYS CA   C N S 304 
LYS C    C N N 305 
LYS O    O N N 306 
LYS CB   C N N 307 
LYS CG   C N N 308 
LYS CD   C N N 309 
LYS CE   C N N 310 
LYS NZ   N N N 311 
LYS OXT  O N N 312 
LYS H    H N N 313 
LYS H2   H N N 314 
LYS HA   H N N 315 
LYS HB2  H N N 316 
LYS HB3  H N N 317 
LYS HG2  H N N 318 
LYS HG3  H N N 319 
LYS HD2  H N N 320 
LYS HD3  H N N 321 
LYS HE2  H N N 322 
LYS HE3  H N N 323 
LYS HZ1  H N N 324 
LYS HZ2  H N N 325 
LYS HZ3  H N N 326 
LYS HXT  H N N 327 
MET N    N N N 328 
MET CA   C N S 329 
MET C    C N N 330 
MET O    O N N 331 
MET CB   C N N 332 
MET CG   C N N 333 
MET SD   S N N 334 
MET CE   C N N 335 
MET OXT  O N N 336 
MET H    H N N 337 
MET H2   H N N 338 
MET HA   H N N 339 
MET HB2  H N N 340 
MET HB3  H N N 341 
MET HG2  H N N 342 
MET HG3  H N N 343 
MET HE1  H N N 344 
MET HE2  H N N 345 
MET HE3  H N N 346 
MET HXT  H N N 347 
PHE N    N N N 348 
PHE CA   C N S 349 
PHE C    C N N 350 
PHE O    O N N 351 
PHE CB   C N N 352 
PHE CG   C Y N 353 
PHE CD1  C Y N 354 
PHE CD2  C Y N 355 
PHE CE1  C Y N 356 
PHE CE2  C Y N 357 
PHE CZ   C Y N 358 
PHE OXT  O N N 359 
PHE H    H N N 360 
PHE H2   H N N 361 
PHE HA   H N N 362 
PHE HB2  H N N 363 
PHE HB3  H N N 364 
PHE HD1  H N N 365 
PHE HD2  H N N 366 
PHE HE1  H N N 367 
PHE HE2  H N N 368 
PHE HZ   H N N 369 
PHE HXT  H N N 370 
PRO N    N N N 371 
PRO CA   C N S 372 
PRO C    C N N 373 
PRO O    O N N 374 
PRO CB   C N N 375 
PRO CG   C N N 376 
PRO CD   C N N 377 
PRO OXT  O N N 378 
PRO H    H N N 379 
PRO HA   H N N 380 
PRO HB2  H N N 381 
PRO HB3  H N N 382 
PRO HG2  H N N 383 
PRO HG3  H N N 384 
PRO HD2  H N N 385 
PRO HD3  H N N 386 
PRO HXT  H N N 387 
SER N    N N N 388 
SER CA   C N S 389 
SER C    C N N 390 
SER O    O N N 391 
SER CB   C N N 392 
SER OG   O N N 393 
SER OXT  O N N 394 
SER H    H N N 395 
SER H2   H N N 396 
SER HA   H N N 397 
SER HB2  H N N 398 
SER HB3  H N N 399 
SER HG   H N N 400 
SER HXT  H N N 401 
THR N    N N N 402 
THR CA   C N S 403 
THR C    C N N 404 
THR O    O N N 405 
THR CB   C N R 406 
THR OG1  O N N 407 
THR CG2  C N N 408 
THR OXT  O N N 409 
THR H    H N N 410 
THR H2   H N N 411 
THR HA   H N N 412 
THR HB   H N N 413 
THR HG1  H N N 414 
THR HG21 H N N 415 
THR HG22 H N N 416 
THR HG23 H N N 417 
THR HXT  H N N 418 
TRP N    N N N 419 
TRP CA   C N S 420 
TRP C    C N N 421 
TRP O    O N N 422 
TRP CB   C N N 423 
TRP CG   C Y N 424 
TRP CD1  C Y N 425 
TRP CD2  C Y N 426 
TRP NE1  N Y N 427 
TRP CE2  C Y N 428 
TRP CE3  C Y N 429 
TRP CZ2  C Y N 430 
TRP CZ3  C Y N 431 
TRP CH2  C Y N 432 
TRP OXT  O N N 433 
TRP H    H N N 434 
TRP H2   H N N 435 
TRP HA   H N N 436 
TRP HB2  H N N 437 
TRP HB3  H N N 438 
TRP HD1  H N N 439 
TRP HE1  H N N 440 
TRP HE3  H N N 441 
TRP HZ2  H N N 442 
TRP HZ3  H N N 443 
TRP HH2  H N N 444 
TRP HXT  H N N 445 
TYR N    N N N 446 
TYR CA   C N S 447 
TYR C    C N N 448 
TYR O    O N N 449 
TYR CB   C N N 450 
TYR CG   C Y N 451 
TYR CD1  C Y N 452 
TYR CD2  C Y N 453 
TYR CE1  C Y N 454 
TYR CE2  C Y N 455 
TYR CZ   C Y N 456 
TYR OH   O N N 457 
TYR OXT  O N N 458 
TYR H    H N N 459 
TYR H2   H N N 460 
TYR HA   H N N 461 
TYR HB2  H N N 462 
TYR HB3  H N N 463 
TYR HD1  H N N 464 
TYR HD2  H N N 465 
TYR HE1  H N N 466 
TYR HE2  H N N 467 
TYR HH   H N N 468 
TYR HXT  H N N 469 
VAL N    N N N 470 
VAL CA   C N S 471 
VAL C    C N N 472 
VAL O    O N N 473 
VAL CB   C N N 474 
VAL CG1  C N N 475 
VAL CG2  C N N 476 
VAL OXT  O N N 477 
VAL H    H N N 478 
VAL H2   H N N 479 
VAL HA   H N N 480 
VAL HB   H N N 481 
VAL HG11 H N N 482 
VAL HG12 H N N 483 
VAL HG13 H N N 484 
VAL HG21 H N N 485 
VAL HG22 H N N 486 
VAL HG23 H N N 487 
VAL HXT  H N N 488 
# 
loop_
_chem_comp_bond.comp_id 
_chem_comp_bond.atom_id_1 
_chem_comp_bond.atom_id_2 
_chem_comp_bond.value_order 
_chem_comp_bond.pdbx_aromatic_flag 
_chem_comp_bond.pdbx_stereo_config 
_chem_comp_bond.pdbx_ordinal 
ALA N   CA   sing N N 1   
ALA N   H    sing N N 2   
ALA N   H2   sing N N 3   
ALA CA  C    sing N N 4   
ALA CA  CB   sing N N 5   
ALA CA  HA   sing N N 6   
ALA C   O    doub N N 7   
ALA C   OXT  sing N N 8   
ALA CB  HB1  sing N N 9   
ALA CB  HB2  sing N N 10  
ALA CB  HB3  sing N N 11  
ALA OXT HXT  sing N N 12  
ARG N   CA   sing N N 13  
ARG N   H    sing N N 14  
ARG N   H2   sing N N 15  
ARG CA  C    sing N N 16  
ARG CA  CB   sing N N 17  
ARG CA  HA   sing N N 18  
ARG C   O    doub N N 19  
ARG C   OXT  sing N N 20  
ARG CB  CG   sing N N 21  
ARG CB  HB2  sing N N 22  
ARG CB  HB3  sing N N 23  
ARG CG  CD   sing N N 24  
ARG CG  HG2  sing N N 25  
ARG CG  HG3  sing N N 26  
ARG CD  NE   sing N N 27  
ARG CD  HD2  sing N N 28  
ARG CD  HD3  sing N N 29  
ARG NE  CZ   sing N N 30  
ARG NE  HE   sing N N 31  
ARG CZ  NH1  sing N N 32  
ARG CZ  NH2  doub N N 33  
ARG NH1 HH11 sing N N 34  
ARG NH1 HH12 sing N N 35  
ARG NH2 HH21 sing N N 36  
ARG NH2 HH22 sing N N 37  
ARG OXT HXT  sing N N 38  
ASN N   CA   sing N N 39  
ASN N   H    sing N N 40  
ASN N   H2   sing N N 41  
ASN CA  C    sing N N 42  
ASN CA  CB   sing N N 43  
ASN CA  HA   sing N N 44  
ASN C   O    doub N N 45  
ASN C   OXT  sing N N 46  
ASN CB  CG   sing N N 47  
ASN CB  HB2  sing N N 48  
ASN CB  HB3  sing N N 49  
ASN CG  OD1  doub N N 50  
ASN CG  ND2  sing N N 51  
ASN ND2 HD21 sing N N 52  
ASN ND2 HD22 sing N N 53  
ASN OXT HXT  sing N N 54  
ASP N   CA   sing N N 55  
ASP N   H    sing N N 56  
ASP N   H2   sing N N 57  
ASP CA  C    sing N N 58  
ASP CA  CB   sing N N 59  
ASP CA  HA   sing N N 60  
ASP C   O    doub N N 61  
ASP C   OXT  sing N N 62  
ASP CB  CG   sing N N 63  
ASP CB  HB2  sing N N 64  
ASP CB  HB3  sing N N 65  
ASP CG  OD1  doub N N 66  
ASP CG  OD2  sing N N 67  
ASP OD2 HD2  sing N N 68  
ASP OXT HXT  sing N N 69  
CYS N   CA   sing N N 70  
CYS N   H    sing N N 71  
CYS N   H2   sing N N 72  
CYS CA  C    sing N N 73  
CYS CA  CB   sing N N 74  
CYS CA  HA   sing N N 75  
CYS C   O    doub N N 76  
CYS C   OXT  sing N N 77  
CYS CB  SG   sing N N 78  
CYS CB  HB2  sing N N 79  
CYS CB  HB3  sing N N 80  
CYS SG  HG   sing N N 81  
CYS OXT HXT  sing N N 82  
GLN N   CA   sing N N 83  
GLN N   H    sing N N 84  
GLN N   H2   sing N N 85  
GLN CA  C    sing N N 86  
GLN CA  CB   sing N N 87  
GLN CA  HA   sing N N 88  
GLN C   O    doub N N 89  
GLN C   OXT  sing N N 90  
GLN CB  CG   sing N N 91  
GLN CB  HB2  sing N N 92  
GLN CB  HB3  sing N N 93  
GLN CG  CD   sing N N 94  
GLN CG  HG2  sing N N 95  
GLN CG  HG3  sing N N 96  
GLN CD  OE1  doub N N 97  
GLN CD  NE2  sing N N 98  
GLN NE2 HE21 sing N N 99  
GLN NE2 HE22 sing N N 100 
GLN OXT HXT  sing N N 101 
GLU N   CA   sing N N 102 
GLU N   H    sing N N 103 
GLU N   H2   sing N N 104 
GLU CA  C    sing N N 105 
GLU CA  CB   sing N N 106 
GLU CA  HA   sing N N 107 
GLU C   O    doub N N 108 
GLU C   OXT  sing N N 109 
GLU CB  CG   sing N N 110 
GLU CB  HB2  sing N N 111 
GLU CB  HB3  sing N N 112 
GLU CG  CD   sing N N 113 
GLU CG  HG2  sing N N 114 
GLU CG  HG3  sing N N 115 
GLU CD  OE1  doub N N 116 
GLU CD  OE2  sing N N 117 
GLU OE2 HE2  sing N N 118 
GLU OXT HXT  sing N N 119 
GLY N   CA   sing N N 120 
GLY N   H    sing N N 121 
GLY N   H2   sing N N 122 
GLY CA  C    sing N N 123 
GLY CA  HA2  sing N N 124 
GLY CA  HA3  sing N N 125 
GLY C   O    doub N N 126 
GLY C   OXT  sing N N 127 
GLY OXT HXT  sing N N 128 
HIS N   CA   sing N N 129 
HIS N   H    sing N N 130 
HIS N   H2   sing N N 131 
HIS CA  C    sing N N 132 
HIS CA  CB   sing N N 133 
HIS CA  HA   sing N N 134 
HIS C   O    doub N N 135 
HIS C   OXT  sing N N 136 
HIS CB  CG   sing N N 137 
HIS CB  HB2  sing N N 138 
HIS CB  HB3  sing N N 139 
HIS CG  ND1  sing Y N 140 
HIS CG  CD2  doub Y N 141 
HIS ND1 CE1  doub Y N 142 
HIS ND1 HD1  sing N N 143 
HIS CD2 NE2  sing Y N 144 
HIS CD2 HD2  sing N N 145 
HIS CE1 NE2  sing Y N 146 
HIS CE1 HE1  sing N N 147 
HIS NE2 HE2  sing N N 148 
HIS OXT HXT  sing N N 149 
HOH O   H1   sing N N 150 
HOH O   H2   sing N N 151 
ILE N   CA   sing N N 152 
ILE N   H    sing N N 153 
ILE N   H2   sing N N 154 
ILE CA  C    sing N N 155 
ILE CA  CB   sing N N 156 
ILE CA  HA   sing N N 157 
ILE C   O    doub N N 158 
ILE C   OXT  sing N N 159 
ILE CB  CG1  sing N N 160 
ILE CB  CG2  sing N N 161 
ILE CB  HB   sing N N 162 
ILE CG1 CD1  sing N N 163 
ILE CG1 HG12 sing N N 164 
ILE CG1 HG13 sing N N 165 
ILE CG2 HG21 sing N N 166 
ILE CG2 HG22 sing N N 167 
ILE CG2 HG23 sing N N 168 
ILE CD1 HD11 sing N N 169 
ILE CD1 HD12 sing N N 170 
ILE CD1 HD13 sing N N 171 
ILE OXT HXT  sing N N 172 
KGQ N   C6   sing N N 173 
KGQ N   C4   sing N N 174 
KGQ N   HN   sing N N 175 
KGQ C   C1   sing N N 176 
KGQ C   C5   sing N N 177 
KGQ C   C32  sing N N 178 
KGQ C   H    sing N N 179 
KGQ O   C15  sing N N 180 
KGQ O   C14  sing N N 181 
KGQ C6  C8   sing N N 182 
KGQ C6  C7   sing N N 183 
KGQ C6  H6   sing N N 184 
KGQ C8  C9   sing N N 185 
KGQ C8  H81  sing N N 186 
KGQ C8  H82  sing N N 187 
KGQ C9  C11  doub Y N 188 
KGQ C9  C10  sing Y N 189 
KGQ C11 C13  sing Y N 190 
KGQ C11 H11  sing N N 191 
KGQ C13 C14  doub Y N 192 
KGQ C13 H13  sing N N 193 
KGQ C14 C12  sing Y N 194 
KGQ C15 P    sing N N 195 
KGQ C15 H151 sing N N 196 
KGQ C15 H152 sing N N 197 
KGQ P   O1   sing N N 198 
KGQ P   O3   sing N N 199 
KGQ P   O2   doub N N 200 
KGQ O3  C18  sing N N 201 
KGQ C18 C19  sing N N 202 
KGQ C18 H181 sing N N 203 
KGQ C18 H182 sing N N 204 
KGQ C19 H191 sing N N 205 
KGQ C19 H192 sing N N 206 
KGQ C19 H193 sing N N 207 
KGQ O1  C16  sing N N 208 
KGQ C16 C17  sing N N 209 
KGQ C16 H161 sing N N 210 
KGQ C16 H162 sing N N 211 
KGQ C17 H171 sing N N 212 
KGQ C17 H172 sing N N 213 
KGQ C17 H173 sing N N 214 
KGQ C12 C10  doub Y N 215 
KGQ C12 H12  sing N N 216 
KGQ C10 H10  sing N N 217 
KGQ C7  C20  sing N N 218 
KGQ C7  O8   sing N N 219 
KGQ C7  H7   sing N N 220 
KGQ O8  HO8  sing N N 221 
KGQ C20 N1   sing N N 222 
KGQ C20 H201 sing N N 223 
KGQ C20 H202 sing N N 224 
KGQ N1  S    sing N N 225 
KGQ N1  C21  sing N N 226 
KGQ C21 C22  sing N N 227 
KGQ C21 H211 sing N N 228 
KGQ C21 H212 sing N N 229 
KGQ C22 C29  sing N N 230 
KGQ C22 C30  sing N N 231 
KGQ C22 H22  sing N N 232 
KGQ C30 H301 sing N N 233 
KGQ C30 H302 sing N N 234 
KGQ C30 H303 sing N N 235 
KGQ C29 H291 sing N N 236 
KGQ C29 H292 sing N N 237 
KGQ C29 H293 sing N N 238 
KGQ S   O9   doub N N 239 
KGQ S   C23  sing N N 240 
KGQ S   O10  doub N N 241 
KGQ C23 C24  doub Y N 242 
KGQ C23 C28  sing Y N 243 
KGQ C28 C27  doub Y N 244 
KGQ C28 H28  sing N N 245 
KGQ C27 C26  sing Y N 246 
KGQ C27 H27  sing N N 247 
KGQ C26 O5   sing N N 248 
KGQ C26 C25  doub Y N 249 
KGQ O5  C31  sing N N 250 
KGQ C31 H311 sing N N 251 
KGQ C31 H312 sing N N 252 
KGQ C31 H313 sing N N 253 
KGQ C25 C24  sing Y N 254 
KGQ C25 H25  sing N N 255 
KGQ C24 H24  sing N N 256 
KGQ C4  O7   doub N N 257 
KGQ C4  O6   sing N N 258 
KGQ O6  C5   sing N N 259 
KGQ C5  C3   sing N N 260 
KGQ C5  H5   sing N N 261 
KGQ C3  O4   sing N N 262 
KGQ C3  H31  sing N N 263 
KGQ C3  H32A sing N N 264 
KGQ O4  C32  sing N N 265 
KGQ C32 O11  sing N N 266 
KGQ C32 H32  sing N N 267 
KGQ O11 C2   sing N N 268 
KGQ C2  C1   sing N N 269 
KGQ C2  H21  sing N N 270 
KGQ C2  H22A sing N N 271 
KGQ C1  H11A sing N N 272 
KGQ C1  H12A sing N N 273 
LEU N   CA   sing N N 274 
LEU N   H    sing N N 275 
LEU N   H2   sing N N 276 
LEU CA  C    sing N N 277 
LEU CA  CB   sing N N 278 
LEU CA  HA   sing N N 279 
LEU C   O    doub N N 280 
LEU C   OXT  sing N N 281 
LEU CB  CG   sing N N 282 
LEU CB  HB2  sing N N 283 
LEU CB  HB3  sing N N 284 
LEU CG  CD1  sing N N 285 
LEU CG  CD2  sing N N 286 
LEU CG  HG   sing N N 287 
LEU CD1 HD11 sing N N 288 
LEU CD1 HD12 sing N N 289 
LEU CD1 HD13 sing N N 290 
LEU CD2 HD21 sing N N 291 
LEU CD2 HD22 sing N N 292 
LEU CD2 HD23 sing N N 293 
LEU OXT HXT  sing N N 294 
LYS N   CA   sing N N 295 
LYS N   H    sing N N 296 
LYS N   H2   sing N N 297 
LYS CA  C    sing N N 298 
LYS CA  CB   sing N N 299 
LYS CA  HA   sing N N 300 
LYS C   O    doub N N 301 
LYS C   OXT  sing N N 302 
LYS CB  CG   sing N N 303 
LYS CB  HB2  sing N N 304 
LYS CB  HB3  sing N N 305 
LYS CG  CD   sing N N 306 
LYS CG  HG2  sing N N 307 
LYS CG  HG3  sing N N 308 
LYS CD  CE   sing N N 309 
LYS CD  HD2  sing N N 310 
LYS CD  HD3  sing N N 311 
LYS CE  NZ   sing N N 312 
LYS CE  HE2  sing N N 313 
LYS CE  HE3  sing N N 314 
LYS NZ  HZ1  sing N N 315 
LYS NZ  HZ2  sing N N 316 
LYS NZ  HZ3  sing N N 317 
LYS OXT HXT  sing N N 318 
MET N   CA   sing N N 319 
MET N   H    sing N N 320 
MET N   H2   sing N N 321 
MET CA  C    sing N N 322 
MET CA  CB   sing N N 323 
MET CA  HA   sing N N 324 
MET C   O    doub N N 325 
MET C   OXT  sing N N 326 
MET CB  CG   sing N N 327 
MET CB  HB2  sing N N 328 
MET CB  HB3  sing N N 329 
MET CG  SD   sing N N 330 
MET CG  HG2  sing N N 331 
MET CG  HG3  sing N N 332 
MET SD  CE   sing N N 333 
MET CE  HE1  sing N N 334 
MET CE  HE2  sing N N 335 
MET CE  HE3  sing N N 336 
MET OXT HXT  sing N N 337 
PHE N   CA   sing N N 338 
PHE N   H    sing N N 339 
PHE N   H2   sing N N 340 
PHE CA  C    sing N N 341 
PHE CA  CB   sing N N 342 
PHE CA  HA   sing N N 343 
PHE C   O    doub N N 344 
PHE C   OXT  sing N N 345 
PHE CB  CG   sing N N 346 
PHE CB  HB2  sing N N 347 
PHE CB  HB3  sing N N 348 
PHE CG  CD1  doub Y N 349 
PHE CG  CD2  sing Y N 350 
PHE CD1 CE1  sing Y N 351 
PHE CD1 HD1  sing N N 352 
PHE CD2 CE2  doub Y N 353 
PHE CD2 HD2  sing N N 354 
PHE CE1 CZ   doub Y N 355 
PHE CE1 HE1  sing N N 356 
PHE CE2 CZ   sing Y N 357 
PHE CE2 HE2  sing N N 358 
PHE CZ  HZ   sing N N 359 
PHE OXT HXT  sing N N 360 
PRO N   CA   sing N N 361 
PRO N   CD   sing N N 362 
PRO N   H    sing N N 363 
PRO CA  C    sing N N 364 
PRO CA  CB   sing N N 365 
PRO CA  HA   sing N N 366 
PRO C   O    doub N N 367 
PRO C   OXT  sing N N 368 
PRO CB  CG   sing N N 369 
PRO CB  HB2  sing N N 370 
PRO CB  HB3  sing N N 371 
PRO CG  CD   sing N N 372 
PRO CG  HG2  sing N N 373 
PRO CG  HG3  sing N N 374 
PRO CD  HD2  sing N N 375 
PRO CD  HD3  sing N N 376 
PRO OXT HXT  sing N N 377 
SER N   CA   sing N N 378 
SER N   H    sing N N 379 
SER N   H2   sing N N 380 
SER CA  C    sing N N 381 
SER CA  CB   sing N N 382 
SER CA  HA   sing N N 383 
SER C   O    doub N N 384 
SER C   OXT  sing N N 385 
SER CB  OG   sing N N 386 
SER CB  HB2  sing N N 387 
SER CB  HB3  sing N N 388 
SER OG  HG   sing N N 389 
SER OXT HXT  sing N N 390 
THR N   CA   sing N N 391 
THR N   H    sing N N 392 
THR N   H2   sing N N 393 
THR CA  C    sing N N 394 
THR CA  CB   sing N N 395 
THR CA  HA   sing N N 396 
THR C   O    doub N N 397 
THR C   OXT  sing N N 398 
THR CB  OG1  sing N N 399 
THR CB  CG2  sing N N 400 
THR CB  HB   sing N N 401 
THR OG1 HG1  sing N N 402 
THR CG2 HG21 sing N N 403 
THR CG2 HG22 sing N N 404 
THR CG2 HG23 sing N N 405 
THR OXT HXT  sing N N 406 
TRP N   CA   sing N N 407 
TRP N   H    sing N N 408 
TRP N   H2   sing N N 409 
TRP CA  C    sing N N 410 
TRP CA  CB   sing N N 411 
TRP CA  HA   sing N N 412 
TRP C   O    doub N N 413 
TRP C   OXT  sing N N 414 
TRP CB  CG   sing N N 415 
TRP CB  HB2  sing N N 416 
TRP CB  HB3  sing N N 417 
TRP CG  CD1  doub Y N 418 
TRP CG  CD2  sing Y N 419 
TRP CD1 NE1  sing Y N 420 
TRP CD1 HD1  sing N N 421 
TRP CD2 CE2  doub Y N 422 
TRP CD2 CE3  sing Y N 423 
TRP NE1 CE2  sing Y N 424 
TRP NE1 HE1  sing N N 425 
TRP CE2 CZ2  sing Y N 426 
TRP CE3 CZ3  doub Y N 427 
TRP CE3 HE3  sing N N 428 
TRP CZ2 CH2  doub Y N 429 
TRP CZ2 HZ2  sing N N 430 
TRP CZ3 CH2  sing Y N 431 
TRP CZ3 HZ3  sing N N 432 
TRP CH2 HH2  sing N N 433 
TRP OXT HXT  sing N N 434 
TYR N   CA   sing N N 435 
TYR N   H    sing N N 436 
TYR N   H2   sing N N 437 
TYR CA  C    sing N N 438 
TYR CA  CB   sing N N 439 
TYR CA  HA   sing N N 440 
TYR C   O    doub N N 441 
TYR C   OXT  sing N N 442 
TYR CB  CG   sing N N 443 
TYR CB  HB2  sing N N 444 
TYR CB  HB3  sing N N 445 
TYR CG  CD1  doub Y N 446 
TYR CG  CD2  sing Y N 447 
TYR CD1 CE1  sing Y N 448 
TYR CD1 HD1  sing N N 449 
TYR CD2 CE2  doub Y N 450 
TYR CD2 HD2  sing N N 451 
TYR CE1 CZ   doub Y N 452 
TYR CE1 HE1  sing N N 453 
TYR CE2 CZ   sing Y N 454 
TYR CE2 HE2  sing N N 455 
TYR CZ  OH   sing N N 456 
TYR OH  HH   sing N N 457 
TYR OXT HXT  sing N N 458 
VAL N   CA   sing N N 459 
VAL N   H    sing N N 460 
VAL N   H2   sing N N 461 
VAL CA  C    sing N N 462 
VAL CA  CB   sing N N 463 
VAL CA  HA   sing N N 464 
VAL C   O    doub N N 465 
VAL C   OXT  sing N N 466 
VAL CB  CG1  sing N N 467 
VAL CB  CG2  sing N N 468 
VAL CB  HB   sing N N 469 
VAL CG1 HG11 sing N N 470 
VAL CG1 HG12 sing N N 471 
VAL CG1 HG13 sing N N 472 
VAL CG2 HG21 sing N N 473 
VAL CG2 HG22 sing N N 474 
VAL CG2 HG23 sing N N 475 
VAL OXT HXT  sing N N 476 
# 
_atom_sites.entry_id                    2I4W 
_atom_sites.fract_transf_matrix[1][1]   0.00008330 
_atom_sites.fract_transf_matrix[1][2]   -0.01533526 
_atom_sites.fract_transf_matrix[1][3]   0.00813801 
_atom_sites.fract_transf_matrix[2][1]   0.00634141 
_atom_sites.fract_transf_matrix[2][2]   -0.00454862 
_atom_sites.fract_transf_matrix[2][3]   -0.00863633 
_atom_sites.fract_transf_matrix[3][1]   0.01809184 
_atom_sites.fract_transf_matrix[3][2]   0.00558650 
_atom_sites.fract_transf_matrix[3][3]   0.01034201 
_atom_sites.fract_transf_vector[1]      0.228557 
_atom_sites.fract_transf_vector[2]      0.309416 
_atom_sites.fract_transf_vector[3]      0.420523 
# 
loop_
_atom_type.symbol 
C 
N 
O 
P 
S 
# 
loop_
_atom_site.group_PDB 
_atom_site.id 
_atom_site.type_symbol 
_atom_site.label_atom_id 
_atom_site.label_alt_id 
_atom_site.label_comp_id 
_atom_site.label_asym_id 
_atom_site.label_entity_id 
_atom_site.label_seq_id 
_atom_site.pdbx_PDB_ins_code 
_atom_site.Cartn_x 
_atom_site.Cartn_y 
_atom_site.Cartn_z 
_atom_site.occupancy 
_atom_site.B_iso_or_equiv 
_atom_site.pdbx_formal_charge 
_atom_site.auth_seq_id 
_atom_site.auth_comp_id 
_atom_site.auth_asym_id 
_atom_site.auth_atom_id 
_atom_site.pdbx_PDB_model_num 
ATOM   1    N N   . PRO A 1 1  ? 7.512   6.311   -17.534 1.00 18.53 ? 1   PRO A N   1 
ATOM   2    C CA  . PRO A 1 1  ? 7.430   7.659   -16.933 1.00 17.78 ? 1   PRO A CA  1 
ATOM   3    C C   . PRO A 1 1  ? 7.529   7.612   -15.417 1.00 17.48 ? 1   PRO A C   1 
ATOM   4    O O   . PRO A 1 1  ? 7.763   6.555   -14.826 1.00 16.81 ? 1   PRO A O   1 
ATOM   5    C CB  . PRO A 1 1  ? 6.083   8.237   -17.340 1.00 19.59 ? 1   PRO A CB  1 
ATOM   6    C CG  . PRO A 1 1  ? 5.260   6.985   -17.497 1.00 18.99 ? 1   PRO A CG  1 
ATOM   7    C CD  . PRO A 1 1  ? 6.219   5.976   -18.157 1.00 19.01 ? 1   PRO A CD  1 
ATOM   8    N N   . GLN A 1 2  ? 7.308   8.766   -14.797 1.00 17.13 ? 2   GLN A N   1 
ATOM   9    C CA  . GLN A 1 2  ? 7.371   8.891   -13.354 1.00 17.35 ? 2   GLN A CA  1 
ATOM   10   C C   . GLN A 1 2  ? 6.025   9.328   -12.785 1.00 17.82 ? 2   GLN A C   1 
ATOM   11   O O   . GLN A 1 2  ? 5.365   10.213  -13.327 1.00 18.00 ? 2   GLN A O   1 
ATOM   12   C CB  . GLN A 1 2  ? 8.458   9.895   -12.973 1.00 17.60 ? 2   GLN A CB  1 
ATOM   13   C CG  . GLN A 1 2  ? 8.678   10.041  -11.489 1.00 20.14 ? 2   GLN A CG  1 
ATOM   14   C CD  . GLN A 1 2  ? 9.874   10.904  -11.174 1.00 21.45 ? 2   GLN A CD  1 
ATOM   15   O OE1 . GLN A 1 2  ? 9.763   12.128  -11.098 1.00 23.56 ? 2   GLN A OE1 1 
ATOM   16   N NE2 . GLN A 1 2  ? 11.031  10.272  -10.993 1.00 20.33 ? 2   GLN A NE2 1 
ATOM   17   N N   . ILE A 1 3  ? 5.636   8.700   -11.680 1.00 16.07 ? 3   ILE A N   1 
ATOM   18   C CA  . ILE A 1 3  ? 4.381   8.994   -10.995 1.00 15.11 ? 3   ILE A CA  1 
ATOM   19   C C   . ILE A 1 3  ? 4.711   9.490   -9.596  1.00 14.55 ? 3   ILE A C   1 
ATOM   20   O O   . ILE A 1 3  ? 5.340   8.774   -8.819  1.00 14.85 ? 3   ILE A O   1 
ATOM   21   C CB  . ILE A 1 3  ? 3.494   7.723   -10.884 1.00 14.77 ? 3   ILE A CB  1 
ATOM   22   C CG1 . ILE A 1 3  ? 3.084   7.246   -12.280 1.00 15.99 ? 3   ILE A CG1 1 
ATOM   23   C CG2 . ILE A 1 3  ? 2.262   7.997   -10.022 1.00 14.69 ? 3   ILE A CG2 1 
ATOM   24   C CD1 . ILE A 1 3  ? 2.402   5.895   -12.299 1.00 16.02 ? 3   ILE A CD1 1 
ATOM   25   N N   . THR A 1 4  ? 4.335   10.727  -9.288  1.00 14.81 ? 4   THR A N   1 
ATOM   26   C CA  . THR A 1 4  ? 4.598   11.267  -7.957  1.00 16.55 ? 4   THR A CA  1 
ATOM   27   C C   . THR A 1 4  ? 3.561   10.761  -6.957  1.00 13.03 ? 4   THR A C   1 
ATOM   28   O O   . THR A 1 4  ? 2.525   10.218  -7.343  1.00 11.85 ? 4   THR A O   1 
ATOM   29   C CB  . THR A 1 4  ? 4.646   12.808  -7.946  1.00 19.26 ? 4   THR A CB  1 
ATOM   30   O OG1 . THR A 1 4  ? 3.490   13.330  -8.605  1.00 20.99 ? 4   THR A OG1 1 
ATOM   31   C CG2 . THR A 1 4  ? 5.912   13.300  -8.641  1.00 20.88 ? 4   THR A CG2 1 
ATOM   32   N N   . LEU A 1 5  ? 3.853   10.937  -5.674  1.00 12.18 ? 5   LEU A N   1 
ATOM   33   C CA  . LEU A 1 5  ? 2.967   10.461  -4.619  1.00 12.02 ? 5   LEU A CA  1 
ATOM   34   C C   . LEU A 1 5  ? 2.264   11.559  -3.824  1.00 11.37 ? 5   LEU A C   1 
ATOM   35   O O   . LEU A 1 5  ? 1.776   11.307  -2.721  1.00 11.96 ? 5   LEU A O   1 
ATOM   36   C CB  . LEU A 1 5  ? 3.742   9.523   -3.684  1.00 12.55 ? 5   LEU A CB  1 
ATOM   37   C CG  . LEU A 1 5  ? 4.384   8.323   -4.394  1.00 12.42 ? 5   LEU A CG  1 
ATOM   38   C CD1 . LEU A 1 5  ? 5.270   7.551   -3.439  1.00 12.09 ? 5   LEU A CD1 1 
ATOM   39   C CD2 . LEU A 1 5  ? 3.300   7.427   -4.987  1.00 10.46 ? 5   LEU A CD2 1 
ATOM   40   N N   . TRP A 1 6  ? 2.197   12.765  -4.389  1.00 11.72 ? 6   TRP A N   1 
ATOM   41   C CA  . TRP A 1 6  ? 1.527   13.885  -3.732  1.00 12.32 ? 6   TRP A CA  1 
ATOM   42   C C   . TRP A 1 6  ? 0.068   13.530  -3.519  1.00 11.91 ? 6   TRP A C   1 
ATOM   43   O O   . TRP A 1 6  ? -0.540  13.927  -2.530  1.00 12.73 ? 6   TRP A O   1 
ATOM   44   C CB  . TRP A 1 6  ? 1.624   15.145  -4.583  1.00 13.19 ? 6   TRP A CB  1 
ATOM   45   C CG  . TRP A 1 6  ? 2.984   15.745  -4.599  1.00 17.47 ? 6   TRP A CG  1 
ATOM   46   C CD1 . TRP A 1 6  ? 3.803   15.889  -5.678  1.00 19.32 ? 6   TRP A CD1 1 
ATOM   47   C CD2 . TRP A 1 6  ? 3.676   16.328  -3.484  1.00 19.27 ? 6   TRP A CD2 1 
ATOM   48   N NE1 . TRP A 1 6  ? 4.962   16.532  -5.311  1.00 23.26 ? 6   TRP A NE1 1 
ATOM   49   C CE2 . TRP A 1 6  ? 4.911   16.814  -3.969  1.00 22.39 ? 6   TRP A CE2 1 
ATOM   50   C CE3 . TRP A 1 6  ? 3.370   16.492  -2.124  1.00 21.12 ? 6   TRP A CE3 1 
ATOM   51   C CZ2 . TRP A 1 6  ? 5.843   17.456  -3.143  1.00 23.24 ? 6   TRP A CZ2 1 
ATOM   52   C CZ3 . TRP A 1 6  ? 4.294   17.132  -1.302  1.00 20.69 ? 6   TRP A CZ3 1 
ATOM   53   C CH2 . TRP A 1 6  ? 5.517   17.606  -1.817  1.00 21.96 ? 6   TRP A CH2 1 
ATOM   54   N N   . GLN A 1 7  ? -0.486  12.804  -4.483  1.00 13.58 ? 7   GLN A N   1 
ATOM   55   C CA  . GLN A 1 7  ? -1.865  12.337  -4.423  1.00 14.71 ? 7   GLN A CA  1 
ATOM   56   C C   . GLN A 1 7  ? -1.835  10.825  -4.616  1.00 13.91 ? 7   GLN A C   1 
ATOM   57   O O   . GLN A 1 7  ? -0.804  10.264  -4.992  1.00 12.86 ? 7   GLN A O   1 
ATOM   58   C CB  . GLN A 1 7  ? -2.710  12.974  -5.531  1.00 16.94 ? 7   GLN A CB  1 
ATOM   59   C CG  . GLN A 1 7  ? -2.905  14.478  -5.402  1.00 19.77 ? 7   GLN A CG  1 
ATOM   60   C CD  . GLN A 1 7  ? -1.852  15.278  -6.144  1.00 23.87 ? 7   GLN A CD  1 
ATOM   61   O OE1 . GLN A 1 7  ? -1.403  14.889  -7.225  1.00 25.17 ? 7   GLN A OE1 1 
ATOM   62   N NE2 . GLN A 1 7  ? -1.473  16.417  -5.581  1.00 21.97 ? 7   GLN A NE2 1 
ATOM   63   N N   . ARG A 1 8  ? -2.958  10.168  -4.342  1.00 13.06 ? 8   ARG A N   1 
ATOM   64   C CA  . ARG A 1 8  ? -3.072  8.720   -4.510  1.00 12.06 ? 8   ARG A CA  1 
ATOM   65   C C   . ARG A 1 8  ? -2.759  8.339   -5.960  1.00 12.09 ? 8   ARG A C   1 
ATOM   66   O O   . ARG A 1 8  ? -3.324  8.912   -6.896  1.00 10.49 ? 8   ARG A O   1 
ATOM   67   C CB  . ARG A 1 8  ? -4.487  8.269   -4.154  1.00 10.89 ? 8   ARG A CB  1 
ATOM   68   C CG  . ARG A 1 8  ? -4.875  8.570   -2.722  1.00 13.81 ? 8   ARG A CG  1 
ATOM   69   C CD  . ARG A 1 8  ? -6.307  8.189   -2.458  1.00 16.47 ? 8   ARG A CD  1 
ATOM   70   N NE  . ARG A 1 8  ? -6.658  8.355   -1.053  1.00 20.88 ? 8   ARG A NE  1 
ATOM   71   C CZ  . ARG A 1 8  ? -7.903  8.312   -0.586  1.00 26.47 ? 8   ARG A CZ  1 
ATOM   72   N NH1 . ARG A 1 8  ? -8.918  8.113   -1.415  1.00 24.76 ? 8   ARG A NH1 1 
ATOM   73   N NH2 . ARG A 1 8  ? -8.135  8.451   0.714   1.00 25.19 ? 8   ARG A NH2 1 
ATOM   74   N N   . PRO A 1 9  ? -1.806  7.410   -6.163  1.00 12.69 ? 9   PRO A N   1 
ATOM   75   C CA  . PRO A 1 9  ? -1.437  6.980   -7.517  1.00 11.46 ? 9   PRO A CA  1 
ATOM   76   C C   . PRO A 1 9  ? -2.503  6.093   -8.153  1.00 11.97 ? 9   PRO A C   1 
ATOM   77   O O   . PRO A 1 9  ? -2.399  4.870   -8.141  1.00 13.32 ? 9   PRO A O   1 
ATOM   78   C CB  . PRO A 1 9  ? -0.120  6.240   -7.294  1.00 10.61 ? 9   PRO A CB  1 
ATOM   79   C CG  . PRO A 1 9  ? -0.286  5.662   -5.918  1.00 11.25 ? 9   PRO A CG  1 
ATOM   80   C CD  . PRO A 1 9  ? -0.930  6.791   -5.150  1.00 14.25 ? 9   PRO A CD  1 
ATOM   81   N N   . LEU A 1 10 ? -3.538  6.728   -8.694  1.00 13.25 ? 10  LEU A N   1 
ATOM   82   C CA  . LEU A 1 10 ? -4.635  6.009   -9.327  1.00 14.58 ? 10  LEU A CA  1 
ATOM   83   C C   . LEU A 1 10 ? -4.401  5.770   -10.807 1.00 13.48 ? 10  LEU A C   1 
ATOM   84   O O   . LEU A 1 10 ? -3.766  6.579   -11.484 1.00 12.92 ? 10  LEU A O   1 
ATOM   85   C CB  . LEU A 1 10 ? -5.952  6.760   -9.124  1.00 16.11 ? 10  LEU A CB  1 
ATOM   86   C CG  . LEU A 1 10 ? -6.441  6.861   -7.676  1.00 17.50 ? 10  LEU A CG  1 
ATOM   87   C CD1 . LEU A 1 10 ? -7.637  7.798   -7.586  1.00 18.84 ? 10  LEU A CD1 1 
ATOM   88   C CD2 . LEU A 1 10 ? -6.809  5.485   -7.175  1.00 15.69 ? 10  LEU A CD2 1 
ATOM   89   N N   . VAL A 1 11 ? -4.896  4.634   -11.288 1.00 14.39 ? 11  VAL A N   1 
ATOM   90   C CA  . VAL A 1 11 ? -4.777  4.253   -12.690 1.00 14.92 ? 11  VAL A CA  1 
ATOM   91   C C   . VAL A 1 11 ? -6.062  3.566   -13.141 1.00 17.15 ? 11  VAL A C   1 
ATOM   92   O O   . VAL A 1 11 ? -6.862  3.117   -12.319 1.00 15.35 ? 11  VAL A O   1 
ATOM   93   C CB  . VAL A 1 11 ? -3.590  3.278   -12.935 1.00 15.00 ? 11  VAL A CB  1 
ATOM   94   C CG1 . VAL A 1 11 ? -2.265  3.937   -12.565 1.00 15.46 ? 11  VAL A CG1 1 
ATOM   95   C CG2 . VAL A 1 11 ? -3.792  1.981   -12.162 1.00 14.62 ? 11  VAL A CG2 1 
ATOM   96   N N   . THR A 1 12 ? -6.268  3.510   -14.450 1.00 15.74 ? 12  THR A N   1 
ATOM   97   C CA  . THR A 1 12 ? -7.442  2.856   -15.002 1.00 17.40 ? 12  THR A CA  1 
ATOM   98   C C   . THR A 1 12 ? -6.973  1.555   -15.626 1.00 17.18 ? 12  THR A C   1 
ATOM   99   O O   . THR A 1 12 ? -6.093  1.556   -16.486 1.00 19.86 ? 12  THR A O   1 
ATOM   100  C CB  . THR A 1 12 ? -8.110  3.706   -16.105 1.00 19.93 ? 12  THR A CB  1 
ATOM   101  O OG1 . THR A 1 12 ? -8.473  4.990   -15.582 1.00 22.52 ? 12  THR A OG1 1 
ATOM   102  C CG2 . THR A 1 12 ? -9.359  3.009   -16.621 1.00 22.80 ? 12  THR A CG2 1 
ATOM   103  N N   . ILE A 1 13 ? -7.508  0.441   -15.145 1.00 15.98 ? 13  ILE A N   1 
ATOM   104  C CA  . ILE A 1 13 ? -7.150  -0.860  -15.691 1.00 17.23 ? 13  ILE A CA  1 
ATOM   105  C C   . ILE A 1 13 ? -8.296  -1.381  -16.545 1.00 17.89 ? 13  ILE A C   1 
ATOM   106  O O   . ILE A 1 13 ? -9.424  -0.880  -16.466 1.00 17.63 ? 13  ILE A O   1 
ATOM   107  C CB  . ILE A 1 13 ? -6.823  -1.909  -14.590 1.00 16.29 ? 13  ILE A CB  1 
ATOM   108  C CG1 . ILE A 1 13 ? -8.071  -2.271  -13.779 1.00 17.09 ? 13  ILE A CG1 1 
ATOM   109  C CG2 . ILE A 1 13 ? -5.734  -1.387  -13.677 1.00 18.09 ? 13  ILE A CG2 1 
ATOM   110  C CD1 . ILE A 1 13 ? -7.849  -3.390  -12.795 1.00 14.20 ? 13  ILE A CD1 1 
ATOM   111  N N   . LYS A 1 14 ? -7.983  -2.355  -17.391 1.00 19.14 ? 14  LYS A N   1 
ATOM   112  C CA  . LYS A 1 14 ? -8.970  -2.973  -18.264 1.00 22.01 ? 14  LYS A CA  1 
ATOM   113  C C   . LYS A 1 14 ? -8.853  -4.453  -17.944 1.00 21.13 ? 14  LYS A C   1 
ATOM   114  O O   . LYS A 1 14 ? -7.808  -5.068  -18.165 1.00 20.78 ? 14  LYS A O   1 
ATOM   115  C CB  . LYS A 1 14 ? -8.639  -2.688  -19.732 1.00 25.92 ? 14  LYS A CB  1 
ATOM   116  C CG  . LYS A 1 14 ? -7.865  -1.383  -19.921 1.00 34.25 ? 14  LYS A CG  1 
ATOM   117  C CD  . LYS A 1 14 ? -7.917  -0.835  -21.340 1.00 39.95 ? 14  LYS A CD  1 
ATOM   118  C CE  . LYS A 1 14 ? -6.971  0.365   -21.500 1.00 40.99 ? 14  LYS A CE  1 
ATOM   119  N NZ  . LYS A 1 14 ? -7.168  1.426   -20.461 1.00 43.13 ? 14  LYS A NZ  1 
ATOM   120  N N   . ILE A 1 15 ? -9.904  -4.997  -17.341 1.00 21.22 ? 15  ILE A N   1 
ATOM   121  C CA  . ILE A 1 15 ? -9.932  -6.398  -16.940 1.00 21.15 ? 15  ILE A CA  1 
ATOM   122  C C   . ILE A 1 15 ? -11.317 -7.000  -17.177 1.00 22.15 ? 15  ILE A C   1 
ATOM   123  O O   . ILE A 1 15 ? -12.334 -6.388  -16.841 1.00 20.26 ? 15  ILE A O   1 
ATOM   124  C CB  . ILE A 1 15 ? -9.541  -6.534  -15.439 1.00 19.03 ? 15  ILE A CB  1 
ATOM   125  C CG1 . ILE A 1 15 ? -9.714  -7.977  -14.962 1.00 18.99 ? 15  ILE A CG1 1 
ATOM   126  C CG2 . ILE A 1 15 ? -10.362 -5.560  -14.578 1.00 19.88 ? 15  ILE A CG2 1 
ATOM   127  C CD1 . ILE A 1 15 ? -9.329  -8.194  -13.515 1.00 17.59 ? 15  ILE A CD1 1 
ATOM   128  N N   . GLY A 1 16 ? -11.342 -8.189  -17.780 1.00 23.73 ? 16  GLY A N   1 
ATOM   129  C CA  . GLY A 1 16 ? -12.596 -8.873  -18.062 1.00 23.88 ? 16  GLY A CA  1 
ATOM   130  C C   . GLY A 1 16 ? -13.563 -8.019  -18.859 1.00 24.52 ? 16  GLY A C   1 
ATOM   131  O O   . GLY A 1 16 ? -14.775 -8.103  -18.667 1.00 26.11 ? 16  GLY A O   1 
ATOM   132  N N   . GLY A 1 17 ? -13.016 -7.165  -19.722 1.00 25.59 ? 17  GLY A N   1 
ATOM   133  C CA  . GLY A 1 17 ? -13.832 -6.290  -20.545 1.00 25.69 ? 17  GLY A CA  1 
ATOM   134  C C   . GLY A 1 17 ? -14.230 -4.985  -19.882 1.00 26.67 ? 17  GLY A C   1 
ATOM   135  O O   . GLY A 1 17 ? -14.593 -4.031  -20.571 1.00 28.75 ? 17  GLY A O   1 
ATOM   136  N N   . GLN A 1 18 ? -14.166 -4.941  -18.550 1.00 26.00 ? 18  GLN A N   1 
ATOM   137  C CA  . GLN A 1 18 ? -14.530 -3.748  -17.780 1.00 26.16 ? 18  GLN A CA  1 
ATOM   138  C C   . GLN A 1 18 ? -13.345 -2.826  -17.490 1.00 26.06 ? 18  GLN A C   1 
ATOM   139  O O   . GLN A 1 18 ? -12.192 -3.259  -17.463 1.00 25.55 ? 18  GLN A O   1 
ATOM   140  C CB  . GLN A 1 18 ? -15.113 -4.142  -16.417 1.00 28.21 ? 18  GLN A CB  1 
ATOM   141  C CG  . GLN A 1 18 ? -16.255 -5.138  -16.410 1.00 29.91 ? 18  GLN A CG  1 
ATOM   142  C CD  . GLN A 1 18 ? -16.607 -5.574  -14.988 1.00 32.82 ? 18  GLN A CD  1 
ATOM   143  O OE1 . GLN A 1 18 ? -16.917 -4.745  -14.127 1.00 29.08 ? 18  GLN A OE1 1 
ATOM   144  N NE2 . GLN A 1 18 ? -16.529 -6.876  -14.731 1.00 31.64 ? 18  GLN A NE2 1 
ATOM   145  N N   . LEU A 1 19 ? -13.656 -1.557  -17.235 1.00 24.85 ? 19  LEU A N   1 
ATOM   146  C CA  . LEU A 1 19 ? -12.655 -0.554  -16.876 1.00 22.60 ? 19  LEU A CA  1 
ATOM   147  C C   . LEU A 1 19 ? -12.875 -0.246  -15.401 1.00 23.02 ? 19  LEU A C   1 
ATOM   148  O O   . LEU A 1 19 ? -14.011 -0.087  -14.956 1.00 21.91 ? 19  LEU A O   1 
ATOM   149  C CB  . LEU A 1 19 ? -12.844 0.738   -17.668 1.00 23.49 ? 19  LEU A CB  1 
ATOM   150  C CG  . LEU A 1 19 ? -12.443 0.815   -19.136 1.00 24.88 ? 19  LEU A CG  1 
ATOM   151  C CD1 . LEU A 1 19 ? -12.804 2.199   -19.652 1.00 24.92 ? 19  LEU A CD1 1 
ATOM   152  C CD2 . LEU A 1 19 ? -10.953 0.561   -19.301 1.00 24.83 ? 19  LEU A CD2 1 
ATOM   153  N N   . LYS A 1 20 ? -11.790 -0.191  -14.639 1.00 21.88 ? 20  LYS A N   1 
ATOM   154  C CA  . LYS A 1 20 ? -11.876 0.105   -13.212 1.00 20.07 ? 20  LYS A CA  1 
ATOM   155  C C   . LYS A 1 20 ? -10.751 1.036   -12.782 1.00 19.97 ? 20  LYS A C   1 
ATOM   156  O O   . LYS A 1 20 ? -9.663  1.021   -13.358 1.00 20.44 ? 20  LYS A O   1 
ATOM   157  C CB  . LYS A 1 20 ? -11.805 -1.184  -12.380 1.00 19.74 ? 20  LYS A CB  1 
ATOM   158  C CG  . LYS A 1 20 ? -13.018 -2.100  -12.494 1.00 22.41 ? 20  LYS A CG  1 
ATOM   159  C CD  . LYS A 1 20 ? -12.904 -3.272  -11.531 1.00 22.59 ? 20  LYS A CD  1 
ATOM   160  C CE  . LYS A 1 20 ? -14.163 -4.122  -11.516 1.00 24.34 ? 20  LYS A CE  1 
ATOM   161  N NZ  . LYS A 1 20 ? -15.364 -3.327  -11.126 1.00 22.29 ? 20  LYS A NZ  1 
ATOM   162  N N   . GLU A 1 21 ? -11.044 1.886   -11.805 1.00 18.56 ? 21  GLU A N   1 
ATOM   163  C CA  . GLU A 1 21 ? -10.053 2.800   -11.259 1.00 17.25 ? 21  GLU A CA  1 
ATOM   164  C C   . GLU A 1 21 ? -9.408  1.989   -10.141 1.00 16.69 ? 21  GLU A C   1 
ATOM   165  O O   . GLU A 1 21 ? -10.108 1.369   -9.331  1.00 12.79 ? 21  GLU A O   1 
ATOM   166  C CB  . GLU A 1 21 ? -10.732 4.039   -10.681 1.00 23.26 ? 21  GLU A CB  1 
ATOM   167  C CG  . GLU A 1 21 ? -9.770  5.082   -10.148 1.00 31.02 ? 21  GLU A CG  1 
ATOM   168  C CD  . GLU A 1 21 ? -9.252  6.016   -11.225 1.00 39.28 ? 21  GLU A CD  1 
ATOM   169  O OE1 . GLU A 1 21 ? -8.572  5.539   -12.162 1.00 44.46 ? 21  GLU A OE1 1 
ATOM   170  O OE2 . GLU A 1 21 ? -9.524  7.233   -11.129 1.00 41.10 ? 21  GLU A OE2 1 
ATOM   171  N N   . ALA A 1 22 ? -8.080  1.969   -10.112 1.00 14.53 ? 22  ALA A N   1 
ATOM   172  C CA  . ALA A 1 22 ? -7.367  1.199   -9.106  1.00 12.48 ? 22  ALA A CA  1 
ATOM   173  C C   . ALA A 1 22 ? -6.165  1.954   -8.558  1.00 12.63 ? 22  ALA A C   1 
ATOM   174  O O   . ALA A 1 22 ? -5.669  2.891   -9.180  1.00 12.37 ? 22  ALA A O   1 
ATOM   175  C CB  . ALA A 1 22 ? -6.942  -0.147  -9.680  1.00 12.86 ? 22  ALA A CB  1 
ATOM   176  N N   . LEU A 1 23 ? -5.698  1.514   -7.396  1.00 11.35 ? 23  LEU A N   1 
ATOM   177  C CA  . LEU A 1 23 ? -4.572  2.138   -6.712  1.00 11.80 ? 23  LEU A CA  1 
ATOM   178  C C   . LEU A 1 23 ? -3.273  1.345   -6.848  1.00 10.21 ? 23  LEU A C   1 
ATOM   179  O O   . LEU A 1 23 ? -3.240  0.170   -6.506  1.00 12.40 ? 23  LEU A O   1 
ATOM   180  C CB  . LEU A 1 23 ? -4.931  2.269   -5.231  1.00 12.62 ? 23  LEU A CB  1 
ATOM   181  C CG  . LEU A 1 23 ? -4.022  2.981   -4.242  1.00 13.92 ? 23  LEU A CG  1 
ATOM   182  C CD1 . LEU A 1 23 ? -3.928  4.463   -4.575  1.00 15.48 ? 23  LEU A CD1 1 
ATOM   183  C CD2 . LEU A 1 23 ? -4.620  2.789   -2.855  1.00 16.61 ? 23  LEU A CD2 1 
ATOM   184  N N   . LEU A 1 24 ? -2.223  1.978   -7.381  1.00 12.12 ? 24  LEU A N   1 
ATOM   185  C CA  . LEU A 1 24 ? -0.906  1.334   -7.511  1.00 9.66  ? 24  LEU A CA  1 
ATOM   186  C C   . LEU A 1 24 ? -0.434  1.244   -6.065  1.00 10.80 ? 24  LEU A C   1 
ATOM   187  O O   . LEU A 1 24 ? -0.056  2.248   -5.457  1.00 12.00 ? 24  LEU A O   1 
ATOM   188  C CB  . LEU A 1 24 ? 0.047   2.204   -8.327  1.00 9.98  ? 24  LEU A CB  1 
ATOM   189  C CG  . LEU A 1 24 ? -0.346  2.442   -9.790  1.00 11.16 ? 24  LEU A CG  1 
ATOM   190  C CD1 . LEU A 1 24 ? 0.631   3.430   -10.436 1.00 9.36  ? 24  LEU A CD1 1 
ATOM   191  C CD2 . LEU A 1 24 ? -0.376  1.110   -10.547 1.00 11.46 ? 24  LEU A CD2 1 
ATOM   192  N N   . ASP A 1 25 ? -0.456  0.033   -5.525  1.00 9.54  ? 25  ASP A N   1 
ATOM   193  C CA  . ASP A 1 25 ? -0.143  -0.179  -4.125  1.00 10.58 ? 25  ASP A CA  1 
ATOM   194  C C   . ASP A 1 25 ? 1.050   -1.084  -3.818  1.00 9.17  ? 25  ASP A C   1 
ATOM   195  O O   . ASP A 1 25 ? 0.917   -2.307  -3.806  1.00 9.90  ? 25  ASP A O   1 
ATOM   196  C CB  . ASP A 1 25 ? -1.413  -0.731  -3.471  1.00 9.85  ? 25  ASP A CB  1 
ATOM   197  C CG  . ASP A 1 25 ? -1.383  -0.676  -1.962  1.00 13.57 ? 25  ASP A CG  1 
ATOM   198  O OD1 . ASP A 1 25 ? -0.333  -0.341  -1.382  1.00 12.20 ? 25  ASP A OD1 1 
ATOM   199  O OD2 . ASP A 1 25 ? -2.432  -0.981  -1.358  1.00 15.49 ? 25  ASP A OD2 1 
ATOM   200  N N   . THR A 1 26 ? 2.185   -0.475  -3.479  1.00 8.91  ? 26  THR A N   1 
ATOM   201  C CA  . THR A 1 26 ? 3.396   -1.227  -3.145  1.00 8.94  ? 26  THR A CA  1 
ATOM   202  C C   . THR A 1 26 ? 3.279   -1.963  -1.802  1.00 8.54  ? 26  THR A C   1 
ATOM   203  O O   . THR A 1 26 ? 4.073   -2.854  -1.508  1.00 9.85  ? 26  THR A O   1 
ATOM   204  C CB  . THR A 1 26 ? 4.643   -0.321  -3.114  1.00 10.52 ? 26  THR A CB  1 
ATOM   205  O OG1 . THR A 1 26 ? 4.485   0.676   -2.097  1.00 9.73  ? 26  THR A OG1 1 
ATOM   206  C CG2 . THR A 1 26 ? 4.841   0.365   -4.464  1.00 10.28 ? 26  THR A CG2 1 
ATOM   207  N N   . GLY A 1 27 ? 2.304   -1.568  -0.985  1.00 9.12  ? 27  GLY A N   1 
ATOM   208  C CA  . GLY A 1 27 ? 2.095   -2.216  0.300   1.00 9.86  ? 27  GLY A CA  1 
ATOM   209  C C   . GLY A 1 27 ? 1.174   -3.428  0.215   1.00 10.53 ? 27  GLY A C   1 
ATOM   210  O O   . GLY A 1 27 ? 0.903   -4.086  1.222   1.00 11.22 ? 27  GLY A O   1 
ATOM   211  N N   . ALA A 1 28 ? 0.671   -3.702  -0.986  1.00 10.54 ? 28  ALA A N   1 
ATOM   212  C CA  . ALA A 1 28 ? -0.216  -4.836  -1.218  1.00 10.05 ? 28  ALA A CA  1 
ATOM   213  C C   . ALA A 1 28 ? 0.518   -5.951  -1.957  1.00 11.04 ? 28  ALA A C   1 
ATOM   214  O O   . ALA A 1 28 ? 1.059   -5.721  -3.043  1.00 11.65 ? 28  ALA A O   1 
ATOM   215  C CB  . ALA A 1 28 ? -1.416  -4.391  -2.027  1.00 10.80 ? 28  ALA A CB  1 
ATOM   216  N N   . ASP A 1 29 ? 0.537   -7.154  -1.380  1.00 10.26 ? 29  ASP A N   1 
ATOM   217  C CA  . ASP A 1 29 ? 1.201   -8.283  -2.032  1.00 12.41 ? 29  ASP A CA  1 
ATOM   218  C C   . ASP A 1 29 ? 0.420   -8.629  -3.296  1.00 13.37 ? 29  ASP A C   1 
ATOM   219  O O   . ASP A 1 29 ? 1.001   -8.876  -4.350  1.00 13.27 ? 29  ASP A O   1 
ATOM   220  C CB  . ASP A 1 29 ? 1.232   -9.530  -1.137  1.00 12.74 ? 29  ASP A CB  1 
ATOM   221  C CG  . ASP A 1 29 ? 1.976   -9.316  0.174   1.00 14.17 ? 29  ASP A CG  1 
ATOM   222  O OD1 . ASP A 1 29 ? 2.877   -8.454  0.266   1.00 12.18 ? 29  ASP A OD1 1 
ATOM   223  O OD2 . ASP A 1 29 ? 1.645   -10.043 1.130   1.00 17.09 ? 29  ASP A OD2 1 
ATOM   224  N N   . ASP A 1 30 ? -0.908  -8.620  -3.183  1.00 14.15 ? 30  ASP A N   1 
ATOM   225  C CA  . ASP A 1 30 ? -1.767  -8.960  -4.313  1.00 14.67 ? 30  ASP A CA  1 
ATOM   226  C C   . ASP A 1 30 ? -2.748  -7.874  -4.727  1.00 14.79 ? 30  ASP A C   1 
ATOM   227  O O   . ASP A 1 30 ? -3.038  -6.940  -3.976  1.00 13.85 ? 30  ASP A O   1 
ATOM   228  C CB  . ASP A 1 30 ? -2.570  -10.228 -4.010  1.00 19.79 ? 30  ASP A CB  1 
ATOM   229  C CG  . ASP A 1 30 ? -1.690  -11.435 -3.774  1.00 23.22 ? 30  ASP A CG  1 
ATOM   230  O OD1 . ASP A 1 30 ? -1.315  -12.110 -4.759  1.00 26.35 ? 30  ASP A OD1 1 
ATOM   231  O OD2 . ASP A 1 30 ? -1.383  -11.706 -2.597  1.00 26.01 ? 30  ASP A OD2 1 
ATOM   232  N N   . THR A 1 31 ? -3.262  -8.032  -5.942  1.00 13.57 ? 31  THR A N   1 
ATOM   233  C CA  . THR A 1 31 ? -4.249  -7.132  -6.514  1.00 12.75 ? 31  THR A CA  1 
ATOM   234  C C   . THR A 1 31 ? -5.603  -7.563  -5.938  1.00 13.53 ? 31  THR A C   1 
ATOM   235  O O   . THR A 1 31 ? -5.939  -8.751  -5.953  1.00 12.93 ? 31  THR A O   1 
ATOM   236  C CB  . THR A 1 31 ? -4.268  -7.278  -8.052  1.00 13.68 ? 31  THR A CB  1 
ATOM   237  O OG1 . THR A 1 31 ? -3.051  -6.754  -8.596  1.00 14.36 ? 31  THR A OG1 1 
ATOM   238  C CG2 . THR A 1 31 ? -5.453  -6.547  -8.661  1.00 15.43 ? 31  THR A CG2 1 
ATOM   239  N N   . VAL A 1 32 ? -6.346  -6.616  -5.375  1.00 11.86 ? 32  VAL A N   1 
ATOM   240  C CA  . VAL A 1 32 ? -7.652  -6.919  -4.802  1.00 10.90 ? 32  VAL A CA  1 
ATOM   241  C C   . VAL A 1 32 ? -8.683  -5.981  -5.425  1.00 11.79 ? 32  VAL A C   1 
ATOM   242  O O   . VAL A 1 32 ? -8.523  -4.766  -5.385  1.00 10.54 ? 32  VAL A O   1 
ATOM   243  C CB  . VAL A 1 32 ? -7.666  -6.737  -3.260  1.00 12.33 ? 32  VAL A CB  1 
ATOM   244  C CG1 . VAL A 1 32 ? -8.915  -7.396  -2.667  1.00 11.43 ? 32  VAL A CG1 1 
ATOM   245  C CG2 . VAL A 1 32 ? -6.388  -7.302  -2.628  1.00 10.41 ? 32  VAL A CG2 1 
ATOM   246  N N   . LEU A 1 33 ? -9.723  -6.548  -6.026  1.00 10.53 ? 33  LEU A N   1 
ATOM   247  C CA  . LEU A 1 33 ? -10.758 -5.750  -6.663  1.00 11.44 ? 33  LEU A CA  1 
ATOM   248  C C   . LEU A 1 33 ? -12.150 -6.033  -6.099  1.00 12.57 ? 33  LEU A C   1 
ATOM   249  O O   . LEU A 1 33 ? -12.424 -7.117  -5.577  1.00 10.16 ? 33  LEU A O   1 
ATOM   250  C CB  . LEU A 1 33 ? -10.770 -6.004  -8.174  1.00 13.35 ? 33  LEU A CB  1 
ATOM   251  C CG  . LEU A 1 33 ? -9.475  -5.798  -8.963  1.00 14.36 ? 33  LEU A CG  1 
ATOM   252  C CD1 . LEU A 1 33 ? -9.731  -6.134  -10.422 1.00 14.58 ? 33  LEU A CD1 1 
ATOM   253  C CD2 . LEU A 1 33 ? -8.966  -4.368  -8.817  1.00 14.19 ? 33  LEU A CD2 1 
ATOM   254  N N   . GLU A 1 34 ? -13.017 -5.031  -6.211  1.00 14.19 ? 34  GLU A N   1 
ATOM   255  C CA  . GLU A 1 34 ? -14.397 -5.117  -5.752  1.00 15.61 ? 34  GLU A CA  1 
ATOM   256  C C   . GLU A 1 34 ? -15.104 -6.237  -6.512  1.00 14.28 ? 34  GLU A C   1 
ATOM   257  O O   . GLU A 1 34 ? -14.640 -6.663  -7.572  1.00 14.80 ? 34  GLU A O   1 
ATOM   258  C CB  . GLU A 1 34 ? -15.098 -3.777  -6.013  1.00 17.31 ? 34  GLU A CB  1 
ATOM   259  C CG  . GLU A 1 34 ? -15.184 -3.403  -7.500  1.00 22.14 ? 34  GLU A CG  1 
ATOM   260  C CD  . GLU A 1 34 ? -15.349 -1.906  -7.752  1.00 25.68 ? 34  GLU A CD  1 
ATOM   261  O OE1 . GLU A 1 34 ? -15.878 -1.182  -6.878  1.00 28.96 ? 34  GLU A OE1 1 
ATOM   262  O OE2 . GLU A 1 34 ? -14.939 -1.455  -8.842  1.00 26.27 ? 34  GLU A OE2 1 
ATOM   263  N N   . GLU A 1 35 ? -16.219 -6.712  -5.967  1.00 14.67 ? 35  GLU A N   1 
ATOM   264  C CA  . GLU A 1 35 ? -16.985 -7.790  -6.593  1.00 16.99 ? 35  GLU A CA  1 
ATOM   265  C C   . GLU A 1 35 ? -17.188 -7.627  -8.093  1.00 16.55 ? 35  GLU A C   1 
ATOM   266  O O   . GLU A 1 35 ? -17.618 -6.575  -8.568  1.00 16.40 ? 35  GLU A O   1 
ATOM   267  C CB  . GLU A 1 35 ? -18.345 -7.962  -5.917  1.00 18.76 ? 35  GLU A CB  1 
ATOM   268  C CG  . GLU A 1 35 ? -18.293 -8.735  -4.620  1.00 20.73 ? 35  GLU A CG  1 
ATOM   269  C CD  . GLU A 1 35 ? -17.744 -10.148 -4.788  1.00 23.80 ? 35  GLU A CD  1 
ATOM   270  O OE1 . GLU A 1 35 ? -17.869 -10.730 -5.887  1.00 22.60 ? 35  GLU A OE1 1 
ATOM   271  O OE2 . GLU A 1 35 ? -17.182 -10.675 -3.808  1.00 23.48 ? 35  GLU A OE2 1 
ATOM   272  N N   . MET A 1 36 ? -16.832 -8.677  -8.824  1.00 16.97 ? 36  MET A N   1 
ATOM   273  C CA  . MET A 1 36 ? -16.964 -8.713  -10.274 1.00 17.23 ? 36  MET A CA  1 
ATOM   274  C C   . MET A 1 36 ? -16.875 -10.170 -10.711 1.00 18.35 ? 36  MET A C   1 
ATOM   275  O O   . MET A 1 36 ? -16.390 -11.027 -9.971  1.00 18.20 ? 36  MET A O   1 
ATOM   276  C CB  . MET A 1 36 ? -15.836 -7.921  -10.939 1.00 18.37 ? 36  MET A CB  1 
ATOM   277  C CG  . MET A 1 36 ? -14.465 -8.585  -10.840 1.00 17.73 ? 36  MET A CG  1 
ATOM   278  S SD  . MET A 1 36 ? -13.191 -7.631  -11.675 1.00 21.26 ? 36  MET A SD  1 
ATOM   279  C CE  . MET A 1 36 ? -13.645 -7.878  -13.406 1.00 18.18 ? 36  MET A CE  1 
ATOM   280  N N   . SER A 1 37 ? -17.338 -10.447 -11.921 1.00 20.19 ? 37  SER A N   1 
ATOM   281  C CA  . SER A 1 37 ? -17.290 -11.802 -12.449 1.00 21.89 ? 37  SER A CA  1 
ATOM   282  C C   . SER A 1 37 ? -15.990 -12.028 -13.230 1.00 20.89 ? 37  SER A C   1 
ATOM   283  O O   . SER A 1 37 ? -15.558 -11.161 -13.997 1.00 21.46 ? 37  SER A O   1 
ATOM   284  C CB  . SER A 1 37 ? -18.504 -12.048 -13.351 1.00 23.44 ? 37  SER A CB  1 
ATOM   285  O OG  . SER A 1 37 ? -18.488 -13.363 -13.887 1.00 29.32 ? 37  SER A OG  1 
ATOM   286  N N   . LEU A 1 38 ? -15.341 -13.163 -12.982 1.00 20.33 ? 38  LEU A N   1 
ATOM   287  C CA  . LEU A 1 38 ? -14.110 -13.521 -13.683 1.00 20.13 ? 38  LEU A CA  1 
ATOM   288  C C   . LEU A 1 38 ? -14.187 -14.975 -14.134 1.00 22.76 ? 38  LEU A C   1 
ATOM   289  O O   . LEU A 1 38 ? -14.880 -15.788 -13.519 1.00 22.41 ? 38  LEU A O   1 
ATOM   290  C CB  . LEU A 1 38 ? -12.873 -13.312 -12.802 1.00 18.04 ? 38  LEU A CB  1 
ATOM   291  C CG  . LEU A 1 38 ? -12.331 -11.887 -12.648 1.00 17.46 ? 38  LEU A CG  1 
ATOM   292  C CD1 . LEU A 1 38 ? -11.100 -11.897 -11.751 1.00 17.72 ? 38  LEU A CD1 1 
ATOM   293  C CD2 . LEU A 1 38 ? -11.991 -11.298 -14.016 1.00 16.31 ? 38  LEU A CD2 1 
ATOM   294  N N   . PRO A 1 39 ? -13.507 -15.310 -15.242 1.00 25.25 ? 39  PRO A N   1 
ATOM   295  C CA  . PRO A 1 39 ? -13.500 -16.671 -15.779 1.00 26.97 ? 39  PRO A CA  1 
ATOM   296  C C   . PRO A 1 39 ? -12.510 -17.577 -15.055 1.00 28.37 ? 39  PRO A C   1 
ATOM   297  O O   . PRO A 1 39 ? -11.599 -17.102 -14.377 1.00 27.72 ? 39  PRO A O   1 
ATOM   298  C CB  . PRO A 1 39 ? -13.081 -16.445 -17.226 1.00 27.89 ? 39  PRO A CB  1 
ATOM   299  C CG  . PRO A 1 39 ? -12.092 -15.333 -17.095 1.00 28.28 ? 39  PRO A CG  1 
ATOM   300  C CD  . PRO A 1 39 ? -12.783 -14.389 -16.140 1.00 26.88 ? 39  PRO A CD  1 
ATOM   301  N N   . GLY A 1 40 ? -12.692 -18.884 -15.224 1.00 31.44 ? 40  GLY A N   1 
ATOM   302  C CA  . GLY A 1 40 ? -11.813 -19.855 -14.600 1.00 33.13 ? 40  GLY A CA  1 
ATOM   303  C C   . GLY A 1 40 ? -12.257 -20.260 -13.208 1.00 33.27 ? 40  GLY A C   1 
ATOM   304  O O   . GLY A 1 40 ? -13.250 -19.744 -12.687 1.00 33.10 ? 40  GLY A O   1 
ATOM   305  N N   . ARG A 1 41 ? -11.534 -21.210 -12.621 1.00 32.60 ? 41  ARG A N   1 
ATOM   306  C CA  . ARG A 1 41 ? -11.839 -21.683 -11.278 1.00 32.94 ? 41  ARG A CA  1 
ATOM   307  C C   . ARG A 1 41 ? -11.167 -20.752 -10.272 1.00 29.33 ? 41  ARG A C   1 
ATOM   308  O O   . ARG A 1 41 ? -10.237 -20.020 -10.612 1.00 26.84 ? 41  ARG A O   1 
ATOM   309  C CB  . ARG A 1 41 ? -11.367 -23.133 -11.095 1.00 37.78 ? 41  ARG A CB  1 
ATOM   310  C CG  . ARG A 1 41 ? -9.855  -23.315 -11.088 1.00 47.45 ? 41  ARG A CG  1 
ATOM   311  C CD  . ARG A 1 41 ? -9.447  -24.693 -11.602 1.00 54.98 ? 41  ARG A CD  1 
ATOM   312  N NE  . ARG A 1 41 ? -9.795  -24.876 -13.014 1.00 61.44 ? 41  ARG A NE  1 
ATOM   313  C CZ  . ARG A 1 41 ? -9.253  -24.194 -14.023 1.00 64.59 ? 41  ARG A CZ  1 
ATOM   314  N NH1 . ARG A 1 41 ? -8.321  -23.274 -13.794 1.00 65.53 ? 41  ARG A NH1 1 
ATOM   315  N NH2 . ARG A 1 41 ? -9.661  -24.414 -15.266 1.00 65.02 ? 41  ARG A NH2 1 
ATOM   316  N N   . TRP A 1 42 ? -11.656 -20.768 -9.039  1.00 27.36 ? 42  TRP A N   1 
ATOM   317  C CA  . TRP A 1 42 ? -11.113 -19.914 -7.990  1.00 24.40 ? 42  TRP A CA  1 
ATOM   318  C C   . TRP A 1 42 ? -10.982 -20.652 -6.662  1.00 24.56 ? 42  TRP A C   1 
ATOM   319  O O   . TRP A 1 42 ? -11.589 -21.709 -6.457  1.00 23.99 ? 42  TRP A O   1 
ATOM   320  C CB  . TRP A 1 42 ? -12.001 -18.679 -7.817  1.00 23.40 ? 42  TRP A CB  1 
ATOM   321  C CG  . TRP A 1 42 ? -13.435 -19.004 -7.524  1.00 24.20 ? 42  TRP A CG  1 
ATOM   322  C CD1 . TRP A 1 42 ? -14.444 -19.170 -8.434  1.00 25.39 ? 42  TRP A CD1 1 
ATOM   323  C CD2 . TRP A 1 42 ? -14.024 -19.201 -6.232  1.00 23.95 ? 42  TRP A CD2 1 
ATOM   324  N NE1 . TRP A 1 42 ? -15.621 -19.458 -7.787  1.00 24.94 ? 42  TRP A NE1 1 
ATOM   325  C CE2 . TRP A 1 42 ? -15.394 -19.481 -6.436  1.00 24.52 ? 42  TRP A CE2 1 
ATOM   326  C CE3 . TRP A 1 42 ? -13.528 -19.165 -4.922  1.00 22.86 ? 42  TRP A CE3 1 
ATOM   327  C CZ2 . TRP A 1 42 ? -16.274 -19.727 -5.378  1.00 24.81 ? 42  TRP A CZ2 1 
ATOM   328  C CZ3 . TRP A 1 42 ? -14.402 -19.410 -3.870  1.00 24.23 ? 42  TRP A CZ3 1 
ATOM   329  C CH2 . TRP A 1 42 ? -15.761 -19.685 -4.105  1.00 25.72 ? 42  TRP A CH2 1 
ATOM   330  N N   . LYS A 1 43 ? -10.194 -20.080 -5.756  1.00 22.11 ? 43  LYS A N   1 
ATOM   331  C CA  . LYS A 1 43 ? -9.978  -20.666 -4.439  1.00 21.51 ? 43  LYS A CA  1 
ATOM   332  C C   . LYS A 1 43 ? -10.339 -19.627 -3.381  1.00 19.59 ? 43  LYS A C   1 
ATOM   333  O O   . LYS A 1 43 ? -10.007 -18.449 -3.530  1.00 17.88 ? 43  LYS A O   1 
ATOM   334  C CB  . LYS A 1 43 ? -8.507  -21.063 -4.280  1.00 23.95 ? 43  LYS A CB  1 
ATOM   335  C CG  . LYS A 1 43 ? -8.016  -22.050 -5.326  1.00 33.74 ? 43  LYS A CG  1 
ATOM   336  C CD  . LYS A 1 43 ? -6.544  -21.823 -5.693  1.00 37.67 ? 43  LYS A CD  1 
ATOM   337  C CE  . LYS A 1 43 ? -6.320  -20.475 -6.399  1.00 40.36 ? 43  LYS A CE  1 
ATOM   338  N NZ  . LYS A 1 43 ? -7.132  -20.283 -7.646  1.00 34.62 ? 43  LYS A NZ  1 
ATOM   339  N N   . PRO A 1 44 ? -11.072 -20.032 -2.330  1.00 17.83 ? 44  PRO A N   1 
ATOM   340  C CA  . PRO A 1 44 ? -11.435 -19.072 -1.281  1.00 16.72 ? 44  PRO A CA  1 
ATOM   341  C C   . PRO A 1 44 ? -10.177 -18.696 -0.495  1.00 15.72 ? 44  PRO A C   1 
ATOM   342  O O   . PRO A 1 44 ? -9.265  -19.511 -0.345  1.00 14.36 ? 44  PRO A O   1 
ATOM   343  C CB  . PRO A 1 44 ? -12.439 -19.855 -0.434  1.00 16.93 ? 44  PRO A CB  1 
ATOM   344  C CG  . PRO A 1 44 ? -11.986 -21.269 -0.591  1.00 16.71 ? 44  PRO A CG  1 
ATOM   345  C CD  . PRO A 1 44 ? -11.658 -21.358 -2.061  1.00 17.65 ? 44  PRO A CD  1 
ATOM   346  N N   . LYS A 1 45 ? -10.120 -17.457 -0.019  1.00 15.58 ? 45  LYS A N   1 
ATOM   347  C CA  . LYS A 1 45 ? -8.955  -16.975 0.717   1.00 15.66 ? 45  LYS A CA  1 
ATOM   348  C C   . LYS A 1 45 ? -9.345  -15.830 1.643   1.00 13.34 ? 45  LYS A C   1 
ATOM   349  O O   . LYS A 1 45 ? -10.357 -15.176 1.432   1.00 13.57 ? 45  LYS A O   1 
ATOM   350  C CB  . LYS A 1 45 ? -7.894  -16.490 -0.287  1.00 18.65 ? 45  LYS A CB  1 
ATOM   351  C CG  . LYS A 1 45 ? -6.570  -16.067 0.314   1.00 21.18 ? 45  LYS A CG  1 
ATOM   352  C CD  . LYS A 1 45 ? -5.606  -15.595 -0.760  1.00 25.25 ? 45  LYS A CD  1 
ATOM   353  C CE  . LYS A 1 45 ? -4.246  -15.225 -0.172  1.00 29.36 ? 45  LYS A CE  1 
ATOM   354  N NZ  . LYS A 1 45 ? -3.566  -16.384 0.495   1.00 32.50 ? 45  LYS A NZ  1 
ATOM   355  N N   . MET A 1 46 ? -8.543  -15.614 2.682   1.00 14.51 ? 46  MET A N   1 
ATOM   356  C CA  . MET A 1 46 ? -8.767  -14.530 3.634   1.00 14.13 ? 46  MET A CA  1 
ATOM   357  C C   . MET A 1 46 ? -7.547  -13.623 3.608   1.00 14.83 ? 46  MET A C   1 
ATOM   358  O O   . MET A 1 46 ? -6.413  -14.094 3.762   1.00 14.61 ? 46  MET A O   1 
ATOM   359  C CB  . MET A 1 46 ? -8.956  -15.073 5.054   1.00 13.82 ? 46  MET A CB  1 
ATOM   360  C CG  . MET A 1 46 ? -10.321 -15.689 5.336   1.00 17.05 ? 46  MET A CG  1 
ATOM   361  S SD  . MET A 1 46 ? -11.603 -14.462 5.606   1.00 21.95 ? 46  MET A SD  1 
ATOM   362  C CE  . MET A 1 46 ? -11.323 -14.065 7.341   1.00 19.90 ? 46  MET A CE  1 
ATOM   363  N N   . ILE A 1 47 ? -7.769  -12.334 3.370   1.00 13.90 ? 47  ILE A N   1 
ATOM   364  C CA  . ILE A 1 47 ? -6.666  -11.383 3.363   1.00 14.29 ? 47  ILE A CA  1 
ATOM   365  C C   . ILE A 1 47 ? -6.900  -10.315 4.422   1.00 13.81 ? 47  ILE A C   1 
ATOM   366  O O   . ILE A 1 47 ? -8.025  -9.855  4.622   1.00 12.21 ? 47  ILE A O   1 
ATOM   367  C CB  . ILE A 1 47 ? -6.429  -10.748 1.975   1.00 15.68 ? 47  ILE A CB  1 
ATOM   368  C CG1 . ILE A 1 47 ? -7.697  -10.069 1.461   1.00 15.50 ? 47  ILE A CG1 1 
ATOM   369  C CG2 . ILE A 1 47 ? -5.944  -11.804 0.997   1.00 16.53 ? 47  ILE A CG2 1 
ATOM   370  C CD1 . ILE A 1 47 ? -7.466  -9.265  0.202   1.00 16.28 ? 47  ILE A CD1 1 
ATOM   371  N N   . GLY A 1 48 ? -5.839  -9.970  5.142   1.00 15.56 ? 48  GLY A N   1 
ATOM   372  C CA  . GLY A 1 48 ? -5.956  -8.983  6.195   1.00 17.29 ? 48  GLY A CA  1 
ATOM   373  C C   . GLY A 1 48 ? -5.137  -7.733  5.991   1.00 18.28 ? 48  GLY A C   1 
ATOM   374  O O   . GLY A 1 48 ? -4.163  -7.719  5.242   1.00 21.33 ? 48  GLY A O   1 
ATOM   375  N N   . GLY A 1 49 ? -5.557  -6.672  6.665   1.00 17.43 ? 49  GLY A N   1 
ATOM   376  C CA  . GLY A 1 49 ? -4.867  -5.400  6.587   1.00 18.14 ? 49  GLY A CA  1 
ATOM   377  C C   . GLY A 1 49 ? -5.382  -4.579  7.739   1.00 16.98 ? 49  GLY A C   1 
ATOM   378  O O   . GLY A 1 49 ? -5.796  -5.139  8.755   1.00 20.57 ? 49  GLY A O   1 
ATOM   379  N N   . ILE A 1 50 ? -5.342  -3.261  7.612   1.00 14.12 ? 50  ILE A N   1 
ATOM   380  C CA  . ILE A 1 50 ? -5.857  -2.415  8.672   1.00 15.44 ? 50  ILE A CA  1 
ATOM   381  C C   . ILE A 1 50 ? -7.369  -2.642  8.762   1.00 16.72 ? 50  ILE A C   1 
ATOM   382  O O   . ILE A 1 50 ? -8.077  -2.619  7.752   1.00 15.62 ? 50  ILE A O   1 
ATOM   383  C CB  . ILE A 1 50 ? -5.511  -0.926  8.421   1.00 15.33 ? 50  ILE A CB  1 
ATOM   384  C CG1 . ILE A 1 50 ? -4.039  -0.686  8.777   1.00 13.36 ? 50  ILE A CG1 1 
ATOM   385  C CG2 . ILE A 1 50 ? -6.416  -0.012  9.237   1.00 15.97 ? 50  ILE A CG2 1 
ATOM   386  C CD1 . ILE A 1 50 ? -3.573  0.722   8.562   1.00 17.79 ? 50  ILE A CD1 1 
ATOM   387  N N   . GLY A 1 51 ? -7.835  -2.949  9.969   1.00 17.63 ? 51  GLY A N   1 
ATOM   388  C CA  . GLY A 1 51 ? -9.251  -3.188  10.176  1.00 16.69 ? 51  GLY A CA  1 
ATOM   389  C C   . GLY A 1 51 ? -9.604  -4.659  10.257  1.00 15.28 ? 51  GLY A C   1 
ATOM   390  O O   . GLY A 1 51 ? -10.707 -5.002  10.671  1.00 18.87 ? 51  GLY A O   1 
ATOM   391  N N   . GLY A 1 52 ? -8.680  -5.529  9.864   1.00 12.93 ? 52  GLY A N   1 
ATOM   392  C CA  . GLY A 1 52 ? -8.958  -6.950  9.926   1.00 12.78 ? 52  GLY A CA  1 
ATOM   393  C C   . GLY A 1 52 ? -8.938  -7.644  8.581   1.00 15.03 ? 52  GLY A C   1 
ATOM   394  O O   . GLY A 1 52 ? -8.367  -7.134  7.616   1.00 17.18 ? 52  GLY A O   1 
ATOM   395  N N   . PHE A 1 53 ? -9.611  -8.790  8.508   1.00 14.18 ? 53  PHE A N   1 
ATOM   396  C CA  . PHE A 1 53 ? -9.658  -9.597  7.292   1.00 13.99 ? 53  PHE A CA  1 
ATOM   397  C C   . PHE A 1 53 ? -10.975 -9.550  6.531   1.00 15.86 ? 53  PHE A C   1 
ATOM   398  O O   . PHE A 1 53 ? -12.026 -9.226  7.093   1.00 14.10 ? 53  PHE A O   1 
ATOM   399  C CB  . PHE A 1 53 ? -9.378  -11.070 7.624   1.00 13.99 ? 53  PHE A CB  1 
ATOM   400  C CG  . PHE A 1 53 ? -7.984  -11.343 8.113   1.00 14.97 ? 53  PHE A CG  1 
ATOM   401  C CD1 . PHE A 1 53 ? -7.575  -10.925 9.377   1.00 15.68 ? 53  PHE A CD1 1 
ATOM   402  C CD2 . PHE A 1 53 ? -7.079  -12.032 7.313   1.00 13.46 ? 53  PHE A CD2 1 
ATOM   403  C CE1 . PHE A 1 53 ? -6.288  -11.191 9.833   1.00 14.41 ? 53  PHE A CE1 1 
ATOM   404  C CE2 . PHE A 1 53 ? -5.790  -12.300 7.761   1.00 15.32 ? 53  PHE A CE2 1 
ATOM   405  C CZ  . PHE A 1 53 ? -5.396  -11.878 9.023   1.00 14.96 ? 53  PHE A CZ  1 
ATOM   406  N N   . ILE A 1 54 ? -10.895 -9.864  5.239   1.00 14.07 ? 54  ILE A N   1 
ATOM   407  C CA  . ILE A 1 54 ? -12.068 -9.954  4.371   1.00 12.96 ? 54  ILE A CA  1 
ATOM   408  C C   . ILE A 1 54 ? -11.900 -11.230 3.548   1.00 13.07 ? 54  ILE A C   1 
ATOM   409  O O   . ILE A 1 54 ? -10.776 -11.622 3.220   1.00 13.07 ? 54  ILE A O   1 
ATOM   410  C CB  . ILE A 1 54 ? -12.251 -8.740  3.407   1.00 14.07 ? 54  ILE A CB  1 
ATOM   411  C CG1 . ILE A 1 54 ? -11.049 -8.595  2.468   1.00 13.69 ? 54  ILE A CG1 1 
ATOM   412  C CG2 . ILE A 1 54 ? -12.526 -7.463  4.196   1.00 12.71 ? 54  ILE A CG2 1 
ATOM   413  C CD1 . ILE A 1 54 ? -11.275 -7.602  1.336   1.00 14.07 ? 54  ILE A CD1 1 
ATOM   414  N N   . LYS A 1 55 ? -13.013 -11.900 3.276   1.00 14.00 ? 55  LYS A N   1 
ATOM   415  C CA  . LYS A 1 55 ? -13.022 -13.130 2.490   1.00 13.82 ? 55  LYS A CA  1 
ATOM   416  C C   . LYS A 1 55 ? -13.037 -12.738 1.011   1.00 12.87 ? 55  LYS A C   1 
ATOM   417  O O   . LYS A 1 55 ? -13.809 -11.866 0.606   1.00 14.38 ? 55  LYS A O   1 
ATOM   418  C CB  . LYS A 1 55 ? -14.274 -13.941 2.837   1.00 14.97 ? 55  LYS A CB  1 
ATOM   419  C CG  . LYS A 1 55 ? -14.354 -15.316 2.217   1.00 19.09 ? 55  LYS A CG  1 
ATOM   420  C CD  . LYS A 1 55 ? -15.707 -15.925 2.535   1.00 26.35 ? 55  LYS A CD  1 
ATOM   421  C CE  . LYS A 1 55 ? -15.941 -17.219 1.782   1.00 32.70 ? 55  LYS A CE  1 
ATOM   422  N NZ  . LYS A 1 55 ? -14.994 -18.292 2.196   1.00 39.66 ? 55  LYS A NZ  1 
ATOM   423  N N   . VAL A 1 56 ? -12.171 -13.367 0.217   1.00 12.78 ? 56  VAL A N   1 
ATOM   424  C CA  . VAL A 1 56 ? -12.069 -13.084 -1.218  1.00 10.88 ? 56  VAL A CA  1 
ATOM   425  C C   . VAL A 1 56 ? -11.937 -14.367 -2.040  1.00 12.19 ? 56  VAL A C   1 
ATOM   426  O O   . VAL A 1 56 ? -11.649 -15.435 -1.502  1.00 13.80 ? 56  VAL A O   1 
ATOM   427  C CB  . VAL A 1 56 ? -10.828 -12.187 -1.551  1.00 10.83 ? 56  VAL A CB  1 
ATOM   428  C CG1 . VAL A 1 56 ? -10.930 -10.846 -0.860  1.00 10.85 ? 56  VAL A CG1 1 
ATOM   429  C CG2 . VAL A 1 56 ? -9.537  -12.882 -1.142  1.00 11.56 ? 56  VAL A CG2 1 
ATOM   430  N N   . ARG A 1 57 ? -12.179 -14.257 -3.343  1.00 13.12 ? 57  ARG A N   1 
ATOM   431  C CA  . ARG A 1 57 ? -12.046 -15.392 -4.253  1.00 13.64 ? 57  ARG A CA  1 
ATOM   432  C C   . ARG A 1 57 ? -10.767 -15.145 -5.048  1.00 12.48 ? 57  ARG A C   1 
ATOM   433  O O   . ARG A 1 57 ? -10.569 -14.067 -5.601  1.00 12.76 ? 57  ARG A O   1 
ATOM   434  C CB  . ARG A 1 57 ? -13.242 -15.490 -5.206  1.00 15.27 ? 57  ARG A CB  1 
ATOM   435  C CG  . ARG A 1 57 ? -14.595 -15.587 -4.521  1.00 18.30 ? 57  ARG A CG  1 
ATOM   436  C CD  . ARG A 1 57 ? -15.696 -16.004 -5.496  1.00 23.74 ? 57  ARG A CD  1 
ATOM   437  N NE  . ARG A 1 57 ? -15.711 -15.215 -6.730  1.00 25.00 ? 57  ARG A NE  1 
ATOM   438  C CZ  . ARG A 1 57 ? -16.293 -14.023 -6.862  1.00 26.93 ? 57  ARG A CZ  1 
ATOM   439  N NH1 . ARG A 1 57 ? -16.916 -13.465 -5.832  1.00 25.79 ? 57  ARG A NH1 1 
ATOM   440  N NH2 . ARG A 1 57 ? -16.263 -13.394 -8.035  1.00 25.35 ? 57  ARG A NH2 1 
ATOM   441  N N   . GLN A 1 58 ? -9.886  -16.135 -5.074  1.00 13.72 ? 58  GLN A N   1 
ATOM   442  C CA  . GLN A 1 58 ? -8.629  -16.010 -5.794  1.00 13.78 ? 58  GLN A CA  1 
ATOM   443  C C   . GLN A 1 58 ? -8.674  -16.592 -7.202  1.00 14.49 ? 58  GLN A C   1 
ATOM   444  O O   . GLN A 1 58 ? -8.959  -17.781 -7.386  1.00 13.90 ? 58  GLN A O   1 
ATOM   445  C CB  . GLN A 1 58 ? -7.505  -16.677 -5.012  1.00 15.38 ? 58  GLN A CB  1 
ATOM   446  C CG  . GLN A 1 58 ? -6.179  -16.667 -5.744  1.00 18.31 ? 58  GLN A CG  1 
ATOM   447  C CD  . GLN A 1 58 ? -5.100  -17.437 -5.020  1.00 23.50 ? 58  GLN A CD  1 
ATOM   448  O OE1 . GLN A 1 58 ? -5.284  -17.879 -3.883  1.00 23.57 ? 58  GLN A OE1 1 
ATOM   449  N NE2 . GLN A 1 58 ? -3.958  -17.603 -5.676  1.00 25.14 ? 58  GLN A NE2 1 
ATOM   450  N N   . TYR A 1 59 ? -8.373  -15.742 -8.184  1.00 13.41 ? 59  TYR A N   1 
ATOM   451  C CA  . TYR A 1 59 ? -8.325  -16.137 -9.592  1.00 14.04 ? 59  TYR A CA  1 
ATOM   452  C C   . TYR A 1 59 ? -6.885  -15.963 -10.072 1.00 17.07 ? 59  TYR A C   1 
ATOM   453  O O   . TYR A 1 59 ? -6.246  -14.950 -9.789  1.00 16.48 ? 59  TYR A O   1 
ATOM   454  C CB  . TYR A 1 59 ? -9.233  -15.256 -10.448 1.00 13.86 ? 59  TYR A CB  1 
ATOM   455  C CG  . TYR A 1 59 ? -10.714 -15.426 -10.207 1.00 16.53 ? 59  TYR A CG  1 
ATOM   456  C CD1 . TYR A 1 59 ? -11.370 -14.675 -9.231  1.00 15.91 ? 59  TYR A CD1 1 
ATOM   457  C CD2 . TYR A 1 59 ? -11.473 -16.297 -10.992 1.00 17.58 ? 59  TYR A CD2 1 
ATOM   458  C CE1 . TYR A 1 59 ? -12.742 -14.777 -9.047  1.00 17.55 ? 59  TYR A CE1 1 
ATOM   459  C CE2 . TYR A 1 59 ? -12.853 -16.409 -10.816 1.00 18.00 ? 59  TYR A CE2 1 
ATOM   460  C CZ  . TYR A 1 59 ? -13.478 -15.643 -9.843  1.00 18.93 ? 59  TYR A CZ  1 
ATOM   461  O OH  . TYR A 1 59 ? -14.841 -15.708 -9.684  1.00 23.87 ? 59  TYR A OH  1 
ATOM   462  N N   . ASP A 1 60 ? -6.365  -16.954 -10.786 1.00 18.91 ? 60  ASP A N   1 
ATOM   463  C CA  . ASP A 1 60 ? -5.002  -16.867 -11.294 1.00 20.19 ? 60  ASP A CA  1 
ATOM   464  C C   . ASP A 1 60 ? -4.977  -16.717 -12.815 1.00 19.89 ? 60  ASP A C   1 
ATOM   465  O O   . ASP A 1 60 ? -6.002  -16.879 -13.488 1.00 19.87 ? 60  ASP A O   1 
ATOM   466  C CB  . ASP A 1 60 ? -4.205  -18.103 -10.875 1.00 22.56 ? 60  ASP A CB  1 
ATOM   467  C CG  . ASP A 1 60 ? -4.227  -18.329 -9.377  1.00 24.00 ? 60  ASP A CG  1 
ATOM   468  O OD1 . ASP A 1 60 ? -4.096  -17.347 -8.618  1.00 25.34 ? 60  ASP A OD1 1 
ATOM   469  O OD2 . ASP A 1 60 ? -4.380  -19.492 -8.955  1.00 27.01 ? 60  ASP A OD2 1 
ATOM   470  N N   . GLN A 1 61 ? -3.803  -16.383 -13.343 1.00 20.49 ? 61  GLN A N   1 
ATOM   471  C CA  . GLN A 1 61 ? -3.594  -16.222 -14.779 1.00 20.69 ? 61  GLN A CA  1 
ATOM   472  C C   . GLN A 1 61 ? -4.628  -15.295 -15.420 1.00 19.12 ? 61  GLN A C   1 
ATOM   473  O O   . GLN A 1 61 ? -5.203  -15.616 -16.459 1.00 18.93 ? 61  GLN A O   1 
ATOM   474  C CB  . GLN A 1 61 ? -3.603  -17.592 -15.479 1.00 22.71 ? 61  GLN A CB  1 
ATOM   475  C CG  . GLN A 1 61 ? -2.719  -18.671 -14.838 1.00 29.48 ? 61  GLN A CG  1 
ATOM   476  C CD  . GLN A 1 61 ? -1.246  -18.284 -14.718 1.00 35.77 ? 61  GLN A CD  1 
ATOM   477  O OE1 . GLN A 1 61 ? -0.560  -18.712 -13.788 1.00 39.32 ? 61  GLN A OE1 1 
ATOM   478  N NE2 . GLN A 1 61 ? -0.753  -17.482 -15.658 1.00 39.22 ? 61  GLN A NE2 1 
ATOM   479  N N   . ILE A 1 62 ? -4.856  -14.144 -14.797 1.00 18.74 ? 62  ILE A N   1 
ATOM   480  C CA  . ILE A 1 62 ? -5.815  -13.161 -15.299 1.00 17.96 ? 62  ILE A CA  1 
ATOM   481  C C   . ILE A 1 62 ? -5.118  -12.045 -16.083 1.00 18.29 ? 62  ILE A C   1 
ATOM   482  O O   . ILE A 1 62 ? -4.171  -11.431 -15.590 1.00 17.67 ? 62  ILE A O   1 
ATOM   483  C CB  . ILE A 1 62 ? -6.611  -12.525 -14.129 1.00 18.36 ? 62  ILE A CB  1 
ATOM   484  C CG1 . ILE A 1 62 ? -7.351  -13.612 -13.340 1.00 14.76 ? 62  ILE A CG1 1 
ATOM   485  C CG2 . ILE A 1 62 ? -7.571  -11.451 -14.648 1.00 15.77 ? 62  ILE A CG2 1 
ATOM   486  C CD1 . ILE A 1 62 ? -8.443  -14.313 -14.112 1.00 15.56 ? 62  ILE A CD1 1 
ATOM   487  N N   . LEU A 1 63 ? -5.581  -11.790 -17.306 1.00 18.39 ? 63  LEU A N   1 
ATOM   488  C CA  . LEU A 1 63 ? -4.999  -10.735 -18.128 1.00 20.14 ? 63  LEU A CA  1 
ATOM   489  C C   . LEU A 1 63 ? -5.568  -9.372  -17.727 1.00 21.91 ? 63  LEU A C   1 
ATOM   490  O O   . LEU A 1 63 ? -6.786  -9.193  -17.652 1.00 21.24 ? 63  LEU A O   1 
ATOM   491  C CB  . LEU A 1 63 ? -5.259  -10.987 -19.617 1.00 24.93 ? 63  LEU A CB  1 
ATOM   492  C CG  . LEU A 1 63 ? -4.794  -9.862  -20.556 1.00 29.48 ? 63  LEU A CG  1 
ATOM   493  C CD1 . LEU A 1 63 ? -3.273  -9.744  -20.526 1.00 28.82 ? 63  LEU A CD1 1 
ATOM   494  C CD2 . LEU A 1 63 ? -5.286  -10.110 -21.981 1.00 31.95 ? 63  LEU A CD2 1 
ATOM   495  N N   . ILE A 1 64 ? -4.673  -8.424  -17.460 1.00 18.99 ? 64  ILE A N   1 
ATOM   496  C CA  . ILE A 1 64 ? -5.049  -7.072  -17.072 1.00 19.41 ? 64  ILE A CA  1 
ATOM   497  C C   . ILE A 1 64 ? -4.187  -6.083  -17.845 1.00 21.51 ? 64  ILE A C   1 
ATOM   498  O O   . ILE A 1 64 ? -2.980  -6.274  -17.989 1.00 20.85 ? 64  ILE A O   1 
ATOM   499  C CB  . ILE A 1 64 ? -4.808  -6.815  -15.566 1.00 19.96 ? 64  ILE A CB  1 
ATOM   500  C CG1 . ILE A 1 64 ? -5.610  -7.795  -14.714 1.00 20.00 ? 64  ILE A CG1 1 
ATOM   501  C CG2 . ILE A 1 64 ? -5.197  -5.386  -15.207 1.00 18.76 ? 64  ILE A CG2 1 
ATOM   502  C CD1 . ILE A 1 64 ? -5.412  -7.600  -13.225 1.00 22.03 ? 64  ILE A CD1 1 
ATOM   503  N N   . GLU A 1 65 ? -4.811  -5.024  -18.341 1.00 22.27 ? 65  GLU A N   1 
ATOM   504  C CA  . GLU A 1 65 ? -4.079  -4.010  -19.075 1.00 25.30 ? 65  GLU A CA  1 
ATOM   505  C C   . GLU A 1 65 ? -3.911  -2.776  -18.193 1.00 24.16 ? 65  GLU A C   1 
ATOM   506  O O   . GLU A 1 65 ? -4.896  -2.170  -17.763 1.00 22.83 ? 65  GLU A O   1 
ATOM   507  C CB  . GLU A 1 65 ? -4.808  -3.663  -20.369 1.00 28.62 ? 65  GLU A CB  1 
ATOM   508  C CG  . GLU A 1 65 ? -3.968  -2.870  -21.351 1.00 36.56 ? 65  GLU A CG  1 
ATOM   509  C CD  . GLU A 1 65 ? -4.695  -2.583  -22.650 1.00 41.81 ? 65  GLU A CD  1 
ATOM   510  O OE1 . GLU A 1 65 ? -4.238  -1.682  -23.391 1.00 42.98 ? 65  GLU A OE1 1 
ATOM   511  O OE2 . GLU A 1 65 ? -5.719  -3.255  -22.931 1.00 42.76 ? 65  GLU A OE2 1 
ATOM   512  N N   . ILE A 1 66 ? -2.658  -2.460  -17.866 1.00 23.94 ? 66  ILE A N   1 
ATOM   513  C CA  . ILE A 1 66 ? -2.337  -1.304  -17.027 1.00 25.02 ? 66  ILE A CA  1 
ATOM   514  C C   . ILE A 1 66 ? -1.154  -0.537  -17.592 1.00 22.97 ? 66  ILE A C   1 
ATOM   515  O O   . ILE A 1 66 ? -0.161  -1.134  -18.001 1.00 21.82 ? 66  ILE A O   1 
ATOM   516  C CB  . ILE A 1 66 ? -1.878  -1.695  -15.596 1.00 26.91 ? 66  ILE A CB  1 
ATOM   517  C CG1 . ILE A 1 66 ? -2.800  -2.723  -14.961 1.00 33.58 ? 66  ILE A CG1 1 
ATOM   518  C CG2 . ILE A 1 66 ? -1.835  -0.458  -14.709 1.00 24.86 ? 66  ILE A CG2 1 
ATOM   519  C CD1 . ILE A 1 66 ? -2.459  -2.968  -13.497 1.00 36.83 ? 66  ILE A CD1 1 
ATOM   520  N N   . CYS A 1 67 ? -1.258  0.787   -17.571 1.00 23.62 ? 67  CYS A N   1 
ATOM   521  C CA  . CYS A 1 67 ? -0.192  1.675   -18.022 1.00 24.94 ? 67  CYS A CA  1 
ATOM   522  C C   . CYS A 1 67 ? 0.423   1.287   -19.364 1.00 26.57 ? 67  CYS A C   1 
ATOM   523  O O   . CYS A 1 67 ? 1.647   1.336   -19.533 1.00 27.40 ? 67  CYS A O   1 
ATOM   524  C CB  . CYS A 1 67 ? 0.901   1.740   -16.951 1.00 25.76 ? 67  CYS A CB  1 
ATOM   525  S SG  . CYS A 1 67 ? 0.319   2.161   -15.289 1.00 24.56 ? 67  CYS A SG  1 
ATOM   526  N N   . GLY A 1 68 ? -0.430  0.874   -20.298 1.00 25.88 ? 68  GLY A N   1 
ATOM   527  C CA  . GLY A 1 68 ? 0.032   0.494   -21.623 1.00 27.05 ? 68  GLY A CA  1 
ATOM   528  C C   . GLY A 1 68 ? 0.590   -0.909  -21.772 1.00 26.96 ? 68  GLY A C   1 
ATOM   529  O O   . GLY A 1 68 ? 1.056   -1.277  -22.849 1.00 29.74 ? 68  GLY A O   1 
ATOM   530  N N   . HIS A 1 69 ? 0.559   -1.691  -20.698 1.00 24.29 ? 69  HIS A N   1 
ATOM   531  C CA  . HIS A 1 69 ? 1.063   -3.060  -20.733 1.00 24.48 ? 69  HIS A CA  1 
ATOM   532  C C   . HIS A 1 69 ? -0.076  -4.050  -20.565 1.00 24.23 ? 69  HIS A C   1 
ATOM   533  O O   . HIS A 1 69 ? -1.135  -3.709  -20.039 1.00 24.93 ? 69  HIS A O   1 
ATOM   534  C CB  . HIS A 1 69 ? 2.046   -3.309  -19.587 1.00 25.14 ? 69  HIS A CB  1 
ATOM   535  C CG  . HIS A 1 69 ? 3.242   -2.409  -19.596 1.00 27.23 ? 69  HIS A CG  1 
ATOM   536  N ND1 . HIS A 1 69 ? 3.159   -1.057  -19.351 1.00 29.04 ? 69  HIS A ND1 1 
ATOM   537  C CD2 . HIS A 1 69 ? 4.555   -2.680  -19.783 1.00 27.81 ? 69  HIS A CD2 1 
ATOM   538  C CE1 . HIS A 1 69 ? 4.368   -0.527  -19.387 1.00 30.92 ? 69  HIS A CE1 1 
ATOM   539  N NE2 . HIS A 1 69 ? 5.234   -1.492  -19.649 1.00 31.31 ? 69  HIS A NE2 1 
ATOM   540  N N   . LYS A 1 70 ? 0.147   -5.273  -21.030 1.00 23.38 ? 70  LYS A N   1 
ATOM   541  C CA  . LYS A 1 70 ? -0.829  -6.340  -20.876 1.00 25.94 ? 70  LYS A CA  1 
ATOM   542  C C   . LYS A 1 70 ? -0.140  -7.358  -19.995 1.00 25.86 ? 70  LYS A C   1 
ATOM   543  O O   . LYS A 1 70 ? 0.631   -8.188  -20.472 1.00 28.05 ? 70  LYS A O   1 
ATOM   544  C CB  . LYS A 1 70 ? -1.225  -6.937  -22.226 1.00 29.50 ? 70  LYS A CB  1 
ATOM   545  C CG  . LYS A 1 70 ? -2.188  -6.044  -22.978 1.00 34.44 ? 70  LYS A CG  1 
ATOM   546  C CD  . LYS A 1 70 ? -2.361  -6.456  -24.421 1.00 36.94 ? 70  LYS A CD  1 
ATOM   547  C CE  . LYS A 1 70 ? -2.924  -5.291  -25.219 1.00 40.37 ? 70  LYS A CE  1 
ATOM   548  N NZ  . LYS A 1 70 ? -2.066  -4.070  -25.059 1.00 41.26 ? 70  LYS A NZ  1 
ATOM   549  N N   . ALA A 1 71 ? -0.353  -7.209  -18.691 1.00 23.81 ? 71  ALA A N   1 
ATOM   550  C CA  . ALA A 1 71 ? 0.248   -8.080  -17.690 1.00 20.93 ? 71  ALA A CA  1 
ATOM   551  C C   . ALA A 1 71 ? -0.673  -9.213  -17.258 1.00 20.21 ? 71  ALA A C   1 
ATOM   552  O O   . ALA A 1 71 ? -1.894  -9.104  -17.338 1.00 19.55 ? 71  ALA A O   1 
ATOM   553  C CB  . ALA A 1 71 ? 0.665   -7.255  -16.479 1.00 20.04 ? 71  ALA A CB  1 
ATOM   554  N N   . ILE A 1 72 ? -0.070  -10.304 -16.802 1.00 18.26 ? 72  ILE A N   1 
ATOM   555  C CA  . ILE A 1 72 ? -0.824  -11.458 -16.340 1.00 18.87 ? 72  ILE A CA  1 
ATOM   556  C C   . ILE A 1 72 ? -0.540  -11.643 -14.859 1.00 19.48 ? 72  ILE A C   1 
ATOM   557  O O   . ILE A 1 72 ? 0.602   -11.502 -14.416 1.00 17.63 ? 72  ILE A O   1 
ATOM   558  C CB  . ILE A 1 72 ? -0.440  -12.742 -17.115 1.00 20.21 ? 72  ILE A CB  1 
ATOM   559  C CG1 . ILE A 1 72 ? -0.828  -12.586 -18.589 1.00 23.16 ? 72  ILE A CG1 1 
ATOM   560  C CG2 . ILE A 1 72 ? -1.109  -13.967 -16.490 1.00 17.91 ? 72  ILE A CG2 1 
ATOM   561  C CD1 . ILE A 1 72 ? -0.738  -13.858 -19.379 1.00 28.57 ? 72  ILE A CD1 1 
ATOM   562  N N   . GLY A 1 73 ? -1.586  -11.942 -14.092 1.00 19.25 ? 73  GLY A N   1 
ATOM   563  C CA  . GLY A 1 73 ? -1.410  -12.128 -12.666 1.00 19.85 ? 73  GLY A CA  1 
ATOM   564  C C   . GLY A 1 73 ? -2.635  -12.615 -11.925 1.00 16.68 ? 73  GLY A C   1 
ATOM   565  O O   . GLY A 1 73 ? -3.669  -12.913 -12.522 1.00 16.27 ? 73  GLY A O   1 
ATOM   566  N N   . THR A 1 74 ? -2.485  -12.714 -10.609 1.00 15.78 ? 74  THR A N   1 
ATOM   567  C CA  . THR A 1 74 ? -3.540  -13.168 -9.718  1.00 14.26 ? 74  THR A CA  1 
ATOM   568  C C   . THR A 1 74 ? -4.428  -12.006 -9.297  1.00 13.48 ? 74  THR A C   1 
ATOM   569  O O   . THR A 1 74 ? -3.947  -10.905 -9.051  1.00 12.43 ? 74  THR A O   1 
ATOM   570  C CB  . THR A 1 74 ? -2.930  -13.803 -8.449  1.00 15.84 ? 74  THR A CB  1 
ATOM   571  O OG1 . THR A 1 74 ? -2.262  -15.019 -8.801  1.00 18.04 ? 74  THR A OG1 1 
ATOM   572  C CG2 . THR A 1 74 ? -4.003  -14.094 -7.402  1.00 17.65 ? 74  THR A CG2 1 
ATOM   573  N N   . VAL A 1 75 ? -5.731  -12.248 -9.246  1.00 11.96 ? 75  VAL A N   1 
ATOM   574  C CA  . VAL A 1 75 ? -6.664  -11.221 -8.821  1.00 11.82 ? 75  VAL A CA  1 
ATOM   575  C C   . VAL A 1 75 ? -7.548  -11.767 -7.705  1.00 11.18 ? 75  VAL A C   1 
ATOM   576  O O   . VAL A 1 75 ? -8.098  -12.866 -7.813  1.00 11.30 ? 75  VAL A O   1 
ATOM   577  C CB  . VAL A 1 75 ? -7.557  -10.731 -9.977  1.00 10.53 ? 75  VAL A CB  1 
ATOM   578  C CG1 . VAL A 1 75 ? -8.467  -9.607  -9.497  1.00 10.16 ? 75  VAL A CG1 1 
ATOM   579  C CG2 . VAL A 1 75 ? -6.702  -10.264 -11.146 1.00 12.24 ? 75  VAL A CG2 1 
ATOM   580  N N   . LEU A 1 76 ? -7.601  -11.030 -6.604  1.00 11.76 ? 76  LEU A N   1 
ATOM   581  C CA  . LEU A 1 76 ? -8.433  -11.396 -5.467  1.00 12.38 ? 76  LEU A CA  1 
ATOM   582  C C   . LEU A 1 76 ? -9.675  -10.513 -5.575  1.00 12.52 ? 76  LEU A C   1 
ATOM   583  O O   . LEU A 1 76 ? -9.565  -9.294  -5.676  1.00 11.09 ? 76  LEU A O   1 
ATOM   584  C CB  . LEU A 1 76 ? -7.698  -11.132 -4.150  1.00 12.45 ? 76  LEU A CB  1 
ATOM   585  C CG  . LEU A 1 76 ? -6.328  -11.797 -4.002  1.00 11.48 ? 76  LEU A CG  1 
ATOM   586  C CD1 . LEU A 1 76 ? -5.758  -11.493 -2.625  1.00 13.48 ? 76  LEU A CD1 1 
ATOM   587  C CD2 . LEU A 1 76 ? -6.442  -13.295 -4.216  1.00 12.63 ? 76  LEU A CD2 1 
ATOM   588  N N   . VAL A 1 77 ? -10.844 -11.146 -5.627  1.00 12.74 ? 77  VAL A N   1 
ATOM   589  C CA  . VAL A 1 77 ? -12.120 -10.447 -5.751  1.00 10.88 ? 77  VAL A CA  1 
ATOM   590  C C   . VAL A 1 77 ? -12.923 -10.547 -4.450  1.00 11.75 ? 77  VAL A C   1 
ATOM   591  O O   . VAL A 1 77 ? -13.155 -11.642 -3.927  1.00 10.58 ? 77  VAL A O   1 
ATOM   592  C CB  . VAL A 1 77 ? -12.943 -11.031 -6.919  1.00 12.17 ? 77  VAL A CB  1 
ATOM   593  C CG1 . VAL A 1 77 ? -14.272 -10.313 -7.053  1.00 12.75 ? 77  VAL A CG1 1 
ATOM   594  C CG2 . VAL A 1 77 ? -12.143 -10.935 -8.213  1.00 11.53 ? 77  VAL A CG2 1 
ATOM   595  N N   . GLY A 1 78 ? -13.342 -9.399  -3.933  1.00 11.06 ? 78  GLY A N   1 
ATOM   596  C CA  . GLY A 1 78 ? -14.099 -9.403  -2.697  1.00 12.29 ? 78  GLY A CA  1 
ATOM   597  C C   . GLY A 1 78 ? -14.564 -8.030  -2.270  1.00 12.78 ? 78  GLY A C   1 
ATOM   598  O O   . GLY A 1 78 ? -14.431 -7.061  -3.021  1.00 14.67 ? 78  GLY A O   1 
ATOM   599  N N   . PRO A 1 79 ? -15.102 -7.914  -1.047  1.00 11.60 ? 79  PRO A N   1 
ATOM   600  C CA  . PRO A 1 79 ? -15.596 -6.640  -0.520  1.00 14.98 ? 79  PRO A CA  1 
ATOM   601  C C   . PRO A 1 79 ? -14.515 -5.655  -0.055  1.00 14.81 ? 79  PRO A C   1 
ATOM   602  O O   . PRO A 1 79 ? -14.538 -5.191  1.086   1.00 13.69 ? 79  PRO A O   1 
ATOM   603  C CB  . PRO A 1 79 ? -16.506 -7.090  0.627   1.00 14.34 ? 79  PRO A CB  1 
ATOM   604  C CG  . PRO A 1 79 ? -15.773 -8.272  1.168   1.00 14.82 ? 79  PRO A CG  1 
ATOM   605  C CD  . PRO A 1 79 ? -15.346 -9.012  -0.095  1.00 13.38 ? 79  PRO A CD  1 
ATOM   606  N N   . THR A 1 80 ? -13.560 -5.353  -0.933  1.00 13.02 ? 80  THR A N   1 
ATOM   607  C CA  . THR A 1 80 ? -12.509 -4.399  -0.596  1.00 13.29 ? 80  THR A CA  1 
ATOM   608  C C   . THR A 1 80 ? -13.075 -2.997  -0.801  1.00 13.15 ? 80  THR A C   1 
ATOM   609  O O   . THR A 1 80 ? -13.781 -2.740  -1.780  1.00 12.61 ? 80  THR A O   1 
ATOM   610  C CB  . THR A 1 80 ? -11.243 -4.575  -1.475  1.00 13.62 ? 80  THR A CB  1 
ATOM   611  O OG1 . THR A 1 80 ? -10.294 -3.544  -1.154  1.00 12.19 ? 80  THR A OG1 1 
ATOM   612  C CG2 . THR A 1 80 ? -11.593 -4.514  -2.963  1.00 11.99 ? 80  THR A CG2 1 
ATOM   613  N N   . PRO A 1 81 ? -12.774 -2.070  0.122   1.00 14.39 ? 81  PRO A N   1 
ATOM   614  C CA  . PRO A 1 81 ? -13.257 -0.687  0.039   1.00 14.73 ? 81  PRO A CA  1 
ATOM   615  C C   . PRO A 1 81 ? -12.701 0.096   -1.149  1.00 14.26 ? 81  PRO A C   1 
ATOM   616  O O   . PRO A 1 81 ? -13.290 1.088   -1.574  1.00 14.11 ? 81  PRO A O   1 
ATOM   617  C CB  . PRO A 1 81 ? -12.816 -0.095  1.377   1.00 15.88 ? 81  PRO A CB  1 
ATOM   618  C CG  . PRO A 1 81 ? -11.565 -0.854  1.675   1.00 18.37 ? 81  PRO A CG  1 
ATOM   619  C CD  . PRO A 1 81 ? -11.955 -2.263  1.330   1.00 15.82 ? 81  PRO A CD  1 
ATOM   620  N N   . VAL A 1 82 ? -11.583 -0.367  -1.701  1.00 14.73 ? 82  VAL A N   1 
ATOM   621  C CA  . VAL A 1 82 ? -10.962 0.298   -2.844  1.00 15.04 ? 82  VAL A CA  1 
ATOM   622  C C   . VAL A 1 82 ? -10.232 -0.729  -3.715  1.00 14.56 ? 82  VAL A C   1 
ATOM   623  O O   . VAL A 1 82 ? -9.724  -1.728  -3.207  1.00 15.19 ? 82  VAL A O   1 
ATOM   624  C CB  . VAL A 1 82 ? -9.948  1.383   -2.377  1.00 18.85 ? 82  VAL A CB  1 
ATOM   625  C CG1 . VAL A 1 82 ? -8.772  0.744   -1.695  1.00 19.40 ? 82  VAL A CG1 1 
ATOM   626  C CG2 . VAL A 1 82 ? -9.471  2.206   -3.543  1.00 22.32 ? 82  VAL A CG2 1 
ATOM   627  N N   . ASN A 1 83 ? -10.216 -0.500  -5.028  1.00 12.70 ? 83  ASN A N   1 
ATOM   628  C CA  . ASN A 1 83 ? -9.525  -1.402  -5.944  1.00 11.23 ? 83  ASN A CA  1 
ATOM   629  C C   . ASN A 1 83 ? -8.034  -1.166  -5.750  1.00 12.93 ? 83  ASN A C   1 
ATOM   630  O O   . ASN A 1 83 ? -7.570  -0.023  -5.734  1.00 12.63 ? 83  ASN A O   1 
ATOM   631  C CB  . ASN A 1 83 ? -9.930  -1.133  -7.386  1.00 12.20 ? 83  ASN A CB  1 
ATOM   632  C CG  . ASN A 1 83 ? -11.372 -1.504  -7.663  1.00 14.91 ? 83  ASN A CG  1 
ATOM   633  O OD1 . ASN A 1 83 ? -11.925 -2.402  -7.026  1.00 11.79 ? 83  ASN A OD1 1 
ATOM   634  N ND2 . ASN A 1 83 ? -11.986 -0.818  -8.623  1.00 15.46 ? 83  ASN A ND2 1 
ATOM   635  N N   . ILE A 1 84 ? -7.289  -2.259  -5.637  1.00 12.99 ? 84  ILE A N   1 
ATOM   636  C CA  . ILE A 1 84 ? -5.861  -2.207  -5.368  1.00 12.00 ? 84  ILE A CA  1 
ATOM   637  C C   . ILE A 1 84 ? -5.045  -3.066  -6.316  1.00 11.87 ? 84  ILE A C   1 
ATOM   638  O O   . ILE A 1 84 ? -5.366  -4.231  -6.534  1.00 11.71 ? 84  ILE A O   1 
ATOM   639  C CB  . ILE A 1 84 ? -5.596  -2.736  -3.936  1.00 15.37 ? 84  ILE A CB  1 
ATOM   640  C CG1 . ILE A 1 84 ? -6.168  -1.777  -2.893  1.00 14.33 ? 84  ILE A CG1 1 
ATOM   641  C CG2 . ILE A 1 84 ? -4.112  -2.992  -3.708  1.00 17.48 ? 84  ILE A CG2 1 
ATOM   642  C CD1 . ILE A 1 84 ? -6.359  -2.431  -1.534  1.00 18.91 ? 84  ILE A CD1 1 
ATOM   643  N N   . ILE A 1 85 ? -3.990  -2.478  -6.873  1.00 10.28 ? 85  ILE A N   1 
ATOM   644  C CA  . ILE A 1 85 ? -3.073  -3.192  -7.755  1.00 11.66 ? 85  ILE A CA  1 
ATOM   645  C C   . ILE A 1 85 ? -1.845  -3.513  -6.891  1.00 10.05 ? 85  ILE A C   1 
ATOM   646  O O   . ILE A 1 85 ? -1.126  -2.615  -6.452  1.00 9.61  ? 85  ILE A O   1 
ATOM   647  C CB  . ILE A 1 85 ? -2.642  -2.335  -8.969  1.00 10.63 ? 85  ILE A CB  1 
ATOM   648  C CG1 . ILE A 1 85 ? -3.871  -1.860  -9.748  1.00 11.93 ? 85  ILE A CG1 1 
ATOM   649  C CG2 . ILE A 1 85 ? -1.724  -3.147  -9.887  1.00 13.72 ? 85  ILE A CG2 1 
ATOM   650  C CD1 . ILE A 1 85 ? -4.758  -2.981  -10.238 1.00 12.48 ? 85  ILE A CD1 1 
ATOM   651  N N   . GLY A 1 86 ? -1.652  -4.796  -6.603  1.00 10.30 ? 86  GLY A N   1 
ATOM   652  C CA  . GLY A 1 86 ? -0.537  -5.206  -5.771  1.00 11.21 ? 86  GLY A CA  1 
ATOM   653  C C   . GLY A 1 86 ? 0.742   -5.496  -6.527  1.00 10.36 ? 86  GLY A C   1 
ATOM   654  O O   . GLY A 1 86 ? 0.774   -5.460  -7.760  1.00 8.87  ? 86  GLY A O   1 
ATOM   655  N N   . ARG A 1 87 ? 1.787   -5.831  -5.774  1.00 9.74  ? 87  ARG A N   1 
ATOM   656  C CA  . ARG A 1 87 ? 3.105   -6.128  -6.333  1.00 10.45 ? 87  ARG A CA  1 
ATOM   657  C C   . ARG A 1 87 ? 3.101   -7.257  -7.352  1.00 9.87  ? 87  ARG A C   1 
ATOM   658  O O   . ARG A 1 87 ? 3.921   -7.267  -8.273  1.00 12.87 ? 87  ARG A O   1 
ATOM   659  C CB  . ARG A 1 87 ? 4.087   -6.458  -5.212  1.00 10.83 ? 87  ARG A CB  1 
ATOM   660  C CG  . ARG A 1 87 ? 4.298   -5.322  -4.225  1.00 11.57 ? 87  ARG A CG  1 
ATOM   661  C CD  . ARG A 1 87 ? 5.351   -5.684  -3.182  1.00 12.57 ? 87  ARG A CD  1 
ATOM   662  N NE  . ARG A 1 87 ? 4.937   -6.802  -2.341  1.00 12.68 ? 87  ARG A NE  1 
ATOM   663  C CZ  . ARG A 1 87 ? 5.361   -8.056  -2.486  1.00 14.08 ? 87  ARG A CZ  1 
ATOM   664  N NH1 . ARG A 1 87 ? 6.216   -8.374  -3.449  1.00 11.55 ? 87  ARG A NH1 1 
ATOM   665  N NH2 . ARG A 1 87 ? 4.945   -8.992  -1.645  1.00 13.84 ? 87  ARG A NH2 1 
ATOM   666  N N   . ASN A 1 88 ? 2.186   -8.211  -7.184  1.00 10.92 ? 88  ASN A N   1 
ATOM   667  C CA  . ASN A 1 88 ? 2.093   -9.339  -8.101  1.00 12.42 ? 88  ASN A CA  1 
ATOM   668  C C   . ASN A 1 88 ? 1.970   -8.863  -9.552  1.00 12.74 ? 88  ASN A C   1 
ATOM   669  O O   . ASN A 1 88 ? 2.503   -9.498  -10.459 1.00 13.23 ? 88  ASN A O   1 
ATOM   670  C CB  . ASN A 1 88 ? 0.932   -10.270 -7.700  1.00 17.54 ? 88  ASN A CB  1 
ATOM   671  C CG  . ASN A 1 88 ? -0.235  -10.226 -8.673  1.00 25.88 ? 88  ASN A CG  1 
ATOM   672  O OD1 . ASN A 1 88 ? -1.158  -9.415  -8.525  1.00 34.07 ? 88  ASN A OD1 1 
ATOM   673  N ND2 . ASN A 1 88 ? -0.207  -11.109 -9.669  1.00 20.52 ? 88  ASN A ND2 1 
ATOM   674  N N   . LEU A 1 89 ? 1.317   -7.720  -9.758  1.00 11.23 ? 89  LEU A N   1 
ATOM   675  C CA  . LEU A 1 89 ? 1.142   -7.173  -11.097 1.00 11.69 ? 89  LEU A CA  1 
ATOM   676  C C   . LEU A 1 89 ? 2.110   -6.029  -11.396 1.00 11.74 ? 89  LEU A C   1 
ATOM   677  O O   . LEU A 1 89 ? 2.569   -5.883  -12.530 1.00 11.51 ? 89  LEU A O   1 
ATOM   678  C CB  . LEU A 1 89 ? -0.294  -6.695  -11.286 1.00 12.87 ? 89  LEU A CB  1 
ATOM   679  C CG  . LEU A 1 89 ? -0.827  -6.676  -12.717 1.00 17.10 ? 89  LEU A CG  1 
ATOM   680  C CD1 . LEU A 1 89 ? -0.935  -8.097  -13.241 1.00 17.16 ? 89  LEU A CD1 1 
ATOM   681  C CD2 . LEU A 1 89 ? -2.190  -6.029  -12.730 1.00 19.87 ? 89  LEU A CD2 1 
ATOM   682  N N   . LEU A 1 90 ? 2.433   -5.232  -10.378 1.00 10.37 ? 90  LEU A N   1 
ATOM   683  C CA  . LEU A 1 90 ? 3.338   -4.098  -10.548 1.00 10.76 ? 90  LEU A CA  1 
ATOM   684  C C   . LEU A 1 90 ? 4.687   -4.523  -11.108 1.00 10.30 ? 90  LEU A C   1 
ATOM   685  O O   . LEU A 1 90 ? 5.256   -3.840  -11.958 1.00 12.41 ? 90  LEU A O   1 
ATOM   686  C CB  . LEU A 1 90 ? 3.526   -3.345  -9.223  1.00 11.98 ? 90  LEU A CB  1 
ATOM   687  C CG  . LEU A 1 90 ? 2.271   -2.675  -8.648  1.00 10.78 ? 90  LEU A CG  1 
ATOM   688  C CD1 . LEU A 1 90 ? 2.599   -1.950  -7.351  1.00 10.99 ? 90  LEU A CD1 1 
ATOM   689  C CD2 . LEU A 1 90 ? 1.708   -1.704  -9.654  1.00 11.48 ? 90  LEU A CD2 1 
ATOM   690  N N   . THR A 1 91 ? 5.173   -5.677  -10.661 1.00 10.01 ? 91  THR A N   1 
ATOM   691  C CA  . THR A 1 91 ? 6.462   -6.198  -11.117 1.00 11.91 ? 91  THR A CA  1 
ATOM   692  C C   . THR A 1 91 ? 6.449   -6.485  -12.615 1.00 12.08 ? 91  THR A C   1 
ATOM   693  O O   . THR A 1 91 ? 7.408   -6.184  -13.322 1.00 12.31 ? 91  THR A O   1 
ATOM   694  C CB  . THR A 1 91 ? 6.832   -7.504  -10.385 1.00 12.79 ? 91  THR A CB  1 
ATOM   695  O OG1 . THR A 1 91 ? 5.823   -8.496  -10.625 1.00 11.52 ? 91  THR A OG1 1 
ATOM   696  C CG2 . THR A 1 91 ? 6.973   -7.257  -8.889  1.00 11.07 ? 91  THR A CG2 1 
ATOM   697  N N   . GLN A 1 92 ? 5.340   -7.050  -13.083 1.00 12.03 ? 92  GLN A N   1 
ATOM   698  C CA  . GLN A 1 92 ? 5.171   -7.418  -14.483 1.00 12.53 ? 92  GLN A CA  1 
ATOM   699  C C   . GLN A 1 92 ? 5.313   -6.259  -15.451 1.00 13.02 ? 92  GLN A C   1 
ATOM   700  O O   . GLN A 1 92 ? 5.760   -6.449  -16.582 1.00 15.32 ? 92  GLN A O   1 
ATOM   701  C CB  . GLN A 1 92 ? 3.824   -8.120  -14.686 1.00 10.11 ? 92  GLN A CB  1 
ATOM   702  C CG  . GLN A 1 92 ? 3.677   -9.389  -13.867 1.00 9.80  ? 92  GLN A CG  1 
ATOM   703  C CD  . GLN A 1 92 ? 4.809   -10.368 -14.109 1.00 12.48 ? 92  GLN A CD  1 
ATOM   704  O OE1 . GLN A 1 92 ? 5.785   -10.418 -13.355 1.00 15.75 ? 92  GLN A OE1 1 
ATOM   705  N NE2 . GLN A 1 92 ? 4.680   -11.163 -15.159 1.00 10.15 ? 92  GLN A NE2 1 
ATOM   706  N N   . ILE A 1 93 ? 4.925   -5.064  -15.017 1.00 13.02 ? 93  ILE A N   1 
ATOM   707  C CA  . ILE A 1 93 ? 5.025   -3.891  -15.878 1.00 13.46 ? 93  ILE A CA  1 
ATOM   708  C C   . ILE A 1 93 ? 6.310   -3.103  -15.633 1.00 15.40 ? 93  ILE A C   1 
ATOM   709  O O   . ILE A 1 93 ? 6.486   -2.005  -16.161 1.00 15.80 ? 93  ILE A O   1 
ATOM   710  C CB  . ILE A 1 93 ? 3.784   -2.971  -15.762 1.00 15.19 ? 93  ILE A CB  1 
ATOM   711  C CG1 . ILE A 1 93 ? 3.629   -2.434  -14.337 1.00 15.52 ? 93  ILE A CG1 1 
ATOM   712  C CG2 . ILE A 1 93 ? 2.524   -3.726  -16.193 1.00 14.87 ? 93  ILE A CG2 1 
ATOM   713  C CD1 . ILE A 1 93 ? 2.461   -1.483  -14.182 1.00 17.03 ? 93  ILE A CD1 1 
ATOM   714  N N   . GLY A 1 94 ? 7.205   -3.682  -14.835 1.00 13.84 ? 94  GLY A N   1 
ATOM   715  C CA  . GLY A 1 94 ? 8.479   -3.049  -14.540 1.00 13.67 ? 94  GLY A CA  1 
ATOM   716  C C   . GLY A 1 94 ? 8.424   -1.821  -13.654 1.00 13.52 ? 94  GLY A C   1 
ATOM   717  O O   . GLY A 1 94 ? 9.277   -0.937  -13.758 1.00 14.72 ? 94  GLY A O   1 
ATOM   718  N N   . MET A 1 95 ? 7.431   -1.755  -12.777 1.00 12.92 ? 95  MET A N   1 
ATOM   719  C CA  . MET A 1 95 ? 7.312   -0.612  -11.890 1.00 13.52 ? 95  MET A CA  1 
ATOM   720  C C   . MET A 1 95 ? 8.197   -0.757  -10.655 1.00 11.95 ? 95  MET A C   1 
ATOM   721  O O   . MET A 1 95 ? 8.247   -1.816  -10.027 1.00 12.30 ? 95  MET A O   1 
ATOM   722  C CB  . MET A 1 95 ? 5.861   -0.390  -11.487 1.00 17.41 ? 95  MET A CB  1 
ATOM   723  C CG  . MET A 1 95 ? 5.636   0.964   -10.864 1.00 21.68 ? 95  MET A CG  1 
ATOM   724  S SD  . MET A 1 95 ? 3.915   1.379   -10.842 1.00 27.59 ? 95  MET A SD  1 
ATOM   725  C CE  . MET A 1 95 ? 3.722   2.090   -12.466 1.00 20.41 ? 95  MET A CE  1 
ATOM   726  N N   . THR A 1 96 ? 8.907   0.315   -10.332 1.00 11.06 ? 96  THR A N   1 
ATOM   727  C CA  . THR A 1 96 ? 9.802   0.339   -9.183  1.00 11.92 ? 96  THR A CA  1 
ATOM   728  C C   . THR A 1 96 ? 9.649   1.641   -8.396  1.00 10.69 ? 96  THR A C   1 
ATOM   729  O O   . THR A 1 96 ? 9.089   2.623   -8.887  1.00 9.55  ? 96  THR A O   1 
ATOM   730  C CB  . THR A 1 96 ? 11.290  0.225   -9.607  1.00 12.06 ? 96  THR A CB  1 
ATOM   731  O OG1 . THR A 1 96 ? 11.635  1.338   -10.438 1.00 13.93 ? 96  THR A OG1 1 
ATOM   732  C CG2 . THR A 1 96 ? 11.557  -1.065  -10.370 1.00 12.28 ? 96  THR A CG2 1 
ATOM   733  N N   . LEU A 1 97 ? 10.136  1.604   -7.159  1.00 11.26 ? 97  LEU A N   1 
ATOM   734  C CA  . LEU A 1 97 ? 10.129  2.732   -6.236  1.00 12.56 ? 97  LEU A CA  1 
ATOM   735  C C   . LEU A 1 97 ? 11.504  3.383   -6.412  1.00 12.26 ? 97  LEU A C   1 
ATOM   736  O O   . LEU A 1 97 ? 12.521  2.689   -6.431  1.00 12.56 ? 97  LEU A O   1 
ATOM   737  C CB  . LEU A 1 97 ? 9.990   2.190   -4.810  1.00 12.91 ? 97  LEU A CB  1 
ATOM   738  C CG  . LEU A 1 97 ? 8.872   2.565   -3.835  1.00 18.10 ? 97  LEU A CG  1 
ATOM   739  C CD1 . LEU A 1 97 ? 7.637   3.125   -4.517  1.00 13.77 ? 97  LEU A CD1 1 
ATOM   740  C CD2 . LEU A 1 97 ? 8.550   1.337   -3.001  1.00 12.76 ? 97  LEU A CD2 1 
ATOM   741  N N   . ASN A 1 98 ? 11.543  4.705   -6.548  1.00 13.91 ? 98  ASN A N   1 
ATOM   742  C CA  . ASN A 1 98 ? 12.814  5.405   -6.738  1.00 15.43 ? 98  ASN A CA  1 
ATOM   743  C C   . ASN A 1 98 ? 12.920  6.657   -5.880  1.00 15.15 ? 98  ASN A C   1 
ATOM   744  O O   . ASN A 1 98 ? 11.940  7.371   -5.684  1.00 16.43 ? 98  ASN A O   1 
ATOM   745  C CB  . ASN A 1 98 ? 13.001  5.774   -8.217  1.00 15.93 ? 98  ASN A CB  1 
ATOM   746  C CG  . ASN A 1 98 ? 13.055  4.552   -9.127  1.00 17.55 ? 98  ASN A CG  1 
ATOM   747  O OD1 . ASN A 1 98 ? 14.125  4.018   -9.405  1.00 18.55 ? 98  ASN A OD1 1 
ATOM   748  N ND2 . ASN A 1 98 ? 11.895  4.102   -9.581  1.00 16.11 ? 98  ASN A ND2 1 
ATOM   749  N N   . PHE A 1 99 ? 14.118  6.922   -5.375  1.00 16.07 ? 99  PHE A N   1 
ATOM   750  C CA  . PHE A 1 99 ? 14.362  8.097   -4.544  1.00 18.22 ? 99  PHE A CA  1 
ATOM   751  C C   . PHE A 1 99 ? 15.850  8.456   -4.537  1.00 17.34 ? 99  PHE A C   1 
ATOM   752  O O   . PHE A 1 99 ? 16.609  7.864   -5.328  1.00 18.44 ? 99  PHE A O   1 
ATOM   753  C CB  . PHE A 1 99 ? 13.857  7.860   -3.113  1.00 21.22 ? 99  PHE A CB  1 
ATOM   754  C CG  . PHE A 1 99 ? 14.567  6.746   -2.391  1.00 26.87 ? 99  PHE A CG  1 
ATOM   755  C CD1 . PHE A 1 99 ? 14.366  5.416   -2.758  1.00 28.21 ? 99  PHE A CD1 1 
ATOM   756  C CD2 . PHE A 1 99 ? 15.435  7.029   -1.340  1.00 28.78 ? 99  PHE A CD2 1 
ATOM   757  C CE1 . PHE A 1 99 ? 15.024  4.382   -2.093  1.00 29.75 ? 99  PHE A CE1 1 
ATOM   758  C CE2 . PHE A 1 99 ? 16.099  6.000   -0.669  1.00 31.54 ? 99  PHE A CE2 1 
ATOM   759  C CZ  . PHE A 1 99 ? 15.891  4.676   -1.046  1.00 30.82 ? 99  PHE A CZ  1 
ATOM   760  O OXT . PHE A 1 99 ? 16.246  9.339   -3.753  1.00 20.04 ? 99  PHE A OXT 1 
ATOM   761  N N   . PRO B 1 1  ? 18.450  5.723   -5.147  1.00 23.53 ? 201 PRO B N   1 
ATOM   762  C CA  . PRO B 1 1  ? 18.375  4.243   -5.215  1.00 22.40 ? 201 PRO B CA  1 
ATOM   763  C C   . PRO B 1 1  ? 17.052  3.765   -5.805  1.00 22.31 ? 201 PRO B C   1 
ATOM   764  O O   . PRO B 1 1  ? 16.072  4.512   -5.849  1.00 21.74 ? 201 PRO B O   1 
ATOM   765  C CB  . PRO B 1 1  ? 18.533  3.727   -3.792  1.00 24.25 ? 201 PRO B CB  1 
ATOM   766  C CG  . PRO B 1 1  ? 19.335  4.858   -3.152  1.00 24.55 ? 201 PRO B CG  1 
ATOM   767  C CD  . PRO B 1 1  ? 18.755  6.137   -3.765  1.00 23.87 ? 201 PRO B CD  1 
ATOM   768  N N   . GLN B 1 2  ? 17.028  2.508   -6.238  1.00 20.17 ? 202 GLN B N   1 
ATOM   769  C CA  . GLN B 1 2  ? 15.832  1.917   -6.819  1.00 20.39 ? 202 GLN B CA  1 
ATOM   770  C C   . GLN B 1 2  ? 15.444  0.644   -6.082  1.00 19.01 ? 202 GLN B C   1 
ATOM   771  O O   . GLN B 1 2  ? 16.291  -0.191  -5.764  1.00 19.82 ? 202 GLN B O   1 
ATOM   772  C CB  . GLN B 1 2  ? 16.050  1.594   -8.297  1.00 20.26 ? 202 GLN B CB  1 
ATOM   773  C CG  . GLN B 1 2  ? 14.830  0.984   -8.955  1.00 21.52 ? 202 GLN B CG  1 
ATOM   774  C CD  . GLN B 1 2  ? 15.034  0.731   -10.426 1.00 23.97 ? 202 GLN B CD  1 
ATOM   775  O OE1 . GLN B 1 2  ? 15.435  -0.359  -10.825 1.00 26.90 ? 202 GLN B OE1 1 
ATOM   776  N NE2 . GLN B 1 2  ? 14.757  1.739   -11.244 1.00 22.90 ? 202 GLN B NE2 1 
ATOM   777  N N   . ILE B 1 3  ? 14.150  0.492   -5.832  1.00 15.73 ? 203 ILE B N   1 
ATOM   778  C CA  . ILE B 1 3  ? 13.645  -0.675  -5.134  1.00 14.52 ? 203 ILE B CA  1 
ATOM   779  C C   . ILE B 1 3  ? 12.627  -1.389  -6.014  1.00 14.37 ? 203 ILE B C   1 
ATOM   780  O O   . ILE B 1 3  ? 11.591  -0.821  -6.370  1.00 11.46 ? 203 ILE B O   1 
ATOM   781  C CB  . ILE B 1 3  ? 12.981  -0.274  -3.786  1.00 14.70 ? 203 ILE B CB  1 
ATOM   782  C CG1 . ILE B 1 3  ? 14.006  0.429   -2.887  1.00 15.48 ? 203 ILE B CG1 1 
ATOM   783  C CG2 . ILE B 1 3  ? 12.393  -1.500  -3.090  1.00 15.68 ? 203 ILE B CG2 1 
ATOM   784  C CD1 . ILE B 1 3  ? 13.447  0.921   -1.568  1.00 14.87 ? 203 ILE B CD1 1 
ATOM   785  N N   . THR B 1 4  ? 12.961  -2.612  -6.416  1.00 13.89 ? 204 THR B N   1 
ATOM   786  C CA  . THR B 1 4  ? 12.056  -3.417  -7.230  1.00 14.23 ? 204 THR B CA  1 
ATOM   787  C C   . THR B 1 4  ? 10.963  -3.948  -6.306  1.00 13.02 ? 204 THR B C   1 
ATOM   788  O O   . THR B 1 4  ? 11.091  -3.873  -5.084  1.00 14.40 ? 204 THR B O   1 
ATOM   789  C CB  . THR B 1 4  ? 12.785  -4.575  -7.935  1.00 13.94 ? 204 THR B CB  1 
ATOM   790  O OG1 . THR B 1 4  ? 13.417  -5.410  -6.965  1.00 13.30 ? 204 THR B OG1 1 
ATOM   791  C CG2 . THR B 1 4  ? 13.837  -4.030  -8.892  1.00 14.45 ? 204 THR B CG2 1 
ATOM   792  N N   . LEU B 1 5  ? 9.918   -4.536  -6.875  1.00 12.28 ? 205 LEU B N   1 
ATOM   793  C CA  . LEU B 1 5  ? 8.808   -4.998  -6.057  1.00 11.89 ? 205 LEU B CA  1 
ATOM   794  C C   . LEU B 1 5  ? 8.564   -6.503  -5.998  1.00 12.61 ? 205 LEU B C   1 
ATOM   795  O O   . LEU B 1 5  ? 7.476   -6.945  -5.627  1.00 12.08 ? 205 LEU B O   1 
ATOM   796  C CB  . LEU B 1 5  ? 7.537   -4.266  -6.487  1.00 13.49 ? 205 LEU B CB  1 
ATOM   797  C CG  . LEU B 1 5  ? 7.603   -2.736  -6.422  1.00 13.51 ? 205 LEU B CG  1 
ATOM   798  C CD1 . LEU B 1 5  ? 6.368   -2.144  -7.085  1.00 13.00 ? 205 LEU B CD1 1 
ATOM   799  C CD2 . LEU B 1 5  ? 7.738   -2.260  -4.979  1.00 10.99 ? 205 LEU B CD2 1 
ATOM   800  N N   . TRP B 1 6  ? 9.575   -7.295  -6.336  1.00 12.74 ? 206 TRP B N   1 
ATOM   801  C CA  . TRP B 1 6  ? 9.436   -8.750  -6.295  1.00 12.90 ? 206 TRP B CA  1 
ATOM   802  C C   . TRP B 1 6  ? 9.219   -9.226  -4.861  1.00 12.60 ? 206 TRP B C   1 
ATOM   803  O O   . TRP B 1 6  ? 8.521   -10.206 -4.624  1.00 14.32 ? 206 TRP B O   1 
ATOM   804  C CB  . TRP B 1 6  ? 10.659  -9.405  -6.933  1.00 12.42 ? 206 TRP B CB  1 
ATOM   805  C CG  . TRP B 1 6  ? 10.813  -8.968  -8.353  1.00 13.29 ? 206 TRP B CG  1 
ATOM   806  C CD1 . TRP B 1 6  ? 11.656  -8.002  -8.828  1.00 12.96 ? 206 TRP B CD1 1 
ATOM   807  C CD2 . TRP B 1 6  ? 10.043  -9.419  -9.476  1.00 13.55 ? 206 TRP B CD2 1 
ATOM   808  N NE1 . TRP B 1 6  ? 11.450  -7.816  -10.174 1.00 14.83 ? 206 TRP B NE1 1 
ATOM   809  C CE2 . TRP B 1 6  ? 10.469  -8.673  -10.599 1.00 14.50 ? 206 TRP B CE2 1 
ATOM   810  C CE3 . TRP B 1 6  ? 9.037   -10.383 -9.642  1.00 11.93 ? 206 TRP B CE3 1 
ATOM   811  C CZ2 . TRP B 1 6  ? 9.922   -8.858  -11.874 1.00 13.83 ? 206 TRP B CZ2 1 
ATOM   812  C CZ3 . TRP B 1 6  ? 8.496   -10.570 -10.911 1.00 11.32 ? 206 TRP B CZ3 1 
ATOM   813  C CH2 . TRP B 1 6  ? 8.940   -9.810  -12.010 1.00 13.89 ? 206 TRP B CH2 1 
ATOM   814  N N   . GLN B 1 7  ? 9.811   -8.503  -3.914  1.00 13.66 ? 207 GLN B N   1 
ATOM   815  C CA  . GLN B 1 7  ? 9.676   -8.788  -2.488  1.00 14.15 ? 207 GLN B CA  1 
ATOM   816  C C   . GLN B 1 7  ? 8.991   -7.564  -1.878  1.00 13.03 ? 207 GLN B C   1 
ATOM   817  O O   . GLN B 1 7  ? 8.862   -6.527  -2.529  1.00 11.67 ? 207 GLN B O   1 
ATOM   818  C CB  . GLN B 1 7  ? 11.057  -8.945  -1.834  1.00 17.93 ? 207 GLN B CB  1 
ATOM   819  C CG  . GLN B 1 7  ? 11.995  -9.935  -2.509  1.00 26.23 ? 207 GLN B CG  1 
ATOM   820  C CD  . GLN B 1 7  ? 11.513  -11.367 -2.402  1.00 34.87 ? 207 GLN B CD  1 
ATOM   821  O OE1 . GLN B 1 7  ? 11.574  -12.127 -3.371  1.00 38.56 ? 207 GLN B OE1 1 
ATOM   822  N NE2 . GLN B 1 7  ? 11.040  -11.750 -1.218  1.00 38.79 ? 207 GLN B NE2 1 
ATOM   823  N N   . ARG B 1 8  ? 8.540   -7.681  -0.634  1.00 13.62 ? 208 ARG B N   1 
ATOM   824  C CA  . ARG B 1 8  ? 7.907   -6.553  0.045   1.00 12.96 ? 208 ARG B CA  1 
ATOM   825  C C   . ARG B 1 8  ? 8.967   -5.476  0.244   1.00 10.83 ? 208 ARG B C   1 
ATOM   826  O O   . ARG B 1 8  ? 10.083  -5.782  0.665   1.00 11.73 ? 208 ARG B O   1 
ATOM   827  C CB  . ARG B 1 8  ? 7.385   -6.982  1.415   1.00 13.94 ? 208 ARG B CB  1 
ATOM   828  C CG  . ARG B 1 8  ? 6.195   -7.899  1.378   1.00 20.29 ? 208 ARG B CG  1 
ATOM   829  C CD  . ARG B 1 8  ? 5.975   -8.489  2.748   1.00 25.33 ? 208 ARG B CD  1 
ATOM   830  N NE  . ARG B 1 8  ? 4.569   -8.484  3.119   1.00 33.99 ? 208 ARG B NE  1 
ATOM   831  C CZ  . ARG B 1 8  ? 3.864   -9.570  3.418   1.00 38.26 ? 208 ARG B CZ  1 
ATOM   832  N NH1 . ARG B 1 8  ? 4.430   -10.770 3.379   1.00 41.08 ? 208 ARG B NH1 1 
ATOM   833  N NH2 . ARG B 1 8  ? 2.597   -9.451  3.798   1.00 38.85 ? 208 ARG B NH2 1 
ATOM   834  N N   . PRO B 1 9  ? 8.653   -4.212  -0.090  1.00 10.53 ? 209 PRO B N   1 
ATOM   835  C CA  . PRO B 1 9  ? 9.611   -3.115  0.073   1.00 11.08 ? 209 PRO B CA  1 
ATOM   836  C C   . PRO B 1 9  ? 9.774   -2.718  1.543   1.00 10.67 ? 209 PRO B C   1 
ATOM   837  O O   . PRO B 1 9  ? 9.358   -1.640  1.966   1.00 10.07 ? 209 PRO B O   1 
ATOM   838  C CB  . PRO B 1 9  ? 8.995   -1.999  -0.769  1.00 11.51 ? 209 PRO B CB  1 
ATOM   839  C CG  . PRO B 1 9  ? 7.524   -2.247  -0.626  1.00 12.42 ? 209 PRO B CG  1 
ATOM   840  C CD  . PRO B 1 9  ? 7.443   -3.747  -0.799  1.00 12.65 ? 209 PRO B CD  1 
ATOM   841  N N   . LEU B 1 10 ? 10.369  -3.620  2.316   1.00 12.20 ? 210 LEU B N   1 
ATOM   842  C CA  . LEU B 1 10 ? 10.613  -3.406  3.738   1.00 14.47 ? 210 LEU B CA  1 
ATOM   843  C C   . LEU B 1 10 ? 11.939  -2.687  3.897   1.00 14.18 ? 210 LEU B C   1 
ATOM   844  O O   . LEU B 1 10 ? 12.947  -3.096  3.316   1.00 16.49 ? 210 LEU B O   1 
ATOM   845  C CB  . LEU B 1 10 ? 10.674  -4.748  4.471   1.00 14.97 ? 210 LEU B CB  1 
ATOM   846  C CG  . LEU B 1 10 ? 9.379   -5.551  4.534   1.00 16.50 ? 210 LEU B CG  1 
ATOM   847  C CD1 . LEU B 1 10 ? 9.682   -6.992  4.905   1.00 19.40 ? 210 LEU B CD1 1 
ATOM   848  C CD2 . LEU B 1 10 ? 8.421   -4.908  5.534   1.00 18.50 ? 210 LEU B CD2 1 
ATOM   849  N N   . VAL B 1 11 ? 11.930  -1.602  4.661   1.00 12.55 ? 211 VAL B N   1 
ATOM   850  C CA  . VAL B 1 11 ? 13.141  -0.825  4.901   1.00 14.23 ? 211 VAL B CA  1 
ATOM   851  C C   . VAL B 1 11 ? 13.314  -0.575  6.393   1.00 12.33 ? 211 VAL B C   1 
ATOM   852  O O   . VAL B 1 11 ? 12.406  -0.824  7.182   1.00 12.75 ? 211 VAL B O   1 
ATOM   853  C CB  . VAL B 1 11 ? 13.098  0.542   4.172   1.00 15.45 ? 211 VAL B CB  1 
ATOM   854  C CG1 . VAL B 1 11 ? 12.991  0.336   2.661   1.00 15.20 ? 211 VAL B CG1 1 
ATOM   855  C CG2 . VAL B 1 11 ? 11.945  1.390   4.697   1.00 14.11 ? 211 VAL B CG2 1 
ATOM   856  N N   . THR B 1 12 ? 14.494  -0.105  6.774   1.00 12.13 ? 212 THR B N   1 
ATOM   857  C CA  . THR B 1 12 ? 14.759  0.197   8.170   1.00 12.82 ? 212 THR B CA  1 
ATOM   858  C C   . THR B 1 12 ? 14.483  1.675   8.384   1.00 12.60 ? 212 THR B C   1 
ATOM   859  O O   . THR B 1 12 ? 14.899  2.517   7.584   1.00 14.09 ? 212 THR B O   1 
ATOM   860  C CB  . THR B 1 12 ? 16.224  -0.115  8.566   1.00 14.94 ? 212 THR B CB  1 
ATOM   861  O OG1 . THR B 1 12 ? 16.477  -1.513  8.389   1.00 17.80 ? 212 THR B OG1 1 
ATOM   862  C CG2 . THR B 1 12 ? 16.477  0.237   10.025  1.00 15.15 ? 212 THR B CG2 1 
ATOM   863  N N   . ILE B 1 13 ? 13.700  1.967   9.419   1.00 11.08 ? 213 ILE B N   1 
ATOM   864  C CA  . ILE B 1 13 ? 13.371  3.334   9.786   1.00 11.04 ? 213 ILE B CA  1 
ATOM   865  C C   . ILE B 1 13 ? 13.909  3.554   11.190  1.00 10.87 ? 213 ILE B C   1 
ATOM   866  O O   . ILE B 1 13 ? 14.176  2.596   11.911  1.00 11.80 ? 213 ILE B O   1 
ATOM   867  C CB  . ILE B 1 13 ? 11.841  3.594   9.795   1.00 11.13 ? 213 ILE B CB  1 
ATOM   868  C CG1 . ILE B 1 13 ? 11.155  2.761   10.885  1.00 10.05 ? 213 ILE B CG1 1 
ATOM   869  C CG2 . ILE B 1 13 ? 11.253  3.285   8.429   1.00 11.38 ? 213 ILE B CG2 1 
ATOM   870  C CD1 . ILE B 1 13 ? 9.723   3.175   11.191  1.00 10.40 ? 213 ILE B CD1 1 
ATOM   871  N N   . LYS B 1 14 ? 14.097  4.811   11.565  1.00 11.33 ? 214 LYS B N   1 
ATOM   872  C CA  . LYS B 1 14 ? 14.575  5.140   12.901  1.00 10.92 ? 214 LYS B CA  1 
ATOM   873  C C   . LYS B 1 14 ? 13.588  6.140   13.470  1.00 11.67 ? 214 LYS B C   1 
ATOM   874  O O   . LYS B 1 14 ? 13.330  7.176   12.866  1.00 11.11 ? 214 LYS B O   1 
ATOM   875  C CB  . LYS B 1 14 ? 15.979  5.752   12.856  1.00 11.96 ? 214 LYS B CB  1 
ATOM   876  C CG  . LYS B 1 14 ? 16.562  6.063   14.235  1.00 13.98 ? 214 LYS B CG  1 
ATOM   877  C CD  . LYS B 1 14 ? 17.941  6.722   14.141  1.00 18.92 ? 214 LYS B CD  1 
ATOM   878  C CE  . LYS B 1 14 ? 18.435  7.160   15.519  1.00 28.13 ? 214 LYS B CE  1 
ATOM   879  N NZ  . LYS B 1 14 ? 19.798  7.782   15.521  1.00 28.25 ? 214 LYS B NZ  1 
ATOM   880  N N   . ILE B 1 15 ? 13.032  5.815   14.630  1.00 12.67 ? 215 ILE B N   1 
ATOM   881  C CA  . ILE B 1 15 ? 12.059  6.669   15.294  1.00 14.17 ? 215 ILE B CA  1 
ATOM   882  C C   . ILE B 1 15 ? 12.256  6.508   16.798  1.00 15.71 ? 215 ILE B C   1 
ATOM   883  O O   . ILE B 1 15 ? 12.344  5.384   17.299  1.00 15.60 ? 215 ILE B O   1 
ATOM   884  C CB  . ILE B 1 15 ? 10.610  6.279   14.881  1.00 14.40 ? 215 ILE B CB  1 
ATOM   885  C CG1 . ILE B 1 15 ? 9.575   7.025   15.723  1.00 17.07 ? 215 ILE B CG1 1 
ATOM   886  C CG2 . ILE B 1 15 ? 10.400  4.779   15.006  1.00 12.99 ? 215 ILE B CG2 1 
ATOM   887  C CD1 . ILE B 1 15 ? 9.617   8.489   15.569  1.00 23.22 ? 215 ILE B CD1 1 
ATOM   888  N N   . GLY B 1 16 ? 12.362  7.634   17.502  1.00 16.31 ? 216 GLY B N   1 
ATOM   889  C CA  . GLY B 1 16 ? 12.576  7.600   18.940  1.00 17.02 ? 216 GLY B CA  1 
ATOM   890  C C   . GLY B 1 16 ? 13.904  6.948   19.298  1.00 18.41 ? 216 GLY B C   1 
ATOM   891  O O   . GLY B 1 16 ? 14.029  6.297   20.340  1.00 17.48 ? 216 GLY B O   1 
ATOM   892  N N   . GLY B 1 17 ? 14.880  7.085   18.400  1.00 16.41 ? 217 GLY B N   1 
ATOM   893  C CA  . GLY B 1 17 ? 16.198  6.511   18.617  1.00 17.39 ? 217 GLY B CA  1 
ATOM   894  C C   . GLY B 1 17 ? 16.298  5.007   18.391  1.00 18.57 ? 217 GLY B C   1 
ATOM   895  O O   . GLY B 1 17 ? 17.365  4.425   18.600  1.00 17.26 ? 217 GLY B O   1 
ATOM   896  N N   . GLN B 1 18 ? 15.206  4.371   17.966  1.00 16.56 ? 218 GLN B N   1 
ATOM   897  C CA  . GLN B 1 18 ? 15.215  2.926   17.731  1.00 17.65 ? 218 GLN B CA  1 
ATOM   898  C C   . GLN B 1 18 ? 15.021  2.578   16.258  1.00 17.00 ? 218 GLN B C   1 
ATOM   899  O O   . GLN B 1 18 ? 14.290  3.264   15.534  1.00 14.15 ? 218 GLN B O   1 
ATOM   900  C CB  . GLN B 1 18 ? 14.086  2.233   18.496  1.00 23.04 ? 218 GLN B CB  1 
ATOM   901  C CG  . GLN B 1 18 ? 13.635  2.876   19.793  1.00 35.15 ? 218 GLN B CG  1 
ATOM   902  C CD  . GLN B 1 18 ? 12.178  2.531   20.108  1.00 42.26 ? 218 GLN B CD  1 
ATOM   903  O OE1 . GLN B 1 18 ? 11.280  3.375   19.974  1.00 43.54 ? 218 GLN B OE1 1 
ATOM   904  N NE2 . GLN B 1 18 ? 11.933  1.276   20.488  1.00 43.34 ? 218 GLN B NE2 1 
ATOM   905  N N   . LEU B 1 19 ? 15.638  1.478   15.831  1.00 14.61 ? 219 LEU B N   1 
ATOM   906  C CA  . LEU B 1 19 ? 15.491  1.007   14.458  1.00 14.62 ? 219 LEU B CA  1 
ATOM   907  C C   . LEU B 1 19 ? 14.296  0.055   14.412  1.00 15.58 ? 219 LEU B C   1 
ATOM   908  O O   . LEU B 1 19 ? 14.096  -0.753  15.328  1.00 14.45 ? 219 LEU B O   1 
ATOM   909  C CB  . LEU B 1 19 ? 16.748  0.269   13.978  1.00 15.35 ? 219 LEU B CB  1 
ATOM   910  C CG  . LEU B 1 19 ? 18.084  1.014   13.947  1.00 14.18 ? 219 LEU B CG  1 
ATOM   911  C CD1 . LEU B 1 19 ? 19.157  0.086   13.410  1.00 15.98 ? 219 LEU B CD1 1 
ATOM   912  C CD2 . LEU B 1 19 ? 17.975  2.266   13.095  1.00 15.42 ? 219 LEU B CD2 1 
ATOM   913  N N   . LYS B 1 20 ? 13.490  0.185   13.362  1.00 15.06 ? 220 LYS B N   1 
ATOM   914  C CA  . LYS B 1 20 ? 12.311  -0.651  13.152  1.00 13.74 ? 220 LYS B CA  1 
ATOM   915  C C   . LYS B 1 20 ? 12.204  -0.946  11.657  1.00 12.71 ? 220 LYS B C   1 
ATOM   916  O O   . LYS B 1 20 ? 12.802  -0.255  10.838  1.00 13.45 ? 220 LYS B O   1 
ATOM   917  C CB  . LYS B 1 20 ? 11.038  0.083   13.599  1.00 12.78 ? 220 LYS B CB  1 
ATOM   918  C CG  . LYS B 1 20 ? 10.910  0.346   15.092  1.00 16.05 ? 220 LYS B CG  1 
ATOM   919  C CD  . LYS B 1 20 ? 9.729   1.273   15.370  1.00 18.36 ? 220 LYS B CD  1 
ATOM   920  C CE  . LYS B 1 20 ? 9.605   1.616   16.846  1.00 21.15 ? 220 LYS B CE  1 
ATOM   921  N NZ  . LYS B 1 20 ? 9.007   0.511   17.651  1.00 25.06 ? 220 LYS B NZ  1 
ATOM   922  N N   . GLU B 1 21 ? 11.460  -1.987  11.310  1.00 14.26 ? 221 GLU B N   1 
ATOM   923  C CA  . GLU B 1 21 ? 11.238  -2.351  9.916   1.00 13.96 ? 221 GLU B CA  1 
ATOM   924  C C   . GLU B 1 21 ? 9.865   -1.829  9.521   1.00 12.74 ? 221 GLU B C   1 
ATOM   925  O O   . GLU B 1 21 ? 8.897   -1.993  10.264  1.00 11.00 ? 221 GLU B O   1 
ATOM   926  C CB  . GLU B 1 21 ? 11.269  -3.869  9.745   1.00 18.19 ? 221 GLU B CB  1 
ATOM   927  C CG  . GLU B 1 21 ? 12.659  -4.480  9.784   1.00 29.78 ? 221 GLU B CG  1 
ATOM   928  C CD  . GLU B 1 21 ? 13.469  -4.177  8.532   1.00 35.60 ? 221 GLU B CD  1 
ATOM   929  O OE1 . GLU B 1 21 ? 14.389  -3.334  8.606   1.00 37.20 ? 221 GLU B OE1 1 
ATOM   930  O OE2 . GLU B 1 21 ? 13.182  -4.785  7.475   1.00 39.93 ? 221 GLU B OE2 1 
ATOM   931  N N   . ALA B 1 22 ? 9.782   -1.194  8.360   1.00 12.00 ? 222 ALA B N   1 
ATOM   932  C CA  . ALA B 1 22 ? 8.515   -0.656  7.885   1.00 9.86  ? 222 ALA B CA  1 
ATOM   933  C C   . ALA B 1 22 ? 8.359   -0.906  6.393   1.00 11.73 ? 222 ALA B C   1 
ATOM   934  O O   . ALA B 1 22 ? 9.343   -1.063  5.669   1.00 11.87 ? 222 ALA B O   1 
ATOM   935  C CB  . ALA B 1 22 ? 8.420   0.825   8.191   1.00 8.54  ? 222 ALA B CB  1 
ATOM   936  N N   . LEU B 1 23 ? 7.111   -0.912  5.939   1.00 11.61 ? 223 LEU B N   1 
ATOM   937  C CA  . LEU B 1 23 ? 6.782   -1.162  4.545   1.00 13.42 ? 223 LEU B CA  1 
ATOM   938  C C   . LEU B 1 23 ? 6.499   0.133   3.777   1.00 13.03 ? 223 LEU B C   1 
ATOM   939  O O   . LEU B 1 23 ? 5.652   0.920   4.191   1.00 13.17 ? 223 LEU B O   1 
ATOM   940  C CB  . LEU B 1 23 ? 5.553   -2.079  4.504   1.00 15.54 ? 223 LEU B CB  1 
ATOM   941  C CG  . LEU B 1 23 ? 5.010   -2.591  3.171   1.00 16.74 ? 223 LEU B CG  1 
ATOM   942  C CD1 . LEU B 1 23 ? 6.012   -3.533  2.516   1.00 16.67 ? 223 LEU B CD1 1 
ATOM   943  C CD2 . LEU B 1 23 ? 3.688   -3.304  3.429   1.00 15.96 ? 223 LEU B CD2 1 
ATOM   944  N N   . LEU B 1 24 ? 7.245   0.377   2.693   1.00 12.99 ? 224 LEU B N   1 
ATOM   945  C CA  . LEU B 1 24 ? 7.028   1.564   1.850   1.00 11.14 ? 224 LEU B CA  1 
ATOM   946  C C   . LEU B 1 24 ? 5.694   1.279   1.174   1.00 13.12 ? 224 LEU B C   1 
ATOM   947  O O   . LEU B 1 24 ? 5.589   0.385   0.326   1.00 13.15 ? 224 LEU B O   1 
ATOM   948  C CB  . LEU B 1 24 ? 8.135   1.712   0.811   1.00 11.91 ? 224 LEU B CB  1 
ATOM   949  C CG  . LEU B 1 24 ? 9.537   1.826   1.399   1.00 11.74 ? 224 LEU B CG  1 
ATOM   950  C CD1 . LEU B 1 24 ? 10.553  1.902   0.274   1.00 12.03 ? 224 LEU B CD1 1 
ATOM   951  C CD2 . LEU B 1 24 ? 9.619   3.045   2.303   1.00 11.59 ? 224 LEU B CD2 1 
ATOM   952  N N   . ASP B 1 25 ? 4.683   2.048   1.561   1.00 11.00 ? 225 ASP B N   1 
ATOM   953  C CA  . ASP B 1 25 ? 3.325   1.821   1.096   1.00 12.41 ? 225 ASP B CA  1 
ATOM   954  C C   . ASP B 1 25 ? 2.672   2.965   0.324   1.00 11.46 ? 225 ASP B C   1 
ATOM   955  O O   . ASP B 1 25 ? 2.107   3.888   0.912   1.00 11.51 ? 225 ASP B O   1 
ATOM   956  C CB  . ASP B 1 25 ? 2.486   1.469   2.329   1.00 12.37 ? 225 ASP B CB  1 
ATOM   957  C CG  . ASP B 1 25 ? 1.179   0.801   1.992   1.00 14.63 ? 225 ASP B CG  1 
ATOM   958  O OD1 . ASP B 1 25 ? 0.787   0.785   0.806   1.00 14.05 ? 225 ASP B OD1 1 
ATOM   959  O OD2 . ASP B 1 25 ? 0.542   0.291   2.935   1.00 14.25 ? 225 ASP B OD2 1 
ATOM   960  N N   . THR B 1 26 ? 2.678   2.853   -0.998  1.00 9.70  ? 226 THR B N   1 
ATOM   961  C CA  . THR B 1 26 ? 2.079   3.871   -1.849  1.00 10.35 ? 226 THR B CA  1 
ATOM   962  C C   . THR B 1 26 ? 0.544   3.887   -1.762  1.00 10.15 ? 226 THR B C   1 
ATOM   963  O O   . THR B 1 26 ? -0.090  4.877   -2.138  1.00 11.25 ? 226 THR B O   1 
ATOM   964  C CB  . THR B 1 26 ? 2.534   3.713   -3.321  1.00 10.36 ? 226 THR B CB  1 
ATOM   965  O OG1 . THR B 1 26 ? 2.171   2.414   -3.802  1.00 10.12 ? 226 THR B OG1 1 
ATOM   966  C CG2 . THR B 1 26 ? 4.044   3.876   -3.432  1.00 9.73  ? 226 THR B CG2 1 
ATOM   967  N N   . GLY B 1 27 ? -0.039  2.800   -1.250  1.00 8.56  ? 227 GLY B N   1 
ATOM   968  C CA  . GLY B 1 27 ? -1.487  2.711   -1.100  1.00 9.13  ? 227 GLY B CA  1 
ATOM   969  C C   . GLY B 1 27 ? -2.006  3.313   0.205   1.00 9.90  ? 227 GLY B C   1 
ATOM   970  O O   . GLY B 1 27 ? -3.212  3.322   0.463   1.00 10.43 ? 227 GLY B O   1 
ATOM   971  N N   . ALA B 1 28 ? -1.093  3.801   1.037   1.00 9.58  ? 228 ALA B N   1 
ATOM   972  C CA  . ALA B 1 28 ? -1.461  4.401   2.311   1.00 9.40  ? 228 ALA B CA  1 
ATOM   973  C C   . ALA B 1 28 ? -1.264  5.911   2.272   1.00 10.13 ? 228 ALA B C   1 
ATOM   974  O O   . ALA B 1 28 ? -0.178  6.390   1.941   1.00 10.20 ? 228 ALA B O   1 
ATOM   975  C CB  . ALA B 1 28 ? -0.623  3.796   3.429   1.00 12.26 ? 228 ALA B CB  1 
ATOM   976  N N   . ASP B 1 29 ? -2.309  6.660   2.611   1.00 8.82  ? 229 ASP B N   1 
ATOM   977  C CA  . ASP B 1 29 ? -2.210  8.117   2.644   1.00 10.19 ? 229 ASP B CA  1 
ATOM   978  C C   . ASP B 1 29 ? -1.291  8.522   3.784   1.00 9.40  ? 229 ASP B C   1 
ATOM   979  O O   . ASP B 1 29 ? -0.483  9.439   3.652   1.00 10.13 ? 229 ASP B O   1 
ATOM   980  C CB  . ASP B 1 29 ? -3.569  8.766   2.921   1.00 10.38 ? 229 ASP B CB  1 
ATOM   981  C CG  . ASP B 1 29 ? -4.611  8.437   1.880   1.00 13.66 ? 229 ASP B CG  1 
ATOM   982  O OD1 . ASP B 1 29 ? -4.262  7.999   0.762   1.00 11.28 ? 229 ASP B OD1 1 
ATOM   983  O OD2 . ASP B 1 29 ? -5.802  8.623   2.197   1.00 15.07 ? 229 ASP B OD2 1 
ATOM   984  N N   . ASP B 1 30 ? -1.447  7.831   4.907   1.00 9.78  ? 230 ASP B N   1 
ATOM   985  C CA  . ASP B 1 30 ? -0.686  8.126   6.110   1.00 12.75 ? 230 ASP B CA  1 
ATOM   986  C C   . ASP B 1 30 ? 0.252   7.022   6.559   1.00 12.14 ? 230 ASP B C   1 
ATOM   987  O O   . ASP B 1 30 ? 0.157   5.871   6.131   1.00 13.08 ? 230 ASP B O   1 
ATOM   988  C CB  . ASP B 1 30 ? -1.644  8.436   7.266   1.00 15.20 ? 230 ASP B CB  1 
ATOM   989  C CG  . ASP B 1 30 ? -2.759  9.381   6.867   1.00 19.30 ? 230 ASP B CG  1 
ATOM   990  O OD1 . ASP B 1 30 ? -2.463  10.429  6.255   1.00 18.95 ? 230 ASP B OD1 1 
ATOM   991  O OD2 . ASP B 1 30 ? -3.932  9.061   7.163   1.00 21.94 ? 230 ASP B OD2 1 
ATOM   992  N N   . THR B 1 31 ? 1.138   7.401   7.469   1.00 11.85 ? 231 THR B N   1 
ATOM   993  C CA  . THR B 1 31 ? 2.106   6.496   8.053   1.00 11.92 ? 231 THR B CA  1 
ATOM   994  C C   . THR B 1 31 ? 1.509   5.997   9.359   1.00 12.63 ? 231 THR B C   1 
ATOM   995  O O   . THR B 1 31 ? 1.126   6.793   10.221  1.00 13.85 ? 231 THR B O   1 
ATOM   996  C CB  . THR B 1 31 ? 3.424   7.229   8.307   1.00 12.00 ? 231 THR B CB  1 
ATOM   997  O OG1 . THR B 1 31 ? 4.009   7.585   7.048   1.00 12.34 ? 231 THR B OG1 1 
ATOM   998  C CG2 . THR B 1 31 ? 4.389   6.366   9.098   1.00 10.62 ? 231 THR B CG2 1 
ATOM   999  N N   . VAL B 1 32 ? 1.376   4.680   9.475   1.00 11.24 ? 232 VAL B N   1 
ATOM   1000 C CA  . VAL B 1 32 ? 0.811   4.077   10.673  1.00 11.89 ? 232 VAL B CA  1 
ATOM   1001 C C   . VAL B 1 32 ? 1.811   3.077   11.222  1.00 13.35 ? 232 VAL B C   1 
ATOM   1002 O O   . VAL B 1 32 ? 2.237   2.162   10.520  1.00 11.71 ? 232 VAL B O   1 
ATOM   1003 C CB  . VAL B 1 32 ? -0.525  3.338   10.376  1.00 13.27 ? 232 VAL B CB  1 
ATOM   1004 C CG1 . VAL B 1 32 ? -1.261  3.039   11.683  1.00 15.41 ? 232 VAL B CG1 1 
ATOM   1005 C CG2 . VAL B 1 32 ? -1.409  4.155   9.444   1.00 12.97 ? 232 VAL B CG2 1 
ATOM   1006 N N   . LEU B 1 33 ? 2.173   3.249   12.488  1.00 11.80 ? 233 LEU B N   1 
ATOM   1007 C CA  . LEU B 1 33 ? 3.123   2.366   13.146  1.00 11.70 ? 233 LEU B CA  1 
ATOM   1008 C C   . LEU B 1 33 ? 2.480   1.570   14.271  1.00 12.56 ? 233 LEU B C   1 
ATOM   1009 O O   . LEU B 1 33 ? 1.464   1.978   14.846  1.00 11.40 ? 233 LEU B O   1 
ATOM   1010 C CB  . LEU B 1 33 ? 4.290   3.178   13.719  1.00 13.28 ? 233 LEU B CB  1 
ATOM   1011 C CG  . LEU B 1 33 ? 5.094   4.076   12.772  1.00 13.71 ? 233 LEU B CG  1 
ATOM   1012 C CD1 . LEU B 1 33 ? 6.224   4.744   13.552  1.00 14.03 ? 233 LEU B CD1 1 
ATOM   1013 C CD2 . LEU B 1 33 ? 5.659   3.261   11.610  1.00 12.25 ? 233 LEU B CD2 1 
ATOM   1014 N N   . GLU B 1 34 ? 3.107   0.440   14.585  1.00 13.36 ? 234 GLU B N   1 
ATOM   1015 C CA  . GLU B 1 34 ? 2.675   -0.449  15.655  1.00 15.97 ? 234 GLU B CA  1 
ATOM   1016 C C   . GLU B 1 34 ? 2.792   0.305   16.983  1.00 15.58 ? 234 GLU B C   1 
ATOM   1017 O O   . GLU B 1 34 ? 3.483   1.324   17.081  1.00 13.72 ? 234 GLU B O   1 
ATOM   1018 C CB  . GLU B 1 34 ? 3.572   -1.696  15.691  1.00 17.52 ? 234 GLU B CB  1 
ATOM   1019 C CG  . GLU B 1 34 ? 3.567   -2.516  14.398  1.00 21.81 ? 234 GLU B CG  1 
ATOM   1020 C CD  . GLU B 1 34 ? 4.758   -3.481  14.279  1.00 24.64 ? 234 GLU B CD  1 
ATOM   1021 O OE1 . GLU B 1 34 ? 5.358   -3.852  15.314  1.00 25.85 ? 234 GLU B OE1 1 
ATOM   1022 O OE2 . GLU B 1 34 ? 5.097   -3.865  13.133  1.00 27.60 ? 234 GLU B OE2 1 
ATOM   1023 N N   . GLU B 1 35 ? 2.129   -0.223  18.005  1.00 16.53 ? 235 GLU B N   1 
ATOM   1024 C CA  . GLU B 1 35 ? 2.121   0.377   19.331  1.00 18.29 ? 235 GLU B CA  1 
ATOM   1025 C C   . GLU B 1 35 ? 3.531   0.746   19.805  1.00 17.32 ? 235 GLU B C   1 
ATOM   1026 O O   . GLU B 1 35 ? 4.456   -0.069  19.752  1.00 14.82 ? 235 GLU B O   1 
ATOM   1027 C CB  . GLU B 1 35 ? 1.450   -0.584  20.323  1.00 18.72 ? 235 GLU B CB  1 
ATOM   1028 C CG  . GLU B 1 35 ? 1.163   0.019   21.689  1.00 25.04 ? 235 GLU B CG  1 
ATOM   1029 C CD  . GLU B 1 35 ? 0.377   1.316   21.602  1.00 21.92 ? 235 GLU B CD  1 
ATOM   1030 O OE1 . GLU B 1 35 ? -0.721  1.319   21.000  1.00 25.44 ? 235 GLU B OE1 1 
ATOM   1031 O OE2 . GLU B 1 35 ? 0.870   2.334   22.127  1.00 24.96 ? 235 GLU B OE2 1 
ATOM   1032 N N   . MET B 1 36 ? 3.689   1.997   20.225  1.00 17.22 ? 236 MET B N   1 
ATOM   1033 C CA  . MET B 1 36 ? 4.970   2.501   20.712  1.00 17.25 ? 236 MET B CA  1 
ATOM   1034 C C   . MET B 1 36 ? 4.743   3.827   21.434  1.00 18.09 ? 236 MET B C   1 
ATOM   1035 O O   . MET B 1 36 ? 3.656   4.401   21.368  1.00 17.84 ? 236 MET B O   1 
ATOM   1036 C CB  . MET B 1 36 ? 5.941   2.724   19.547  1.00 16.46 ? 236 MET B CB  1 
ATOM   1037 C CG  . MET B 1 36 ? 5.551   3.887   18.646  1.00 18.38 ? 236 MET B CG  1 
ATOM   1038 S SD  . MET B 1 36 ? 6.788   4.215   17.400  1.00 21.31 ? 236 MET B SD  1 
ATOM   1039 C CE  . MET B 1 36 ? 8.121   4.872   18.422  1.00 23.04 ? 236 MET B CE  1 
ATOM   1040 N N   . SER B 1 37 ? 5.782   4.320   22.101  1.00 19.21 ? 237 SER B N   1 
ATOM   1041 C CA  . SER B 1 37 ? 5.696   5.585   22.821  1.00 21.18 ? 237 SER B CA  1 
ATOM   1042 C C   . SER B 1 37 ? 6.287   6.737   22.007  1.00 19.37 ? 237 SER B C   1 
ATOM   1043 O O   . SER B 1 37 ? 7.357   6.607   21.407  1.00 18.71 ? 237 SER B O   1 
ATOM   1044 C CB  . SER B 1 37 ? 6.430   5.492   24.169  1.00 25.02 ? 237 SER B CB  1 
ATOM   1045 O OG  . SER B 1 37 ? 5.913   4.432   24.966  1.00 31.56 ? 237 SER B OG  1 
ATOM   1046 N N   . LEU B 1 38 ? 5.554   7.845   21.949  1.00 18.12 ? 238 LEU B N   1 
ATOM   1047 C CA  . LEU B 1 38 ? 6.011   9.044   21.259  1.00 18.36 ? 238 LEU B CA  1 
ATOM   1048 C C   . LEU B 1 38 ? 5.755   10.217  22.200  1.00 19.99 ? 238 LEU B C   1 
ATOM   1049 O O   . LEU B 1 38 ? 4.839   10.170  23.018  1.00 19.05 ? 238 LEU B O   1 
ATOM   1050 C CB  . LEU B 1 38 ? 5.291   9.238   19.917  1.00 18.73 ? 238 LEU B CB  1 
ATOM   1051 C CG  . LEU B 1 38 ? 5.780   8.334   18.774  1.00 18.29 ? 238 LEU B CG  1 
ATOM   1052 C CD1 . LEU B 1 38 ? 5.034   8.654   17.489  1.00 19.09 ? 238 LEU B CD1 1 
ATOM   1053 C CD2 . LEU B 1 38 ? 7.283   8.512   18.559  1.00 18.37 ? 238 LEU B CD2 1 
ATOM   1054 N N   . PRO B 1 39 ? 6.586   11.268  22.125  1.00 20.09 ? 239 PRO B N   1 
ATOM   1055 C CA  . PRO B 1 39 ? 6.444   12.449  22.985  1.00 21.07 ? 239 PRO B CA  1 
ATOM   1056 C C   . PRO B 1 39 ? 5.251   13.355  22.678  1.00 20.17 ? 239 PRO B C   1 
ATOM   1057 O O   . PRO B 1 39 ? 4.669   13.295  21.592  1.00 20.53 ? 239 PRO B O   1 
ATOM   1058 C CB  . PRO B 1 39 ? 7.761   13.187  22.752  1.00 21.72 ? 239 PRO B CB  1 
ATOM   1059 C CG  . PRO B 1 39 ? 8.034   12.896  21.299  1.00 20.86 ? 239 PRO B CG  1 
ATOM   1060 C CD  . PRO B 1 39 ? 7.748   11.410  21.228  1.00 20.02 ? 239 PRO B CD  1 
ATOM   1061 N N   . GLY B 1 40 ? 4.902   14.189  23.655  1.00 20.32 ? 240 GLY B N   1 
ATOM   1062 C CA  . GLY B 1 40 ? 3.813   15.141  23.500  1.00 16.96 ? 240 GLY B CA  1 
ATOM   1063 C C   . GLY B 1 40 ? 2.389   14.624  23.562  1.00 16.37 ? 240 GLY B C   1 
ATOM   1064 O O   . GLY B 1 40 ? 2.118   13.508  24.010  1.00 15.82 ? 240 GLY B O   1 
ATOM   1065 N N   . ARG B 1 41 ? 1.468   15.483  23.150  1.00 15.24 ? 241 ARG B N   1 
ATOM   1066 C CA  . ARG B 1 41 ? 0.054   15.145  23.135  1.00 15.09 ? 241 ARG B CA  1 
ATOM   1067 C C   . ARG B 1 41 ? -0.335  14.588  21.779  1.00 15.64 ? 241 ARG B C   1 
ATOM   1068 O O   . ARG B 1 41 ? 0.286   14.902  20.760  1.00 14.11 ? 241 ARG B O   1 
ATOM   1069 C CB  . ARG B 1 41 ? -0.801  16.382  23.435  1.00 15.03 ? 241 ARG B CB  1 
ATOM   1070 C CG  . ARG B 1 41 ? -0.754  16.839  24.880  1.00 14.58 ? 241 ARG B CG  1 
ATOM   1071 C CD  . ARG B 1 41 ? -1.596  18.085  25.094  1.00 15.68 ? 241 ARG B CD  1 
ATOM   1072 N NE  . ARG B 1 41 ? -3.000  17.871  24.752  1.00 15.10 ? 241 ARG B NE  1 
ATOM   1073 C CZ  . ARG B 1 41 ? -3.900  17.332  25.570  1.00 14.66 ? 241 ARG B CZ  1 
ATOM   1074 N NH1 . ARG B 1 41 ? -3.548  16.948  26.791  1.00 10.87 ? 241 ARG B NH1 1 
ATOM   1075 N NH2 . ARG B 1 41 ? -5.154  17.186  25.165  1.00 12.18 ? 241 ARG B NH2 1 
ATOM   1076 N N   . TRP B 1 42 ? -1.377  13.767  21.778  1.00 14.88 ? 242 TRP B N   1 
ATOM   1077 C CA  . TRP B 1 42 ? -1.887  13.171  20.559  1.00 14.37 ? 242 TRP B CA  1 
ATOM   1078 C C   . TRP B 1 42 ? -3.363  13.514  20.372  1.00 15.63 ? 242 TRP B C   1 
ATOM   1079 O O   . TRP B 1 42 ? -4.067  13.844  21.335  1.00 13.91 ? 242 TRP B O   1 
ATOM   1080 C CB  . TRP B 1 42 ? -1.677  11.652  20.571  1.00 13.61 ? 242 TRP B CB  1 
ATOM   1081 C CG  . TRP B 1 42 ? -2.308  10.938  21.727  1.00 14.05 ? 242 TRP B CG  1 
ATOM   1082 C CD1 . TRP B 1 42 ? -1.771  10.750  22.968  1.00 12.50 ? 242 TRP B CD1 1 
ATOM   1083 C CD2 . TRP B 1 42 ? -3.583  10.277  21.737  1.00 14.38 ? 242 TRP B CD2 1 
ATOM   1084 N NE1 . TRP B 1 42 ? -2.627  10.015  23.748  1.00 13.73 ? 242 TRP B NE1 1 
ATOM   1085 C CE2 . TRP B 1 42 ? -3.748  9.708   23.020  1.00 12.93 ? 242 TRP B CE2 1 
ATOM   1086 C CE3 . TRP B 1 42 ? -4.602  10.109  20.784  1.00 14.95 ? 242 TRP B CE3 1 
ATOM   1087 C CZ2 . TRP B 1 42 ? -4.888  8.979   23.377  1.00 11.26 ? 242 TRP B CZ2 1 
ATOM   1088 C CZ3 . TRP B 1 42 ? -5.739  9.381   21.142  1.00 12.55 ? 242 TRP B CZ3 1 
ATOM   1089 C CH2 . TRP B 1 42 ? -5.869  8.826   22.428  1.00 12.10 ? 242 TRP B CH2 1 
ATOM   1090 N N   . LYS B 1 43 ? -3.799  13.467  19.116  1.00 15.47 ? 243 LYS B N   1 
ATOM   1091 C CA  . LYS B 1 43 ? -5.177  13.756  18.719  1.00 17.25 ? 243 LYS B CA  1 
ATOM   1092 C C   . LYS B 1 43 ? -5.764  12.472  18.143  1.00 16.43 ? 243 LYS B C   1 
ATOM   1093 O O   . LYS B 1 43 ? -5.025  11.609  17.662  1.00 16.30 ? 243 LYS B O   1 
ATOM   1094 C CB  . LYS B 1 43 ? -5.197  14.854  17.643  1.00 19.27 ? 243 LYS B CB  1 
ATOM   1095 C CG  . LYS B 1 43 ? -4.956  16.254  18.177  1.00 26.44 ? 243 LYS B CG  1 
ATOM   1096 C CD  . LYS B 1 43 ? -4.297  17.187  17.146  1.00 32.53 ? 243 LYS B CD  1 
ATOM   1097 C CE  . LYS B 1 43 ? -5.139  17.434  15.899  1.00 34.27 ? 243 LYS B CE  1 
ATOM   1098 N NZ  . LYS B 1 43 ? -5.141  16.279  14.967  1.00 37.11 ? 243 LYS B NZ  1 
ATOM   1099 N N   . PRO B 1 44 ? -7.098  12.325  18.178  1.00 16.11 ? 244 PRO B N   1 
ATOM   1100 C CA  . PRO B 1 44 ? -7.709  11.108  17.638  1.00 14.24 ? 244 PRO B CA  1 
ATOM   1101 C C   . PRO B 1 44 ? -7.917  11.148  16.124  1.00 14.45 ? 244 PRO B C   1 
ATOM   1102 O O   . PRO B 1 44 ? -8.188  12.205  15.548  1.00 12.75 ? 244 PRO B O   1 
ATOM   1103 C CB  . PRO B 1 44 ? -9.041  11.061  18.373  1.00 14.54 ? 244 PRO B CB  1 
ATOM   1104 C CG  . PRO B 1 44 ? -9.414  12.505  18.427  1.00 14.72 ? 244 PRO B CG  1 
ATOM   1105 C CD  . PRO B 1 44 ? -8.115  13.183  18.815  1.00 15.29 ? 244 PRO B CD  1 
ATOM   1106 N N   . LYS B 1 45 ? -7.736  9.998   15.484  1.00 14.75 ? 245 LYS B N   1 
ATOM   1107 C CA  . LYS B 1 45 ? -7.963  9.880   14.051  1.00 14.27 ? 245 LYS B CA  1 
ATOM   1108 C C   . LYS B 1 45 ? -8.533  8.502   13.735  1.00 16.54 ? 245 LYS B C   1 
ATOM   1109 O O   . LYS B 1 45 ? -8.126  7.493   14.317  1.00 15.75 ? 245 LYS B O   1 
ATOM   1110 C CB  . LYS B 1 45 ? -6.696  10.142  13.226  1.00 13.69 ? 245 LYS B CB  1 
ATOM   1111 C CG  . LYS B 1 45 ? -7.018  10.239  11.734  1.00 13.90 ? 245 LYS B CG  1 
ATOM   1112 C CD  . LYS B 1 45 ? -5.856  10.666  10.874  1.00 15.39 ? 245 LYS B CD  1 
ATOM   1113 C CE  . LYS B 1 45 ? -6.325  10.833  9.439   1.00 16.39 ? 245 LYS B CE  1 
ATOM   1114 N NZ  . LYS B 1 45 ? -5.265  11.343  8.533   1.00 20.84 ? 245 LYS B NZ  1 
ATOM   1115 N N   . MET B 1 46 ? -9.524  8.484   12.851  1.00 17.73 ? 246 MET B N   1 
ATOM   1116 C CA  . MET B 1 46 ? -10.178 7.254   12.430  1.00 22.34 ? 246 MET B CA  1 
ATOM   1117 C C   . MET B 1 46 ? -9.727  6.995   10.990  1.00 20.45 ? 246 MET B C   1 
ATOM   1118 O O   . MET B 1 46 ? -9.916  7.840   10.118  1.00 20.05 ? 246 MET B O   1 
ATOM   1119 C CB  . MET B 1 46 ? -11.703 7.441   12.496  1.00 27.44 ? 246 MET B CB  1 
ATOM   1120 C CG  . MET B 1 46 ? -12.535 6.189   12.215  1.00 37.56 ? 246 MET B CG  1 
ATOM   1121 S SD  . MET B 1 46 ? -12.471 4.957   13.540  1.00 47.72 ? 246 MET B SD  1 
ATOM   1122 C CE  . MET B 1 46 ? -14.021 5.258   14.374  1.00 46.04 ? 246 MET B CE  1 
ATOM   1123 N N   . ILE B 1 47 ? -9.078  5.860   10.751  1.00 18.01 ? 247 ILE B N   1 
ATOM   1124 C CA  . ILE B 1 47 ? -8.614  5.535   9.403   1.00 18.09 ? 247 ILE B CA  1 
ATOM   1125 C C   . ILE B 1 47 ? -9.229  4.232   8.923   1.00 17.62 ? 247 ILE B C   1 
ATOM   1126 O O   . ILE B 1 47 ? -9.474  3.323   9.719   1.00 17.53 ? 247 ILE B O   1 
ATOM   1127 C CB  . ILE B 1 47 ? -7.061  5.443   9.305   1.00 16.28 ? 247 ILE B CB  1 
ATOM   1128 C CG1 . ILE B 1 47 ? -6.523  4.322   10.191  1.00 14.67 ? 247 ILE B CG1 1 
ATOM   1129 C CG2 . ILE B 1 47 ? -6.422  6.778   9.685   1.00 15.47 ? 247 ILE B CG2 1 
ATOM   1130 C CD1 . ILE B 1 47 ? -5.044  4.061   10.015  1.00 13.66 ? 247 ILE B CD1 1 
ATOM   1131 N N   . GLY B 1 48 ? -9.487  4.153   7.620   1.00 20.68 ? 248 GLY B N   1 
ATOM   1132 C CA  . GLY B 1 48 ? -10.080 2.957   7.048   1.00 21.26 ? 248 GLY B CA  1 
ATOM   1133 C C   . GLY B 1 48 ? -9.087  2.089   6.304   1.00 21.97 ? 248 GLY B C   1 
ATOM   1134 O O   . GLY B 1 48 ? -8.208  2.588   5.616   1.00 24.16 ? 248 GLY B O   1 
ATOM   1135 N N   . GLY B 1 49 ? -9.238  0.778   6.438   1.00 22.01 ? 249 GLY B N   1 
ATOM   1136 C CA  . GLY B 1 49 ? -8.351  -0.147  5.764   1.00 19.67 ? 249 GLY B CA  1 
ATOM   1137 C C   . GLY B 1 49 ? -9.170  -1.167  5.002   1.00 20.05 ? 249 GLY B C   1 
ATOM   1138 O O   . GLY B 1 49 ? -10.375 -0.993  4.823   1.00 19.24 ? 249 GLY B O   1 
ATOM   1139 N N   . ILE B 1 50 ? -8.535  -2.255  4.585   1.00 17.79 ? 250 ILE B N   1 
ATOM   1140 C CA  . ILE B 1 50 ? -9.242  -3.282  3.836   1.00 21.07 ? 250 ILE B CA  1 
ATOM   1141 C C   . ILE B 1 50 ? -10.296 -4.015  4.679   1.00 21.26 ? 250 ILE B C   1 
ATOM   1142 O O   . ILE B 1 50 ? -11.350 -4.399  4.162   1.00 22.00 ? 250 ILE B O   1 
ATOM   1143 C CB  . ILE B 1 50 ? -8.258  -4.286  3.193   1.00 22.37 ? 250 ILE B CB  1 
ATOM   1144 C CG1 . ILE B 1 50 ? -8.905  -4.918  1.960   1.00 22.14 ? 250 ILE B CG1 1 
ATOM   1145 C CG2 . ILE B 1 50 ? -7.821  -5.350  4.206   1.00 19.40 ? 250 ILE B CG2 1 
ATOM   1146 C CD1 . ILE B 1 50 ? -7.950  -5.727  1.121   1.00 25.63 ? 250 ILE B CD1 1 
ATOM   1147 N N   . GLY B 1 51 ? -10.030 -4.153  5.979   1.00 19.84 ? 251 GLY B N   1 
ATOM   1148 C CA  . GLY B 1 51 ? -10.957 -4.843  6.862   1.00 21.27 ? 251 GLY B CA  1 
ATOM   1149 C C   . GLY B 1 51 ? -11.899 -3.960  7.666   1.00 20.47 ? 251 GLY B C   1 
ATOM   1150 O O   . GLY B 1 51 ? -12.736 -4.466  8.411   1.00 22.24 ? 251 GLY B O   1 
ATOM   1151 N N   . GLY B 1 52 ? -11.774 -2.645  7.517   1.00 19.83 ? 252 GLY B N   1 
ATOM   1152 C CA  . GLY B 1 52 ? -12.632 -1.733  8.253   1.00 20.75 ? 252 GLY B CA  1 
ATOM   1153 C C   . GLY B 1 52 ? -11.864 -0.586  8.880   1.00 22.09 ? 252 GLY B C   1 
ATOM   1154 O O   . GLY B 1 52 ? -10.690 -0.378  8.583   1.00 20.63 ? 252 GLY B O   1 
ATOM   1155 N N   . PHE B 1 53 ? -12.518 0.145   9.775   1.00 24.61 ? 253 PHE B N   1 
ATOM   1156 C CA  . PHE B 1 53 ? -11.892 1.288   10.435  1.00 26.42 ? 253 PHE B CA  1 
ATOM   1157 C C   . PHE B 1 53 ? -11.270 0.966   11.790  1.00 26.23 ? 253 PHE B C   1 
ATOM   1158 O O   . PHE B 1 53 ? -11.750 0.099   12.523  1.00 27.12 ? 253 PHE B O   1 
ATOM   1159 C CB  . PHE B 1 53 ? -12.906 2.421   10.619  1.00 27.99 ? 253 PHE B CB  1 
ATOM   1160 C CG  . PHE B 1 53 ? -13.453 2.964   9.332   1.00 30.12 ? 253 PHE B CG  1 
ATOM   1161 C CD1 . PHE B 1 53 ? -14.518 2.336   8.696   1.00 31.72 ? 253 PHE B CD1 1 
ATOM   1162 C CD2 . PHE B 1 53 ? -12.904 4.106   8.756   1.00 30.14 ? 253 PHE B CD2 1 
ATOM   1163 C CE1 . PHE B 1 53 ? -15.032 2.836   7.503   1.00 32.00 ? 253 PHE B CE1 1 
ATOM   1164 C CE2 . PHE B 1 53 ? -13.408 4.615   7.564   1.00 32.29 ? 253 PHE B CE2 1 
ATOM   1165 C CZ  . PHE B 1 53 ? -14.476 3.977   6.935   1.00 33.60 ? 253 PHE B CZ  1 
ATOM   1166 N N   . ILE B 1 54 ? -10.175 1.652   12.101  1.00 24.00 ? 254 ILE B N   1 
ATOM   1167 C CA  . ILE B 1 54 ? -9.507  1.484   13.382  1.00 20.87 ? 254 ILE B CA  1 
ATOM   1168 C C   . ILE B 1 54 ? -9.226  2.874   13.947  1.00 20.69 ? 254 ILE B C   1 
ATOM   1169 O O   . ILE B 1 54 ? -9.204  3.869   13.211  1.00 19.33 ? 254 ILE B O   1 
ATOM   1170 C CB  . ILE B 1 54 ? -8.168  0.682   13.296  1.00 19.45 ? 254 ILE B CB  1 
ATOM   1171 C CG1 . ILE B 1 54 ? -7.093  1.472   12.549  1.00 19.37 ? 254 ILE B CG1 1 
ATOM   1172 C CG2 . ILE B 1 54 ? -8.391  -0.678  12.649  1.00 18.49 ? 254 ILE B CG2 1 
ATOM   1173 C CD1 . ILE B 1 54 ? -5.695  0.916   12.747  1.00 15.50 ? 254 ILE B CD1 1 
ATOM   1174 N N   . LYS B 1 55 ? -9.084  2.936   15.264  1.00 20.32 ? 255 LYS B N   1 
ATOM   1175 C CA  . LYS B 1 55 ? -8.783  4.175   15.952  1.00 20.01 ? 255 LYS B CA  1 
ATOM   1176 C C   . LYS B 1 55 ? -7.277  4.223   16.163  1.00 18.97 ? 255 LYS B C   1 
ATOM   1177 O O   . LYS B 1 55 ? -6.659  3.224   16.538  1.00 19.15 ? 255 LYS B O   1 
ATOM   1178 C CB  . LYS B 1 55 ? -9.522  4.236   17.294  1.00 22.55 ? 255 LYS B CB  1 
ATOM   1179 C CG  . LYS B 1 55 ? -10.805 5.044   17.238  1.00 26.17 ? 255 LYS B CG  1 
ATOM   1180 C CD  . LYS B 1 55 ? -10.469 6.494   16.909  1.00 33.30 ? 255 LYS B CD  1 
ATOM   1181 C CE  . LYS B 1 55 ? -11.678 7.307   16.499  1.00 36.83 ? 255 LYS B CE  1 
ATOM   1182 N NZ  . LYS B 1 55 ? -11.314 8.734   16.259  1.00 36.31 ? 255 LYS B NZ  1 
ATOM   1183 N N   . VAL B 1 56 ? -6.685  5.376   15.876  1.00 14.90 ? 256 VAL B N   1 
ATOM   1184 C CA  . VAL B 1 56 ? -5.249  5.549   16.029  1.00 13.46 ? 256 VAL B CA  1 
ATOM   1185 C C   . VAL B 1 56 ? -4.936  6.862   16.735  1.00 15.44 ? 256 VAL B C   1 
ATOM   1186 O O   . VAL B 1 56 ? -5.785  7.760   16.817  1.00 14.56 ? 256 VAL B O   1 
ATOM   1187 C CB  . VAL B 1 56 ? -4.512  5.520   14.656  1.00 14.71 ? 256 VAL B CB  1 
ATOM   1188 C CG1 . VAL B 1 56 ? -4.684  4.173   13.987  1.00 14.93 ? 256 VAL B CG1 1 
ATOM   1189 C CG2 . VAL B 1 56 ? -5.031  6.617   13.737  1.00 13.42 ? 256 VAL B CG2 1 
ATOM   1190 N N   . ARG B 1 57 ? -3.730  6.946   17.285  1.00 14.25 ? 257 ARG B N   1 
ATOM   1191 C CA  . ARG B 1 57 ? -3.276  8.149   17.974  1.00 15.41 ? 257 ARG B CA  1 
ATOM   1192 C C   . ARG B 1 57 ? -2.441  8.956   16.981  1.00 15.08 ? 257 ARG B C   1 
ATOM   1193 O O   . ARG B 1 57 ? -1.532  8.420   16.348  1.00 12.67 ? 257 ARG B O   1 
ATOM   1194 C CB  . ARG B 1 57 ? -2.434  7.786   19.203  1.00 14.22 ? 257 ARG B CB  1 
ATOM   1195 C CG  . ARG B 1 57 ? -3.109  6.800   20.157  1.00 17.39 ? 257 ARG B CG  1 
ATOM   1196 C CD  . ARG B 1 57 ? -2.504  6.834   21.557  1.00 15.96 ? 257 ARG B CD  1 
ATOM   1197 N NE  . ARG B 1 57 ? -1.054  6.663   21.569  1.00 16.53 ? 257 ARG B NE  1 
ATOM   1198 C CZ  . ARG B 1 57 ? -0.437  5.485   21.504  1.00 18.74 ? 257 ARG B CZ  1 
ATOM   1199 N NH1 . ARG B 1 57 ? -1.141  4.364   21.414  1.00 18.99 ? 257 ARG B NH1 1 
ATOM   1200 N NH2 . ARG B 1 57 ? 0.888   5.425   21.550  1.00 20.51 ? 257 ARG B NH2 1 
ATOM   1201 N N   . GLN B 1 58 ? -2.766  10.235  16.828  1.00 13.11 ? 258 GLN B N   1 
ATOM   1202 C CA  . GLN B 1 58 ? -2.044  11.088  15.897  1.00 12.94 ? 258 GLN B CA  1 
ATOM   1203 C C   . GLN B 1 58 ? -1.041  12.011  16.569  1.00 13.75 ? 258 GLN B C   1 
ATOM   1204 O O   . GLN B 1 58 ? -1.409  12.829  17.406  1.00 12.09 ? 258 GLN B O   1 
ATOM   1205 C CB  . GLN B 1 58 ? -3.016  11.920  15.056  1.00 12.01 ? 258 GLN B CB  1 
ATOM   1206 C CG  . GLN B 1 58 ? -2.310  12.847  14.073  1.00 12.85 ? 258 GLN B CG  1 
ATOM   1207 C CD  . GLN B 1 58 ? -3.265  13.616  13.174  1.00 16.54 ? 258 GLN B CD  1 
ATOM   1208 O OE1 . GLN B 1 58 ? -4.388  13.184  12.912  1.00 15.77 ? 258 GLN B OE1 1 
ATOM   1209 N NE2 . GLN B 1 58 ? -2.812  14.765  12.688  1.00 16.79 ? 258 GLN B NE2 1 
ATOM   1210 N N   . TYR B 1 59 ? 0.229   11.849  16.204  1.00 12.44 ? 259 TYR B N   1 
ATOM   1211 C CA  . TYR B 1 59 ? 1.315   12.678  16.715  1.00 11.52 ? 259 TYR B CA  1 
ATOM   1212 C C   . TYR B 1 59 ? 1.846   13.464  15.523  1.00 12.91 ? 259 TYR B C   1 
ATOM   1213 O O   . TYR B 1 59 ? 2.060   12.895  14.452  1.00 13.13 ? 259 TYR B O   1 
ATOM   1214 C CB  . TYR B 1 59 ? 2.437   11.812  17.283  1.00 13.28 ? 259 TYR B CB  1 
ATOM   1215 C CG  . TYR B 1 59 ? 2.054   11.011  18.501  1.00 11.73 ? 259 TYR B CG  1 
ATOM   1216 C CD1 . TYR B 1 59 ? 1.504   9.736   18.370  1.00 10.57 ? 259 TYR B CD1 1 
ATOM   1217 C CD2 . TYR B 1 59 ? 2.254   11.521  19.788  1.00 12.13 ? 259 TYR B CD2 1 
ATOM   1218 C CE1 . TYR B 1 59 ? 1.160   8.986   19.483  1.00 12.77 ? 259 TYR B CE1 1 
ATOM   1219 C CE2 . TYR B 1 59 ? 1.914   10.776  20.911  1.00 12.61 ? 259 TYR B CE2 1 
ATOM   1220 C CZ  . TYR B 1 59 ? 1.368   9.510   20.748  1.00 14.46 ? 259 TYR B CZ  1 
ATOM   1221 O OH  . TYR B 1 59 ? 1.024   8.762   21.847  1.00 16.73 ? 259 TYR B OH  1 
ATOM   1222 N N   . ASP B 1 60 ? 2.065   14.762  15.712  1.00 13.26 ? 260 ASP B N   1 
ATOM   1223 C CA  . ASP B 1 60 ? 2.557   15.633  14.648  1.00 14.08 ? 260 ASP B CA  1 
ATOM   1224 C C   . ASP B 1 60 ? 4.000   16.102  14.837  1.00 14.57 ? 260 ASP B C   1 
ATOM   1225 O O   . ASP B 1 60 ? 4.509   16.142  15.956  1.00 13.83 ? 260 ASP B O   1 
ATOM   1226 C CB  . ASP B 1 60 ? 1.633   16.844  14.502  1.00 14.68 ? 260 ASP B CB  1 
ATOM   1227 C CG  . ASP B 1 60 ? 0.212   16.454  14.125  1.00 19.65 ? 260 ASP B CG  1 
ATOM   1228 O OD1 . ASP B 1 60 ? 0.038   15.650  13.186  1.00 19.30 ? 260 ASP B OD1 1 
ATOM   1229 O OD2 . ASP B 1 60 ? -0.734  16.946  14.773  1.00 20.88 ? 260 ASP B OD2 1 
ATOM   1230 N N   . GLN B 1 61 ? 4.649   16.436  13.722  1.00 13.89 ? 261 GLN B N   1 
ATOM   1231 C CA  . GLN B 1 61 ? 6.027   16.915  13.701  1.00 15.82 ? 261 GLN B CA  1 
ATOM   1232 C C   . GLN B 1 61 ? 6.989   15.991  14.436  1.00 15.16 ? 261 GLN B C   1 
ATOM   1233 O O   . GLN B 1 61 ? 7.804   16.426  15.250  1.00 15.36 ? 261 GLN B O   1 
ATOM   1234 C CB  . GLN B 1 61 ? 6.106   18.351  14.228  1.00 16.99 ? 261 GLN B CB  1 
ATOM   1235 C CG  . GLN B 1 61 ? 5.413   19.335  13.305  1.00 24.76 ? 261 GLN B CG  1 
ATOM   1236 C CD  . GLN B 1 61 ? 5.409   20.759  13.827  1.00 28.63 ? 261 GLN B CD  1 
ATOM   1237 O OE1 . GLN B 1 61 ? 4.361   21.406  13.862  1.00 30.86 ? 261 GLN B OE1 1 
ATOM   1238 N NE2 . GLN B 1 61 ? 6.586   21.271  14.195  1.00 28.66 ? 261 GLN B NE2 1 
ATOM   1239 N N   . ILE B 1 62 ? 6.852   14.701  14.144  1.00 13.82 ? 262 ILE B N   1 
ATOM   1240 C CA  . ILE B 1 62 ? 7.684   13.657  14.726  1.00 14.20 ? 262 ILE B CA  1 
ATOM   1241 C C   . ILE B 1 62 ? 8.865   13.378  13.795  1.00 15.34 ? 262 ILE B C   1 
ATOM   1242 O O   . ILE B 1 62 ? 8.693   13.254  12.577  1.00 15.29 ? 262 ILE B O   1 
ATOM   1243 C CB  . ILE B 1 62 ? 6.869   12.347  14.902  1.00 12.00 ? 262 ILE B CB  1 
ATOM   1244 C CG1 . ILE B 1 62 ? 5.754   12.532  15.937  1.00 12.26 ? 262 ILE B CG1 1 
ATOM   1245 C CG2 . ILE B 1 62 ? 7.779   11.206  15.298  1.00 13.18 ? 262 ILE B CG2 1 
ATOM   1246 C CD1 . ILE B 1 62 ? 6.243   12.750  17.357  1.00 13.20 ? 262 ILE B CD1 1 
ATOM   1247 N N   . LEU B 1 63 ? 10.063  13.288  14.366  1.00 15.02 ? 263 LEU B N   1 
ATOM   1248 C CA  . LEU B 1 63 ? 11.251  13.001  13.575  1.00 16.55 ? 263 LEU B CA  1 
ATOM   1249 C C   . LEU B 1 63 ? 11.294  11.509  13.276  1.00 15.57 ? 263 LEU B C   1 
ATOM   1250 O O   . LEU B 1 63 ? 11.148  10.681  14.174  1.00 13.17 ? 263 LEU B O   1 
ATOM   1251 C CB  . LEU B 1 63 ? 12.522  13.417  14.324  1.00 20.85 ? 263 LEU B CB  1 
ATOM   1252 C CG  . LEU B 1 63 ? 13.878  13.093  13.678  1.00 27.72 ? 263 LEU B CG  1 
ATOM   1253 C CD1 . LEU B 1 63 ? 13.984  13.673  12.258  1.00 26.56 ? 263 LEU B CD1 1 
ATOM   1254 C CD2 . LEU B 1 63 ? 14.992  13.630  14.573  1.00 28.72 ? 263 LEU B CD2 1 
ATOM   1255 N N   . ILE B 1 64 ? 11.496  11.177  12.009  1.00 15.48 ? 264 ILE B N   1 
ATOM   1256 C CA  . ILE B 1 64 ? 11.569  9.789   11.582  1.00 15.13 ? 264 ILE B CA  1 
ATOM   1257 C C   . ILE B 1 64 ? 12.489  9.692   10.371  1.00 14.72 ? 264 ILE B C   1 
ATOM   1258 O O   . ILE B 1 64 ? 12.405  10.498  9.448   1.00 14.68 ? 264 ILE B O   1 
ATOM   1259 C CB  . ILE B 1 64 ? 10.161  9.211   11.260  1.00 15.82 ? 264 ILE B CB  1 
ATOM   1260 C CG1 . ILE B 1 64 ? 10.278  7.766   10.766  1.00 13.96 ? 264 ILE B CG1 1 
ATOM   1261 C CG2 . ILE B 1 64 ? 9.430   10.104  10.262  1.00 16.90 ? 264 ILE B CG2 1 
ATOM   1262 C CD1 . ILE B 1 64 ? 8.940   7.071   10.581  1.00 14.82 ? 264 ILE B CD1 1 
ATOM   1263 N N   . GLU B 1 65 ? 13.400  8.728   10.425  1.00 15.09 ? 265 GLU B N   1 
ATOM   1264 C CA  . GLU B 1 65 ? 14.372  8.485   9.367   1.00 16.52 ? 265 GLU B CA  1 
ATOM   1265 C C   . GLU B 1 65 ? 13.918  7.262   8.580   1.00 16.51 ? 265 GLU B C   1 
ATOM   1266 O O   . GLU B 1 65 ? 13.587  6.233   9.162   1.00 15.72 ? 265 GLU B O   1 
ATOM   1267 C CB  . GLU B 1 65 ? 15.732  8.222   10.003  1.00 20.27 ? 265 GLU B CB  1 
ATOM   1268 C CG  . GLU B 1 65 ? 16.907  8.758   9.244   1.00 25.41 ? 265 GLU B CG  1 
ATOM   1269 C CD  . GLU B 1 65 ? 18.160  8.769   10.094  1.00 28.89 ? 265 GLU B CD  1 
ATOM   1270 O OE1 . GLU B 1 65 ? 18.335  9.717   10.891  1.00 26.72 ? 265 GLU B OE1 1 
ATOM   1271 O OE2 . GLU B 1 65 ? 18.964  7.825   9.971   1.00 30.82 ? 265 GLU B OE2 1 
ATOM   1272 N N   . ILE B 1 66 ? 13.892  7.380   7.259   1.00 16.09 ? 266 ILE B N   1 
ATOM   1273 C CA  . ILE B 1 66 ? 13.459  6.289   6.393   1.00 16.33 ? 266 ILE B CA  1 
ATOM   1274 C C   . ILE B 1 66 ? 14.528  6.073   5.324   1.00 18.72 ? 266 ILE B C   1 
ATOM   1275 O O   . ILE B 1 66 ? 14.777  6.961   4.504   1.00 16.54 ? 266 ILE B O   1 
ATOM   1276 C CB  . ILE B 1 66 ? 12.113  6.637   5.734   1.00 16.52 ? 266 ILE B CB  1 
ATOM   1277 C CG1 . ILE B 1 66 ? 11.074  6.929   6.823   1.00 16.24 ? 266 ILE B CG1 1 
ATOM   1278 C CG2 . ILE B 1 66 ? 11.649  5.498   4.834   1.00 17.41 ? 266 ILE B CG2 1 
ATOM   1279 C CD1 . ILE B 1 66 ? 9.903   7.767   6.370   1.00 20.57 ? 266 ILE B CD1 1 
ATOM   1280 N N   . CYS B 1 67 ? 15.163  4.900   5.349   1.00 20.11 ? 267 CYS B N   1 
ATOM   1281 C CA  . CYS B 1 67 ? 16.234  4.573   4.402   1.00 23.82 ? 267 CYS B CA  1 
ATOM   1282 C C   . CYS B 1 67 ? 17.376  5.587   4.531   1.00 22.98 ? 267 CYS B C   1 
ATOM   1283 O O   . CYS B 1 67 ? 18.021  5.936   3.543   1.00 26.11 ? 267 CYS B O   1 
ATOM   1284 C CB  . CYS B 1 67 ? 15.715  4.578   2.959   1.00 25.38 ? 267 CYS B CB  1 
ATOM   1285 S SG  . CYS B 1 67 ? 14.422  3.384   2.603   1.00 33.25 ? 267 CYS B SG  1 
ATOM   1286 N N   . GLY B 1 68 ? 17.599  6.084   5.744   1.00 23.00 ? 268 GLY B N   1 
ATOM   1287 C CA  . GLY B 1 68 ? 18.655  7.054   5.958   1.00 23.95 ? 268 GLY B CA  1 
ATOM   1288 C C   . GLY B 1 68 ? 18.265  8.502   5.697   1.00 25.06 ? 268 GLY B C   1 
ATOM   1289 O O   . GLY B 1 68 ? 19.056  9.404   5.973   1.00 26.66 ? 268 GLY B O   1 
ATOM   1290 N N   . HIS B 1 69 ? 17.069  8.732   5.155   1.00 22.69 ? 269 HIS B N   1 
ATOM   1291 C CA  . HIS B 1 69 ? 16.591  10.088  4.870   1.00 21.72 ? 269 HIS B CA  1 
ATOM   1292 C C   . HIS B 1 69 ? 15.763  10.617  6.042   1.00 21.40 ? 269 HIS B C   1 
ATOM   1293 O O   . HIS B 1 69 ? 14.814  9.964   6.480   1.00 18.21 ? 269 HIS B O   1 
ATOM   1294 C CB  . HIS B 1 69 ? 15.725  10.099  3.606   1.00 26.12 ? 269 HIS B CB  1 
ATOM   1295 C CG  . HIS B 1 69 ? 16.454  9.702   2.361   1.00 30.89 ? 269 HIS B CG  1 
ATOM   1296 N ND1 . HIS B 1 69 ? 16.856  10.617  1.410   1.00 32.95 ? 269 HIS B ND1 1 
ATOM   1297 C CD2 . HIS B 1 69 ? 16.837  8.488   1.898   1.00 32.11 ? 269 HIS B CD2 1 
ATOM   1298 C CE1 . HIS B 1 69 ? 17.453  9.982   0.415   1.00 32.81 ? 269 HIS B CE1 1 
ATOM   1299 N NE2 . HIS B 1 69 ? 17.454  8.693   0.686   1.00 32.21 ? 269 HIS B NE2 1 
ATOM   1300 N N   . LYS B 1 70 ? 16.104  11.806  6.534   1.00 19.59 ? 270 LYS B N   1 
ATOM   1301 C CA  . LYS B 1 70 ? 15.369  12.388  7.654   1.00 21.07 ? 270 LYS B CA  1 
ATOM   1302 C C   . LYS B 1 70 ? 14.075  13.074  7.226   1.00 21.43 ? 270 LYS B C   1 
ATOM   1303 O O   . LYS B 1 70 ? 14.038  13.817  6.241   1.00 22.14 ? 270 LYS B O   1 
ATOM   1304 C CB  . LYS B 1 70 ? 16.234  13.378  8.436   1.00 22.02 ? 270 LYS B CB  1 
ATOM   1305 C CG  . LYS B 1 70 ? 17.538  12.805  8.952   1.00 27.30 ? 270 LYS B CG  1 
ATOM   1306 C CD  . LYS B 1 70 ? 18.257  13.806  9.842   1.00 28.46 ? 270 LYS B CD  1 
ATOM   1307 C CE  . LYS B 1 70 ? 19.742  13.496  9.938   1.00 32.14 ? 270 LYS B CE  1 
ATOM   1308 N NZ  . LYS B 1 70 ? 19.992  12.105  10.392  1.00 33.07 ? 270 LYS B NZ  1 
ATOM   1309 N N   . ALA B 1 71 ? 13.018  12.817  7.987   1.00 17.59 ? 271 ALA B N   1 
ATOM   1310 C CA  . ALA B 1 71 ? 11.707  13.394  7.737   1.00 14.84 ? 271 ALA B CA  1 
ATOM   1311 C C   . ALA B 1 71 ? 11.120  13.818  9.081   1.00 14.56 ? 271 ALA B C   1 
ATOM   1312 O O   . ALA B 1 71 ? 11.522  13.314  10.133  1.00 15.26 ? 271 ALA B O   1 
ATOM   1313 C CB  . ALA B 1 71 ? 10.802  12.361  7.068   1.00 13.44 ? 271 ALA B CB  1 
ATOM   1314 N N   . ILE B 1 72 ? 10.224  14.798  9.046   1.00 13.84 ? 272 ILE B N   1 
ATOM   1315 C CA  . ILE B 1 72 ? 9.557   15.283  10.255  1.00 13.93 ? 272 ILE B CA  1 
ATOM   1316 C C   . ILE B 1 72 ? 8.097   15.452  9.866   1.00 13.08 ? 272 ILE B C   1 
ATOM   1317 O O   . ILE B 1 72 ? 7.757   16.341  9.086   1.00 12.17 ? 272 ILE B O   1 
ATOM   1318 C CB  . ILE B 1 72 ? 10.111  16.648  10.741  1.00 12.36 ? 272 ILE B CB  1 
ATOM   1319 C CG1 . ILE B 1 72 ? 11.630  16.580  10.930  1.00 13.93 ? 272 ILE B CG1 1 
ATOM   1320 C CG2 . ILE B 1 72 ? 9.457   17.025  12.066  1.00 13.38 ? 272 ILE B CG2 1 
ATOM   1321 C CD1 . ILE B 1 72 ? 12.278  17.923  11.229  1.00 14.27 ? 272 ILE B CD1 1 
ATOM   1322 N N   . GLY B 1 73 ? 7.239   14.580  10.376  1.00 12.70 ? 273 GLY B N   1 
ATOM   1323 C CA  . GLY B 1 73 ? 5.840   14.671  10.014  1.00 11.71 ? 273 GLY B CA  1 
ATOM   1324 C C   . GLY B 1 73 ? 4.901   13.917  10.925  1.00 11.93 ? 273 GLY B C   1 
ATOM   1325 O O   . GLY B 1 73 ? 5.264   13.525  12.034  1.00 11.94 ? 273 GLY B O   1 
ATOM   1326 N N   . THR B 1 74 ? 3.678   13.732  10.447  1.00 12.41 ? 274 THR B N   1 
ATOM   1327 C CA  . THR B 1 74 ? 2.649   13.048  11.207  1.00 12.91 ? 274 THR B CA  1 
ATOM   1328 C C   . THR B 1 74 ? 2.813   11.537  11.214  1.00 13.64 ? 274 THR B C   1 
ATOM   1329 O O   . THR B 1 74 ? 3.037   10.906  10.174  1.00 11.93 ? 274 THR B O   1 
ATOM   1330 C CB  . THR B 1 74 ? 1.253   13.426  10.693  1.00 14.42 ? 274 THR B CB  1 
ATOM   1331 O OG1 . THR B 1 74 ? 1.084   14.843  10.817  1.00 14.93 ? 274 THR B OG1 1 
ATOM   1332 C CG2 . THR B 1 74 ? 0.163   12.712  11.488  1.00 13.16 ? 274 THR B CG2 1 
ATOM   1333 N N   . VAL B 1 75 ? 2.733   10.973  12.412  1.00 10.67 ? 275 VAL B N   1 
ATOM   1334 C CA  . VAL B 1 75 ? 2.853   9.540   12.605  1.00 12.36 ? 275 VAL B CA  1 
ATOM   1335 C C   . VAL B 1 75 ? 1.651   9.078   13.412  1.00 12.23 ? 275 VAL B C   1 
ATOM   1336 O O   . VAL B 1 75 ? 1.311   9.674   14.434  1.00 13.13 ? 275 VAL B O   1 
ATOM   1337 C CB  . VAL B 1 75 ? 4.166   9.176   13.349  1.00 13.12 ? 275 VAL B CB  1 
ATOM   1338 C CG1 . VAL B 1 75 ? 4.187   7.698   13.703  1.00 16.17 ? 275 VAL B CG1 1 
ATOM   1339 C CG2 . VAL B 1 75 ? 5.377   9.519   12.472  1.00 13.37 ? 275 VAL B CG2 1 
ATOM   1340 N N   . LEU B 1 76 ? 0.958   8.075   12.891  1.00 10.92 ? 276 LEU B N   1 
ATOM   1341 C CA  . LEU B 1 76 ? -0.204  7.518   13.567  1.00 13.47 ? 276 LEU B CA  1 
ATOM   1342 C C   . LEU B 1 76 ? 0.229   6.223   14.242  1.00 14.58 ? 276 LEU B C   1 
ATOM   1343 O O   . LEU B 1 76 ? 1.006   5.458   13.671  1.00 13.01 ? 276 LEU B O   1 
ATOM   1344 C CB  . LEU B 1 76 ? -1.324  7.224   12.564  1.00 13.26 ? 276 LEU B CB  1 
ATOM   1345 C CG  . LEU B 1 76 ? -1.761  8.347   11.619  1.00 11.33 ? 276 LEU B CG  1 
ATOM   1346 C CD1 . LEU B 1 76 ? -2.875  7.836   10.729  1.00 12.20 ? 276 LEU B CD1 1 
ATOM   1347 C CD2 . LEU B 1 76 ? -2.210  9.567   12.410  1.00 9.39  ? 276 LEU B CD2 1 
ATOM   1348 N N   . VAL B 1 77 ? -0.239  6.004   15.471  1.00 14.62 ? 277 VAL B N   1 
ATOM   1349 C CA  . VAL B 1 77 ? 0.092   4.797   16.219  1.00 15.56 ? 277 VAL B CA  1 
ATOM   1350 C C   . VAL B 1 77 ? -1.195  4.044   16.546  1.00 18.15 ? 277 VAL B C   1 
ATOM   1351 O O   . VAL B 1 77 ? -2.128  4.606   17.125  1.00 17.49 ? 277 VAL B O   1 
ATOM   1352 C CB  . VAL B 1 77 ? 0.858   5.120   17.524  1.00 14.90 ? 277 VAL B CB  1 
ATOM   1353 C CG1 . VAL B 1 77 ? 1.197   3.834   18.279  1.00 16.22 ? 277 VAL B CG1 1 
ATOM   1354 C CG2 . VAL B 1 77 ? 2.135   5.884   17.204  1.00 15.25 ? 277 VAL B CG2 1 
ATOM   1355 N N   . GLY B 1 78 ? -1.252  2.778   16.148  1.00 17.72 ? 278 GLY B N   1 
ATOM   1356 C CA  . GLY B 1 78 ? -2.437  1.985   16.405  1.00 19.00 ? 278 GLY B CA  1 
ATOM   1357 C C   . GLY B 1 78 ? -2.264  0.533   16.016  1.00 20.43 ? 278 GLY B C   1 
ATOM   1358 O O   . GLY B 1 78 ? -1.153  0.108   15.676  1.00 18.98 ? 278 GLY B O   1 
ATOM   1359 N N   . PRO B 1 79 ? -3.359  -0.250  16.040  1.00 20.08 ? 279 PRO B N   1 
ATOM   1360 C CA  . PRO B 1 79 ? -3.374  -1.677  15.699  1.00 20.72 ? 279 PRO B CA  1 
ATOM   1361 C C   . PRO B 1 79 ? -3.216  -2.016  14.216  1.00 19.94 ? 279 PRO B C   1 
ATOM   1362 O O   . PRO B 1 79 ? -4.147  -2.491  13.582  1.00 22.69 ? 279 PRO B O   1 
ATOM   1363 C CB  . PRO B 1 79 ? -4.723  -2.138  16.250  1.00 20.07 ? 279 PRO B CB  1 
ATOM   1364 C CG  . PRO B 1 79 ? -5.589  -0.933  16.052  1.00 20.12 ? 279 PRO B CG  1 
ATOM   1365 C CD  . PRO B 1 79 ? -4.691  0.198   16.493  1.00 20.26 ? 279 PRO B CD  1 
ATOM   1366 N N   . THR B 1 80 ? -2.029  -1.769  13.668  1.00 21.38 ? 280 THR B N   1 
ATOM   1367 C CA  . THR B 1 80 ? -1.754  -2.086  12.268  1.00 19.00 ? 280 THR B CA  1 
ATOM   1368 C C   . THR B 1 80 ? -1.001  -3.410  12.219  1.00 19.86 ? 280 THR B C   1 
ATOM   1369 O O   . THR B 1 80 ? -0.233  -3.724  13.127  1.00 20.90 ? 280 THR B O   1 
ATOM   1370 C CB  . THR B 1 80 ? -0.898  -0.987  11.583  1.00 17.50 ? 280 THR B CB  1 
ATOM   1371 O OG1 . THR B 1 80 ? -0.589  -1.388  10.240  1.00 14.72 ? 280 THR B OG1 1 
ATOM   1372 C CG2 . THR B 1 80 ? 0.402   -0.757  12.347  1.00 18.69 ? 280 THR B CG2 1 
ATOM   1373 N N   . PRO B 1 81 ? -1.236  -4.223  11.176  1.00 20.04 ? 281 PRO B N   1 
ATOM   1374 C CA  . PRO B 1 81 ? -0.537  -5.509  11.070  1.00 20.47 ? 281 PRO B CA  1 
ATOM   1375 C C   . PRO B 1 81 ? 0.986   -5.372  10.950  1.00 20.54 ? 281 PRO B C   1 
ATOM   1376 O O   . PRO B 1 81 ? 1.726   -6.256  11.377  1.00 19.96 ? 281 PRO B O   1 
ATOM   1377 C CB  . PRO B 1 81 ? -1.169  -6.150  9.827   1.00 20.76 ? 281 PRO B CB  1 
ATOM   1378 C CG  . PRO B 1 81 ? -1.702  -4.979  9.048   1.00 23.35 ? 281 PRO B CG  1 
ATOM   1379 C CD  . PRO B 1 81 ? -2.256  -4.093  10.124  1.00 21.70 ? 281 PRO B CD  1 
ATOM   1380 N N   . VAL B 1 82 ? 1.441   -4.263  10.370  1.00 18.66 ? 282 VAL B N   1 
ATOM   1381 C CA  . VAL B 1 82 ? 2.871   -3.977  10.202  1.00 16.46 ? 282 VAL B CA  1 
ATOM   1382 C C   . VAL B 1 82 ? 3.077   -2.467  10.128  1.00 14.91 ? 282 VAL B C   1 
ATOM   1383 O O   . VAL B 1 82 ? 2.128   -1.714  9.897   1.00 15.07 ? 282 VAL B O   1 
ATOM   1384 C CB  . VAL B 1 82 ? 3.454   -4.584  8.889   1.00 18.47 ? 282 VAL B CB  1 
ATOM   1385 C CG1 . VAL B 1 82 ? 3.442   -6.107  8.941   1.00 22.48 ? 282 VAL B CG1 1 
ATOM   1386 C CG2 . VAL B 1 82 ? 2.682   -4.070  7.672   1.00 17.48 ? 282 VAL B CG2 1 
ATOM   1387 N N   . ASN B 1 83 ? 4.311   -2.020  10.341  1.00 11.14 ? 283 ASN B N   1 
ATOM   1388 C CA  . ASN B 1 83 ? 4.615   -0.594  10.251  1.00 11.71 ? 283 ASN B CA  1 
ATOM   1389 C C   . ASN B 1 83 ? 4.524   -0.208  8.775   1.00 11.12 ? 283 ASN B C   1 
ATOM   1390 O O   . ASN B 1 83 ? 5.140   -0.857  7.930   1.00 11.73 ? 283 ASN B O   1 
ATOM   1391 C CB  . ASN B 1 83 ? 6.039   -0.305  10.730  1.00 10.24 ? 283 ASN B CB  1 
ATOM   1392 C CG  . ASN B 1 83 ? 6.219   -0.519  12.209  1.00 13.67 ? 283 ASN B CG  1 
ATOM   1393 O OD1 . ASN B 1 83 ? 5.353   -0.173  13.011  1.00 14.49 ? 283 ASN B OD1 1 
ATOM   1394 N ND2 . ASN B 1 83 ? 7.362   -1.065  12.586  1.00 13.05 ? 283 ASN B ND2 1 
ATOM   1395 N N   . ILE B 1 84 ? 3.734   0.814   8.463   1.00 8.97  ? 284 ILE B N   1 
ATOM   1396 C CA  . ILE B 1 84 ? 3.607   1.269   7.083   1.00 9.79  ? 284 ILE B CA  1 
ATOM   1397 C C   . ILE B 1 84 ? 3.967   2.743   6.937   1.00 11.55 ? 284 ILE B C   1 
ATOM   1398 O O   . ILE B 1 84 ? 3.563   3.584   7.746   1.00 11.19 ? 284 ILE B O   1 
ATOM   1399 C CB  . ILE B 1 84 ? 2.187   1.022   6.491   1.00 12.30 ? 284 ILE B CB  1 
ATOM   1400 C CG1 . ILE B 1 84 ? 1.118   1.719   7.330   1.00 14.48 ? 284 ILE B CG1 1 
ATOM   1401 C CG2 . ILE B 1 84 ? 1.901   -0.467  6.393   1.00 11.12 ? 284 ILE B CG2 1 
ATOM   1402 C CD1 . ILE B 1 84 ? -0.288  1.499   6.815   1.00 20.16 ? 284 ILE B CD1 1 
ATOM   1403 N N   . ILE B 1 85 ? 4.779   3.031   5.925   1.00 9.67  ? 285 ILE B N   1 
ATOM   1404 C CA  . ILE B 1 85 ? 5.201   4.392   5.631   1.00 10.43 ? 285 ILE B CA  1 
ATOM   1405 C C   . ILE B 1 85 ? 4.305   4.871   4.493   1.00 11.64 ? 285 ILE B C   1 
ATOM   1406 O O   . ILE B 1 85 ? 4.408   4.388   3.361   1.00 11.04 ? 285 ILE B O   1 
ATOM   1407 C CB  . ILE B 1 85 ? 6.685   4.439   5.183   1.00 9.28  ? 285 ILE B CB  1 
ATOM   1408 C CG1 . ILE B 1 85 ? 7.581   3.803   6.252   1.00 10.26 ? 285 ILE B CG1 1 
ATOM   1409 C CG2 . ILE B 1 85 ? 7.122   5.876   4.934   1.00 9.50  ? 285 ILE B CG2 1 
ATOM   1410 C CD1 . ILE B 1 85 ? 7.439   4.425   7.633   1.00 10.95 ? 285 ILE B CD1 1 
ATOM   1411 N N   . GLY B 1 86 ? 3.404   5.792   4.819   1.00 11.40 ? 286 GLY B N   1 
ATOM   1412 C CA  . GLY B 1 86 ? 2.482   6.321   3.833   1.00 10.65 ? 286 GLY B CA  1 
ATOM   1413 C C   . GLY B 1 86 ? 3.029   7.468   3.008   1.00 10.30 ? 286 GLY B C   1 
ATOM   1414 O O   . GLY B 1 86 ? 4.146   7.948   3.225   1.00 9.05  ? 286 GLY B O   1 
ATOM   1415 N N   . ARG B 1 87 ? 2.201   7.945   2.087   1.00 9.55  ? 287 ARG B N   1 
ATOM   1416 C CA  . ARG B 1 87 ? 2.579   9.030   1.192   1.00 9.32  ? 287 ARG B CA  1 
ATOM   1417 C C   . ARG B 1 87 ? 2.990   10.329  1.873   1.00 8.17  ? 287 ARG B C   1 
ATOM   1418 O O   . ARG B 1 87 ? 3.802   11.071  1.328   1.00 10.14 ? 287 ARG B O   1 
ATOM   1419 C CB  . ARG B 1 87 ? 1.471   9.282   0.167   1.00 9.94  ? 287 ARG B CB  1 
ATOM   1420 C CG  . ARG B 1 87 ? 1.252   8.113   -0.795  1.00 10.40 ? 287 ARG B CG  1 
ATOM   1421 C CD  . ARG B 1 87 ? 0.237   8.456   -1.881  1.00 10.22 ? 287 ARG B CD  1 
ATOM   1422 N NE  . ARG B 1 87 ? -1.082  8.743   -1.325  1.00 10.13 ? 287 ARG B NE  1 
ATOM   1423 C CZ  . ARG B 1 87 ? -1.594  9.961   -1.176  1.00 11.23 ? 287 ARG B CZ  1 
ATOM   1424 N NH1 . ARG B 1 87 ? -0.908  11.033  -1.550  1.00 10.79 ? 287 ARG B NH1 1 
ATOM   1425 N NH2 . ARG B 1 87 ? -2.787  10.106  -0.620  1.00 9.94  ? 287 ARG B NH2 1 
ATOM   1426 N N   . ASN B 1 88 ? 2.470   10.593  3.070   1.00 8.86  ? 288 ASN B N   1 
ATOM   1427 C CA  . ASN B 1 88 ? 2.834   11.821  3.776   1.00 9.87  ? 288 ASN B CA  1 
ATOM   1428 C C   . ASN B 1 88 ? 4.350   11.889  4.014   1.00 11.08 ? 288 ASN B C   1 
ATOM   1429 O O   . ASN B 1 88 ? 4.942   12.968  4.001   1.00 12.69 ? 288 ASN B O   1 
ATOM   1430 C CB  . ASN B 1 88 ? 2.059   11.949  5.103   1.00 11.07 ? 288 ASN B CB  1 
ATOM   1431 C CG  . ASN B 1 88 ? 2.490   10.931  6.154   1.00 10.91 ? 288 ASN B CG  1 
ATOM   1432 O OD1 . ASN B 1 88 ? 2.509   9.730   5.904   1.00 10.34 ? 288 ASN B OD1 1 
ATOM   1433 N ND2 . ASN B 1 88 ? 2.833   11.421  7.346   1.00 11.21 ? 288 ASN B ND2 1 
ATOM   1434 N N   . LEU B 1 89 ? 4.976   10.726  4.198   1.00 8.79  ? 289 LEU B N   1 
ATOM   1435 C CA  . LEU B 1 89 ? 6.417   10.665  4.424   1.00 10.67 ? 289 LEU B CA  1 
ATOM   1436 C C   . LEU B 1 89 ? 7.189   10.240  3.177   1.00 9.31  ? 289 LEU B C   1 
ATOM   1437 O O   . LEU B 1 89 ? 8.339   10.631  3.007   1.00 11.01 ? 289 LEU B O   1 
ATOM   1438 C CB  . LEU B 1 89 ? 6.755   9.743   5.599   1.00 10.31 ? 289 LEU B CB  1 
ATOM   1439 C CG  . LEU B 1 89 ? 6.209   10.153  6.971   1.00 11.89 ? 289 LEU B CG  1 
ATOM   1440 C CD1 . LEU B 1 89 ? 6.738   9.209   8.021   1.00 11.27 ? 289 LEU B CD1 1 
ATOM   1441 C CD2 . LEU B 1 89 ? 6.603   11.587  7.313   1.00 11.06 ? 289 LEU B CD2 1 
ATOM   1442 N N   . LEU B 1 90 ? 6.568   9.439   2.311   1.00 10.37 ? 290 LEU B N   1 
ATOM   1443 C CA  . LEU B 1 90 ? 7.229   9.006   1.080   1.00 9.55  ? 290 LEU B CA  1 
ATOM   1444 C C   . LEU B 1 90 ? 7.546   10.245  0.245   1.00 10.89 ? 290 LEU B C   1 
ATOM   1445 O O   . LEU B 1 90 ? 8.614   10.330  -0.364  1.00 10.73 ? 290 LEU B O   1 
ATOM   1446 C CB  . LEU B 1 90 ? 6.353   8.030   0.286   1.00 11.13 ? 290 LEU B CB  1 
ATOM   1447 C CG  . LEU B 1 90 ? 6.076   6.662   0.926   1.00 10.60 ? 290 LEU B CG  1 
ATOM   1448 C CD1 . LEU B 1 90 ? 5.184   5.837   0.017   1.00 11.01 ? 290 LEU B CD1 1 
ATOM   1449 C CD2 . LEU B 1 90 ? 7.384   5.922   1.182   1.00 12.70 ? 290 LEU B CD2 1 
ATOM   1450 N N   . THR B 1 91 ? 6.638   11.224  0.267   1.00 10.76 ? 291 THR B N   1 
ATOM   1451 C CA  . THR B 1 91 ? 6.835   12.478  -0.463  1.00 12.02 ? 291 THR B CA  1 
ATOM   1452 C C   . THR B 1 91 ? 7.969   13.313  0.153   1.00 13.40 ? 291 THR B C   1 
ATOM   1453 O O   . THR B 1 91 ? 8.676   14.023  -0.562  1.00 15.55 ? 291 THR B O   1 
ATOM   1454 C CB  . THR B 1 91 ? 5.549   13.336  -0.513  1.00 13.49 ? 291 THR B CB  1 
ATOM   1455 O OG1 . THR B 1 91 ? 5.072   13.584  0.817   1.00 12.42 ? 291 THR B OG1 1 
ATOM   1456 C CG2 . THR B 1 91 ? 4.475   12.642  -1.333  1.00 12.60 ? 291 THR B CG2 1 
ATOM   1457 N N   . GLN B 1 92 ? 8.142   13.218  1.471   1.00 11.36 ? 292 GLN B N   1 
ATOM   1458 C CA  . GLN B 1 92 ? 9.203   13.953  2.158   1.00 13.57 ? 292 GLN B CA  1 
ATOM   1459 C C   . GLN B 1 92 ? 10.599  13.468  1.779   1.00 14.37 ? 292 GLN B C   1 
ATOM   1460 O O   . GLN B 1 92 ? 11.559  14.241  1.810   1.00 17.72 ? 292 GLN B O   1 
ATOM   1461 C CB  . GLN B 1 92 ? 9.033   13.894  3.678   1.00 11.33 ? 292 GLN B CB  1 
ATOM   1462 C CG  . GLN B 1 92 ? 7.895   14.747  4.208   1.00 12.39 ? 292 GLN B CG  1 
ATOM   1463 C CD  . GLN B 1 92 ? 8.095   15.154  5.652   1.00 13.25 ? 292 GLN B CD  1 
ATOM   1464 O OE1 . GLN B 1 92 ? 9.221   15.177  6.154   1.00 15.27 ? 292 GLN B OE1 1 
ATOM   1465 N NE2 . GLN B 1 92 ? 7.007   15.498  6.325   1.00 11.60 ? 292 GLN B NE2 1 
ATOM   1466 N N   . ILE B 1 93 ? 10.717  12.194  1.422   1.00 15.46 ? 293 ILE B N   1 
ATOM   1467 C CA  . ILE B 1 93 ? 12.017  11.660  1.034   1.00 15.62 ? 293 ILE B CA  1 
ATOM   1468 C C   . ILE B 1 93 ? 12.215  11.580  -0.487  1.00 15.92 ? 293 ILE B C   1 
ATOM   1469 O O   . ILE B 1 93 ? 13.166  10.960  -0.961  1.00 17.09 ? 293 ILE B O   1 
ATOM   1470 C CB  . ILE B 1 93 ? 12.310  10.297  1.699   1.00 15.45 ? 293 ILE B CB  1 
ATOM   1471 C CG1 . ILE B 1 93 ? 11.297  9.245   1.253   1.00 14.77 ? 293 ILE B CG1 1 
ATOM   1472 C CG2 . ILE B 1 93 ? 12.302  10.450  3.211   1.00 13.77 ? 293 ILE B CG2 1 
ATOM   1473 C CD1 . ILE B 1 93 ? 11.566  7.874   1.824   1.00 16.41 ? 293 ILE B CD1 1 
ATOM   1474 N N   . GLY B 1 94 ? 11.319  12.217  -1.240  1.00 13.53 ? 294 GLY B N   1 
ATOM   1475 C CA  . GLY B 1 94 ? 11.433  12.234  -2.691  1.00 14.72 ? 294 GLY B CA  1 
ATOM   1476 C C   . GLY B 1 94 ? 11.192  10.912  -3.398  1.00 16.28 ? 294 GLY B C   1 
ATOM   1477 O O   . GLY B 1 94 ? 11.742  10.668  -4.476  1.00 16.05 ? 294 GLY B O   1 
ATOM   1478 N N   . MET B 1 95 ? 10.356  10.068  -2.802  1.00 15.42 ? 295 MET B N   1 
ATOM   1479 C CA  . MET B 1 95 ? 10.023  8.759   -3.359  1.00 16.85 ? 295 MET B CA  1 
ATOM   1480 C C   . MET B 1 95 ? 8.949   8.863   -4.445  1.00 16.23 ? 295 MET B C   1 
ATOM   1481 O O   . MET B 1 95 ? 7.961   9.584   -4.287  1.00 16.02 ? 295 MET B O   1 
ATOM   1482 C CB  . MET B 1 95 ? 9.521   7.848   -2.237  1.00 20.09 ? 295 MET B CB  1 
ATOM   1483 C CG  . MET B 1 95 ? 9.204   6.422   -2.644  1.00 23.50 ? 295 MET B CG  1 
ATOM   1484 S SD  . MET B 1 95 ? 10.580  5.309   -2.358  1.00 28.25 ? 295 MET B SD  1 
ATOM   1485 C CE  . MET B 1 95 ? 10.796  5.468   -0.633  1.00 28.69 ? 295 MET B CE  1 
ATOM   1486 N N   . THR B 1 96 ? 9.142   8.135   -5.541  1.00 13.42 ? 296 THR B N   1 
ATOM   1487 C CA  . THR B 1 96 ? 8.179   8.133   -6.642  1.00 13.59 ? 296 THR B CA  1 
ATOM   1488 C C   . THR B 1 96 ? 8.096   6.734   -7.248  1.00 11.77 ? 296 THR B C   1 
ATOM   1489 O O   . THR B 1 96 ? 8.907   5.859   -6.936  1.00 12.35 ? 296 THR B O   1 
ATOM   1490 C CB  . THR B 1 96 ? 8.575   9.110   -7.788  1.00 13.21 ? 296 THR B CB  1 
ATOM   1491 O OG1 . THR B 1 96 ? 9.846   8.730   -8.323  1.00 14.30 ? 296 THR B OG1 1 
ATOM   1492 C CG2 . THR B 1 96 ? 8.630   10.556  -7.305  1.00 15.22 ? 296 THR B CG2 1 
ATOM   1493 N N   . LEU B 1 97 ? 7.078   6.526   -8.075  1.00 11.19 ? 297 LEU B N   1 
ATOM   1494 C CA  . LEU B 1 97 ? 6.880   5.267   -8.781  1.00 11.10 ? 297 LEU B CA  1 
ATOM   1495 C C   . LEU B 1 97 ? 7.360   5.518   -10.209 1.00 12.44 ? 297 LEU B C   1 
ATOM   1496 O O   . LEU B 1 97 ? 7.126   6.587   -10.767 1.00 12.32 ? 297 LEU B O   1 
ATOM   1497 C CB  . LEU B 1 97 ? 5.401   4.871   -8.779  1.00 11.83 ? 297 LEU B CB  1 
ATOM   1498 C CG  . LEU B 1 97 ? 4.854   4.249   -7.489  1.00 11.41 ? 297 LEU B CG  1 
ATOM   1499 C CD1 . LEU B 1 97 ? 3.335   4.150   -7.567  1.00 9.89  ? 297 LEU B CD1 1 
ATOM   1500 C CD2 . LEU B 1 97 ? 5.487   2.869   -7.262  1.00 10.83 ? 297 LEU B CD2 1 
ATOM   1501 N N   . ASN B 1 98 ? 8.073   4.555   -10.780 1.00 12.69 ? 298 ASN B N   1 
ATOM   1502 C CA  . ASN B 1 98 ? 8.592   4.703   -12.138 1.00 12.04 ? 298 ASN B CA  1 
ATOM   1503 C C   . ASN B 1 98 ? 8.486   3.407   -12.914 1.00 12.00 ? 298 ASN B C   1 
ATOM   1504 O O   . ASN B 1 98 ? 8.570   2.326   -12.340 1.00 11.71 ? 298 ASN B O   1 
ATOM   1505 C CB  . ASN B 1 98 ? 10.060  5.128   -12.099 1.00 12.05 ? 298 ASN B CB  1 
ATOM   1506 C CG  . ASN B 1 98 ? 10.272  6.420   -11.349 1.00 13.54 ? 298 ASN B CG  1 
ATOM   1507 O OD1 . ASN B 1 98 ? 10.390  7.486   -11.951 1.00 17.96 ? 298 ASN B OD1 1 
ATOM   1508 N ND2 . ASN B 1 98 ? 10.308  6.336   -10.026 1.00 11.28 ? 298 ASN B ND2 1 
ATOM   1509 N N   . PHE B 1 99 ? 8.292   3.525   -14.222 1.00 12.79 ? 299 PHE B N   1 
ATOM   1510 C CA  . PHE B 1 99 ? 8.206   2.362   -15.096 1.00 14.10 ? 299 PHE B CA  1 
ATOM   1511 C C   . PHE B 1 99 ? 8.521   2.747   -16.540 1.00 14.02 ? 299 PHE B C   1 
ATOM   1512 O O   . PHE B 1 99 ? 8.480   1.844   -17.397 1.00 14.85 ? 299 PHE B O   1 
ATOM   1513 C CB  . PHE B 1 99 ? 6.821   1.710   -15.012 1.00 15.81 ? 299 PHE B CB  1 
ATOM   1514 C CG  . PHE B 1 99 ? 5.721   2.526   -15.633 1.00 16.28 ? 299 PHE B CG  1 
ATOM   1515 C CD1 . PHE B 1 99 ? 5.209   3.647   -14.984 1.00 16.40 ? 299 PHE B CD1 1 
ATOM   1516 C CD2 . PHE B 1 99 ? 5.179   2.157   -16.862 1.00 17.73 ? 299 PHE B CD2 1 
ATOM   1517 C CE1 . PHE B 1 99 ? 4.175   4.383   -15.542 1.00 16.06 ? 299 PHE B CE1 1 
ATOM   1518 C CE2 . PHE B 1 99 ? 4.145   2.888   -17.430 1.00 17.48 ? 299 PHE B CE2 1 
ATOM   1519 C CZ  . PHE B 1 99 ? 3.642   4.004   -16.770 1.00 18.17 ? 299 PHE B CZ  1 
ATOM   1520 O OXT . PHE B 1 99 ? 8.792   3.940   -16.798 1.00 13.15 ? 299 PHE B OXT 1 
HETATM 1521 N N   . KGQ C 2 .  ? -3.714  1.030   2.779   1.00 15.82 ? 300 KGQ B N   1 
HETATM 1522 C C   . KGQ C 2 .  ? -5.552  4.201   5.353   1.00 19.45 ? 300 KGQ B C   1 
HETATM 1523 O O   . KGQ C 2 .  ? -9.807  2.081   1.770   1.00 24.29 ? 300 KGQ B O   1 
HETATM 1524 C C6  . KGQ C 2 .  ? -3.784  -0.347  2.342   1.00 19.07 ? 300 KGQ B C6  1 
HETATM 1525 C C8  . KGQ C 2 .  ? -4.609  -0.321  0.990   1.00 18.12 ? 300 KGQ B C8  1 
HETATM 1526 C C9  . KGQ C 2 .  ? -5.968  0.306   1.190   1.00 18.03 ? 300 KGQ B C9  1 
HETATM 1527 C C11 . KGQ C 2 .  ? -7.027  -0.418  1.749   1.00 19.93 ? 300 KGQ B C11 1 
HETATM 1528 C C13 . KGQ C 2 .  ? -8.297  0.157   1.946   1.00 21.20 ? 300 KGQ B C13 1 
HETATM 1529 C C14 . KGQ C 2 .  ? -8.552  1.511   1.576   1.00 23.25 ? 300 KGQ B C14 1 
HETATM 1530 C C15 . KGQ C 2 .  ? -9.990  2.912   2.929   1.00 26.89 ? 300 KGQ B C15 1 
HETATM 1531 P P   . KGQ C 2 .  ? -11.640 3.537   3.023   1.00 29.40 ? 300 KGQ B P   1 
HETATM 1532 O O3  . KGQ C 2 .  ? -12.311 2.937   4.313   1.00 27.58 ? 300 KGQ B O3  1 
HETATM 1533 C C18 . KGQ C 2 .  ? -12.170 1.516   4.340   1.00 28.75 ? 300 KGQ B C18 1 
HETATM 1534 C C19 . KGQ C 2 .  ? -12.840 0.942   5.608   1.00 26.49 ? 300 KGQ B C19 1 
HETATM 1535 O O2  . KGQ C 2 .  ? -11.577 5.063   3.350   1.00 27.67 ? 300 KGQ B O2  1 
HETATM 1536 O O1  . KGQ C 2 .  ? -12.442 3.536   1.771   1.00 31.09 ? 300 KGQ B O1  1 
HETATM 1537 C C16 . KGQ C 2 .  ? -13.676 4.245   1.932   1.00 35.01 ? 300 KGQ B C16 1 
HETATM 1538 C C17 . KGQ C 2 .  ? -14.409 4.303   0.574   1.00 31.61 ? 300 KGQ B C17 1 
HETATM 1539 C C12 . KGQ C 2 .  ? -7.477  2.250   1.005   1.00 22.05 ? 300 KGQ B C12 1 
HETATM 1540 C C10 . KGQ C 2 .  ? -6.217  1.643   0.821   1.00 20.96 ? 300 KGQ B C10 1 
HETATM 1541 C C7  . KGQ C 2 .  ? -2.372  -0.950  2.143   1.00 17.84 ? 300 KGQ B C7  1 
HETATM 1542 O O8  . KGQ C 2 .  ? -1.646  -0.233  1.154   1.00 21.81 ? 300 KGQ B O8  1 
HETATM 1543 C C20 . KGQ C 2 .  ? -2.447  -2.437  1.742   1.00 20.12 ? 300 KGQ B C20 1 
HETATM 1544 N N1  . KGQ C 2 .  ? -2.834  -3.279  2.879   1.00 21.79 ? 300 KGQ B N1  1 
HETATM 1545 C C21 . KGQ C 2 .  ? -1.689  -4.187  3.090   1.00 22.93 ? 300 KGQ B C21 1 
HETATM 1546 C C22 . KGQ C 2 .  ? -0.637  -3.763  4.150   1.00 22.75 ? 300 KGQ B C22 1 
HETATM 1547 C C30 . KGQ C 2 .  ? -0.063  -4.919  4.986   1.00 23.90 ? 300 KGQ B C30 1 
HETATM 1548 C C29 . KGQ C 2 .  ? -1.113  -2.624  5.060   1.00 23.38 ? 300 KGQ B C29 1 
HETATM 1549 S S   . KGQ C 2 .  ? -4.153  -4.172  2.378   1.00 21.04 ? 300 KGQ B S   1 
HETATM 1550 O O10 . KGQ C 2 .  ? -5.012  -4.529  3.600   1.00 26.11 ? 300 KGQ B O10 1 
HETATM 1551 O O9  . KGQ C 2 .  ? -5.084  -3.318  1.494   1.00 21.11 ? 300 KGQ B O9  1 
HETATM 1552 C C23 . KGQ C 2 .  ? -3.752  -5.652  1.532   1.00 22.91 ? 300 KGQ B C23 1 
HETATM 1553 C C28 . KGQ C 2 .  ? -3.502  -6.840  2.158   1.00 19.98 ? 300 KGQ B C28 1 
HETATM 1554 C C27 . KGQ C 2 .  ? -3.177  -8.025  1.495   1.00 20.34 ? 300 KGQ B C27 1 
HETATM 1555 C C26 . KGQ C 2 .  ? -3.096  -8.037  0.181   1.00 23.95 ? 300 KGQ B C26 1 
HETATM 1556 O O5  . KGQ C 2 .  ? -2.726  -9.371  -0.582  1.00 29.52 ? 300 KGQ B O5  1 
HETATM 1557 C C31 . KGQ C 2 .  ? -2.160  -10.234 0.161   1.00 30.86 ? 300 KGQ B C31 1 
HETATM 1558 C C25 . KGQ C 2 .  ? -3.322  -6.941  -0.505  1.00 24.02 ? 300 KGQ B C25 1 
HETATM 1559 C C24 . KGQ C 2 .  ? -3.650  -5.753  0.174   1.00 24.84 ? 300 KGQ B C24 1 
HETATM 1560 C C4  . KGQ C 2 .  ? -4.137  1.297   4.086   1.00 17.67 ? 300 KGQ B C4  1 
HETATM 1561 O O7  . KGQ C 2 .  ? -4.565  0.467   4.884   1.00 10.79 ? 300 KGQ B O7  1 
HETATM 1562 O O6  . KGQ C 2 .  ? -4.007  2.613   4.298   1.00 17.85 ? 300 KGQ B O6  1 
HETATM 1563 C C5  . KGQ C 2 .  ? -4.399  3.169   5.555   1.00 20.72 ? 300 KGQ B C5  1 
HETATM 1564 C C3  . KGQ C 2 .  ? -3.300  4.131   6.040   1.00 19.90 ? 300 KGQ B C3  1 
HETATM 1565 O O4  . KGQ C 2 .  ? -3.339  5.242   5.155   1.00 20.27 ? 300 KGQ B O4  1 
HETATM 1566 C C32 . KGQ C 2 .  ? -4.736  5.510   5.094   1.00 21.17 ? 300 KGQ B C32 1 
HETATM 1567 O O11 . KGQ C 2 .  ? -5.091  6.070   3.815   1.00 25.21 ? 300 KGQ B O11 1 
HETATM 1568 C C2  . KGQ C 2 .  ? -5.565  4.956   3.064   1.00 20.92 ? 300 KGQ B C2  1 
HETATM 1569 C C1  . KGQ C 2 .  ? -6.410  4.136   4.052   1.00 19.77 ? 300 KGQ B C1  1 
HETATM 1570 O O   . HOH D 3 .  ? 4.302   -5.224  -0.126  1.00 12.03 ? 100 HOH A O   1 
HETATM 1571 O O   . HOH D 3 .  ? 9.661   -5.317  -12.172 1.00 16.05 ? 101 HOH A O   1 
HETATM 1572 O O   . HOH D 3 .  ? -6.510  -17.604 3.221   1.00 15.66 ? 102 HOH A O   1 
HETATM 1573 O O   . HOH D 3 .  ? 2.768   -6.265  1.932   1.00 15.38 ? 103 HOH A O   1 
HETATM 1574 O O   . HOH D 3 .  ? 2.833   -10.948 -17.147 1.00 15.92 ? 104 HOH A O   1 
HETATM 1575 O O   . HOH D 3 .  ? -15.374 -10.609 4.029   1.00 17.74 ? 105 HOH A O   1 
HETATM 1576 O O   . HOH D 3 .  ? -0.215  -7.406  1.450   1.00 14.46 ? 106 HOH A O   1 
HETATM 1577 O O   . HOH D 3 .  ? 11.259  1.040   -13.216 1.00 18.57 ? 107 HOH A O   1 
HETATM 1578 O O   . HOH D 3 .  ? -5.061  11.870  -3.223  1.00 18.76 ? 108 HOH A O   1 
HETATM 1579 O O   . HOH D 3 .  ? -17.444 -5.389  -3.808  1.00 13.78 ? 109 HOH A O   1 
HETATM 1580 O O   . HOH D 3 .  ? 3.213   -10.398 -4.556  1.00 17.22 ? 110 HOH A O   1 
HETATM 1581 O O   . HOH D 3 .  ? -0.069  9.971   -7.659  1.00 20.31 ? 111 HOH A O   1 
HETATM 1582 O O   . HOH D 3 .  ? -18.640 -8.248  -13.449 1.00 21.97 ? 112 HOH A O   1 
HETATM 1583 O O   . HOH D 3 .  ? 5.506   -9.441  -6.172  1.00 24.70 ? 113 HOH A O   1 
HETATM 1584 O O   . HOH D 3 .  ? -16.301 -3.318  -2.290  1.00 20.97 ? 114 HOH A O   1 
HETATM 1585 O O   . HOH D 3 .  ? -3.043  -10.947 4.214   1.00 29.12 ? 115 HOH A O   1 
HETATM 1586 O O   . HOH D 3 .  ? -4.433  5.137   -16.164 1.00 21.59 ? 116 HOH A O   1 
HETATM 1587 O O   . HOH D 3 .  ? 7.716   -5.004  -18.582 1.00 24.46 ? 117 HOH A O   1 
HETATM 1588 O O   . HOH D 3 .  ? -3.196  -16.111 3.628   1.00 21.85 ? 118 HOH A O   1 
HETATM 1589 O O   . HOH D 3 .  ? -8.039  -13.215 -18.635 1.00 33.68 ? 119 HOH A O   1 
HETATM 1590 O O   . HOH D 3 .  ? 0.783   13.138  0.189   1.00 32.51 ? 120 HOH A O   1 
HETATM 1591 O O   . HOH D 3 .  ? -9.213  -10.148 -18.493 1.00 22.52 ? 121 HOH A O   1 
HETATM 1592 O O   . HOH D 3 .  ? -1.149  -15.823 -12.625 1.00 20.73 ? 122 HOH A O   1 
HETATM 1593 O O   . HOH D 3 .  ? -13.795 1.608   -10.623 1.00 23.58 ? 123 HOH A O   1 
HETATM 1594 O O   . HOH D 3 .  ? -0.920  7.283   -10.818 1.00 29.87 ? 124 HOH A O   1 
HETATM 1595 O O   . HOH D 3 .  ? -17.508 -5.089  -11.001 1.00 28.99 ? 125 HOH A O   1 
HETATM 1596 O O   . HOH D 3 .  ? -7.579  -6.984  -19.936 1.00 23.92 ? 126 HOH A O   1 
HETATM 1597 O O   . HOH D 3 .  ? 0.217   -14.538 -10.477 1.00 24.67 ? 127 HOH A O   1 
HETATM 1598 O O   . HOH D 3 .  ? -15.662 -12.809 -3.429  1.00 21.07 ? 128 HOH A O   1 
HETATM 1599 O O   . HOH D 3 .  ? -10.934 2.339   -6.292  1.00 28.50 ? 129 HOH A O   1 
HETATM 1600 O O   . HOH D 3 .  ? -5.335  10.561  -7.322  1.00 22.34 ? 130 HOH A O   1 
HETATM 1601 O O   . HOH D 3 .  ? 3.051   -5.636  -22.863 1.00 32.32 ? 131 HOH A O   1 
HETATM 1602 O O   . HOH D 3 .  ? -8.145  2.942   -6.054  1.00 39.30 ? 132 HOH A O   1 
HETATM 1603 O O   . HOH D 3 .  ? 1.468   13.424  -7.134  1.00 21.49 ? 133 HOH A O   1 
HETATM 1604 O O   . HOH D 3 .  ? -10.499 -3.357  -22.144 1.00 39.96 ? 134 HOH A O   1 
HETATM 1605 O O   . HOH D 3 .  ? -3.317  2.422   -16.270 1.00 39.53 ? 135 HOH A O   1 
HETATM 1606 O O   . HOH D 3 .  ? 6.876   11.144  -16.512 1.00 46.08 ? 136 HOH A O   1 
HETATM 1607 O O   . HOH D 3 .  ? 2.362   11.614  -11.517 1.00 23.08 ? 137 HOH A O   1 
HETATM 1608 O O   . HOH D 3 .  ? -8.668  -22.011 0.047   1.00 25.77 ? 138 HOH A O   1 
HETATM 1609 O O   . HOH D 3 .  ? -15.876 -1.866  -13.615 1.00 32.74 ? 139 HOH A O   1 
HETATM 1610 O O   . HOH D 3 .  ? -16.846 -1.170  -17.407 1.00 40.89 ? 140 HOH A O   1 
HETATM 1611 O O   . HOH D 3 .  ? -8.455  5.301   -3.465  1.00 34.04 ? 141 HOH A O   1 
HETATM 1612 O O   . HOH D 3 .  ? -16.378 -12.414 0.169   1.00 29.06 ? 142 HOH A O   1 
HETATM 1613 O O   . HOH D 3 .  ? -16.858 -1.399  -4.350  1.00 41.80 ? 143 HOH A O   1 
HETATM 1614 O O   . HOH D 3 .  ? 0.628   16.244  -8.349  1.00 20.11 ? 144 HOH A O   1 
HETATM 1615 O O   . HOH D 3 .  ? -1.628  13.647  -9.714  1.00 30.34 ? 145 HOH A O   1 
HETATM 1616 O O   . HOH D 3 .  ? -15.789 -5.517  3.538   1.00 34.03 ? 146 HOH A O   1 
HETATM 1617 O O   . HOH D 3 .  ? -15.441 -12.430 6.370   1.00 36.76 ? 147 HOH A O   1 
HETATM 1618 O O   . HOH D 3 .  ? -9.663  6.472   1.562   1.00 63.48 ? 148 HOH A O   1 
HETATM 1619 O O   . HOH D 3 .  ? -18.294 -9.334  -1.591  1.00 29.68 ? 149 HOH A O   1 
HETATM 1620 O O   . HOH D 3 .  ? -14.167 -16.622 -1.013  1.00 39.22 ? 150 HOH A O   1 
HETATM 1621 O O   . HOH D 3 .  ? -10.379 -6.880  -20.714 1.00 42.37 ? 151 HOH A O   1 
HETATM 1622 O O   . HOH D 3 .  ? 5.190   12.849  -11.934 1.00 40.17 ? 152 HOH A O   1 
HETATM 1623 O O   . HOH D 3 .  ? -13.475 -1.425  -4.339  1.00 26.14 ? 153 HOH A O   1 
HETATM 1624 O O   . HOH D 3 .  ? 3.815   -12.104 -2.336  1.00 36.08 ? 154 HOH A O   1 
HETATM 1625 O O   . HOH D 3 .  ? -9.392  -17.765 -13.100 1.00 51.68 ? 155 HOH A O   1 
HETATM 1626 O O   . HOH D 3 .  ? 18.914  9.378   -2.507  1.00 30.51 ? 156 HOH A O   1 
HETATM 1627 O O   . HOH D 3 .  ? -16.108 -17.367 -11.494 1.00 41.89 ? 157 HOH A O   1 
HETATM 1628 O O   . HOH D 3 .  ? 2.891   10.139  -14.828 1.00 48.75 ? 158 HOH A O   1 
HETATM 1629 O O   . HOH D 3 .  ? -0.360  11.042  -10.616 1.00 61.50 ? 159 HOH A O   1 
HETATM 1630 O O   . HOH D 3 .  ? -12.403 10.417  0.391   1.00 75.53 ? 160 HOH A O   1 
HETATM 1631 O O   . HOH D 3 .  ? 6.743   -11.238 -2.114  1.00 34.32 ? 161 HOH A O   1 
HETATM 1632 O O   . HOH D 3 .  ? 7.563   16.071  -7.414  1.00 40.17 ? 162 HOH A O   1 
HETATM 1633 O O   . HOH D 3 .  ? -11.223 6.670   -8.203  1.00 47.19 ? 163 HOH A O   1 
HETATM 1634 O O   . HOH D 3 .  ? 0.695   -10.555 -21.604 1.00 45.84 ? 164 HOH A O   1 
HETATM 1635 O O   . HOH D 3 .  ? -15.948 1.694   -0.933  1.00 38.76 ? 165 HOH A O   1 
HETATM 1636 O O   . HOH D 3 .  ? -2.851  -14.658 -3.560  1.00 38.51 ? 166 HOH A O   1 
HETATM 1637 O O   . HOH D 3 .  ? -7.575  -19.932 -10.735 1.00 39.52 ? 167 HOH A O   1 
HETATM 1638 O O   . HOH D 3 .  ? 16.593  5.315   -9.463  1.00 31.19 ? 168 HOH A O   1 
HETATM 1639 O O   . HOH D 3 .  ? -10.949 -9.744  11.135  1.00 34.11 ? 169 HOH A O   1 
HETATM 1640 O O   . HOH D 3 .  ? -12.419 3.764   -15.130 1.00 46.13 ? 170 HOH A O   1 
HETATM 1641 O O   . HOH D 3 .  ? 10.026  10.396  -16.344 1.00 48.26 ? 171 HOH A O   1 
HETATM 1642 O O   . HOH D 3 .  ? -18.455 -14.155 4.173   1.00 57.94 ? 172 HOH A O   1 
HETATM 1643 O O   . HOH D 3 .  ? 1.039   -13.045 -2.851  1.00 48.47 ? 173 HOH A O   1 
HETATM 1644 O O   . HOH D 3 .  ? -1.293  -13.282 1.257   1.00 49.53 ? 174 HOH A O   1 
HETATM 1645 O O   . HOH D 3 .  ? -3.186  9.311   -10.229 1.00 39.33 ? 175 HOH A O   1 
HETATM 1646 O O   . HOH D 3 .  ? -1.505  -19.706 -7.026  1.00 55.93 ? 176 HOH A O   1 
HETATM 1647 O O   . HOH D 3 .  ? -3.647  0.378   -20.363 1.00 49.87 ? 177 HOH A O   1 
HETATM 1648 O O   . HOH E 3 .  ? 9.567   -4.180  -9.559  1.00 11.99 ? 301 HOH B O   1 
HETATM 1649 O O   . HOH E 3 .  ? -2.318  6.282   -1.713  1.00 13.84 ? 302 HOH B O   1 
HETATM 1650 O O   . HOH E 3 .  ? 11.841  10.308  16.760  1.00 14.59 ? 303 HOH B O   1 
HETATM 1651 O O   . HOH E 3 .  ? 2.924   14.342  7.621   1.00 12.32 ? 304 HOH B O   1 
HETATM 1652 O O   . HOH E 3 .  ? 4.294   15.259  5.264   1.00 16.68 ? 305 HOH B O   1 
HETATM 1653 O O   . HOH E 3 .  ? 3.228   16.693  11.312  1.00 15.23 ? 306 HOH B O   1 
HETATM 1654 O O   . HOH E 3 .  ? 6.515   11.822  -5.070  1.00 15.96 ? 307 HOH B O   1 
HETATM 1655 O O   . HOH E 3 .  ? 19.377  5.237   20.166  1.00 15.56 ? 308 HOH B O   1 
HETATM 1656 O O   . HOH E 3 .  ? 6.095   0.916   15.832  1.00 16.49 ? 309 HOH B O   1 
HETATM 1657 O O   . HOH E 3 .  ? 0.692   9.817   9.176   1.00 17.43 ? 310 HOH B O   1 
HETATM 1658 O O   . HOH E 3 .  ? 12.304  -6.935  -4.867  1.00 15.58 ? 311 HOH B O   1 
HETATM 1659 O O   . HOH E 3 .  ? 13.133  -6.261  -12.111 1.00 19.73 ? 312 HOH B O   1 
HETATM 1660 O O   . HOH E 3 .  ? -5.566  -2.237  4.918   1.00 12.93 ? 313 HOH B O   1 
HETATM 1661 O O   . HOH E 3 .  ? -8.447  6.151   5.817   1.00 21.41 ? 314 HOH B O   1 
HETATM 1662 O O   . HOH E 3 .  ? 12.092  9.992   -7.143  1.00 18.84 ? 315 HOH B O   1 
HETATM 1663 O O   . HOH E 3 .  ? 10.206  -3.583  13.399  1.00 19.95 ? 316 HOH B O   1 
HETATM 1664 O O   . HOH E 3 .  ? 17.580  0.336   17.780  1.00 23.09 ? 317 HOH B O   1 
HETATM 1665 O O   . HOH E 3 .  ? -7.934  16.284  25.181  1.00 16.68 ? 318 HOH B O   1 
HETATM 1666 O O   . HOH E 3 .  ? 1.704   15.629  18.426  1.00 19.57 ? 319 HOH B O   1 
HETATM 1667 O O   . HOH E 3 .  ? 3.131   -6.823  4.751   1.00 24.43 ? 320 HOH B O   1 
HETATM 1668 O O   . HOH E 3 .  ? -0.645  10.199  26.339  1.00 18.86 ? 321 HOH B O   1 
HETATM 1669 O O   . HOH E 3 .  ? 1.413   9.664   24.203  1.00 20.78 ? 322 HOH B O   1 
HETATM 1670 O O   . HOH E 3 .  ? 10.838  -4.434  -2.551  1.00 18.66 ? 323 HOH B O   1 
HETATM 1671 O O   . HOH E 3 .  ? 8.094   -2.141  15.125  1.00 19.75 ? 324 HOH B O   1 
HETATM 1672 O O   . HOH E 3 .  ? 10.103  13.386  17.312  1.00 18.78 ? 325 HOH B O   1 
HETATM 1673 O O   . HOH E 3 .  ? 8.319   -10.437 0.331   1.00 22.41 ? 326 HOH B O   1 
HETATM 1674 O O   . HOH E 3 .  ? -6.108  -3.460  12.251  1.00 23.43 ? 327 HOH B O   1 
HETATM 1675 O O   . HOH E 3 .  ? 2.860   15.199  1.367   1.00 17.94 ? 328 HOH B O   1 
HETATM 1676 O O   . HOH E 3 .  ? 13.301  -4.659  -0.854  1.00 22.63 ? 329 HOH B O   1 
HETATM 1677 O O   . HOH E 3 .  ? -10.642 10.981  11.845  1.00 20.88 ? 330 HOH B O   1 
HETATM 1678 O O   . HOH E 3 .  ? -8.243  7.955   18.187  1.00 27.07 ? 331 HOH B O   1 
HETATM 1679 O O   . HOH E 3 .  ? -1.550  15.602  17.203  1.00 22.49 ? 332 HOH B O   1 
HETATM 1680 O O   . HOH E 3 .  ? 10.990  5.193   -15.881 1.00 30.67 ? 333 HOH B O   1 
HETATM 1681 O O   . HOH E 3 .  ? 9.004   15.812  18.486  1.00 23.85 ? 334 HOH B O   1 
HETATM 1682 O O   . HOH E 3 .  ? 16.327  4.940   8.235   1.00 24.21 ? 335 HOH B O   1 
HETATM 1683 O O   . HOH E 3 .  ? 14.597  9.443   13.702  1.00 23.68 ? 336 HOH B O   1 
HETATM 1684 O O   . HOH E 3 .  ? 15.178  -3.713  -4.783  1.00 25.94 ? 337 HOH B O   1 
HETATM 1685 O O   . HOH E 3 .  ? 15.338  9.018   16.334  1.00 20.42 ? 338 HOH B O   1 
HETATM 1686 O O   . HOH E 3 .  ? 0.097   -9.151  7.611   1.00 26.37 ? 339 HOH B O   1 
HETATM 1687 O O   . HOH E 3 .  ? 15.370  11.283  -2.250  1.00 22.11 ? 340 HOH B O   1 
HETATM 1688 O O   . HOH E 3 .  ? 6.431   13.424  26.091  1.00 35.64 ? 341 HOH B O   1 
HETATM 1689 O O   . HOH E 3 .  ? 4.252   14.986  19.662  1.00 30.64 ? 342 HOH B O   1 
HETATM 1690 O O   . HOH E 3 .  ? -6.598  8.399   6.684   1.00 24.60 ? 343 HOH B O   1 
HETATM 1691 O O   . HOH E 3 .  ? 11.534  -7.787  1.626   1.00 21.04 ? 344 HOH B O   1 
HETATM 1692 O O   . HOH E 3 .  ? 11.894  16.173  14.764  1.00 25.75 ? 345 HOH B O   1 
HETATM 1693 O O   . HOH E 3 .  ? -0.023  -1.845  17.701  1.00 25.73 ? 346 HOH B O   1 
HETATM 1694 O O   . HOH E 3 .  ? 3.598   11.564  24.876  1.00 30.05 ? 347 HOH B O   1 
HETATM 1695 O O   . HOH E 3 .  ? 10.052  -2.402  17.586  1.00 41.56 ? 348 HOH B O   1 
HETATM 1696 O O   . HOH E 3 .  ? -13.804 -3.842  4.710   1.00 30.30 ? 349 HOH B O   1 
HETATM 1697 O O   . HOH E 3 .  ? -8.627  -2.475  17.294  1.00 43.45 ? 350 HOH B O   1 
HETATM 1698 O O   . HOH E 3 .  ? 17.837  -0.821  -3.252  1.00 29.47 ? 351 HOH B O   1 
HETATM 1699 O O   . HOH E 3 .  ? 20.839  9.756   12.393  1.00 27.12 ? 352 HOH B O   1 
HETATM 1700 O O   . HOH E 3 .  ? 7.839   -0.665  -18.121 1.00 25.03 ? 353 HOH B O   1 
HETATM 1701 O O   . HOH E 3 .  ? 1.005   -9.013  11.089  1.00 30.18 ? 354 HOH B O   1 
HETATM 1702 O O   . HOH E 3 .  ? -13.471 -7.087  8.066   1.00 35.03 ? 355 HOH B O   1 
HETATM 1703 O O   . HOH E 3 .  ? -3.270  12.632  9.885   1.00 34.78 ? 356 HOH B O   1 
HETATM 1704 O O   . HOH E 3 .  ? -7.278  17.488  22.514  1.00 30.81 ? 357 HOH B O   1 
HETATM 1705 O O   . HOH E 3 .  ? -7.404  5.928   20.243  1.00 36.37 ? 358 HOH B O   1 
HETATM 1706 O O   . HOH E 3 .  ? 18.573  13.073  5.483   1.00 39.79 ? 359 HOH B O   1 
HETATM 1707 O O   . HOH E 3 .  ? -12.342 8.931   18.885  1.00 31.60 ? 360 HOH B O   1 
HETATM 1708 O O   . HOH E 3 .  ? -9.372  0.469   16.684  1.00 26.47 ? 361 HOH B O   1 
HETATM 1709 O O   . HOH E 3 .  ? 8.249   2.648   22.294  1.00 33.93 ? 362 HOH B O   1 
HETATM 1710 O O   . HOH E 3 .  ? -0.788  12.034  2.498   1.00 26.21 ? 363 HOH B O   1 
HETATM 1711 O O   . HOH E 3 .  ? 15.927  5.273   22.336  1.00 45.03 ? 364 HOH B O   1 
HETATM 1712 O O   . HOH E 3 .  ? 6.355   16.270  17.895  1.00 31.02 ? 365 HOH B O   1 
HETATM 1713 O O   . HOH E 3 .  ? 18.268  5.239   10.471  1.00 40.10 ? 366 HOH B O   1 
HETATM 1714 O O   . HOH E 3 .  ? 11.107  7.754   -14.527 1.00 31.46 ? 367 HOH B O   1 
HETATM 1715 O O   . HOH E 3 .  ? -0.669  11.872  7.690   1.00 24.59 ? 368 HOH B O   1 
HETATM 1716 O O   . HOH E 3 .  ? 7.325   -4.128  10.672  1.00 36.74 ? 369 HOH B O   1 
HETATM 1717 O O   . HOH E 3 .  ? -6.628  9.958   4.331   1.00 26.52 ? 370 HOH B O   1 
HETATM 1718 O O   . HOH E 3 .  ? -3.617  12.804  0.001   1.00 43.16 ? 371 HOH B O   1 
HETATM 1719 O O   . HOH E 3 .  ? 10.899  -6.631  8.535   1.00 38.98 ? 372 HOH B O   1 
HETATM 1720 O O   . HOH E 3 .  ? -6.985  14.353  11.351  1.00 51.49 ? 373 HOH B O   1 
HETATM 1721 O O   . HOH E 3 .  ? 7.879   9.748   24.860  1.00 49.47 ? 374 HOH B O   1 
HETATM 1722 O O   . HOH E 3 .  ? 4.589   -2.729  19.492  1.00 39.06 ? 375 HOH B O   1 
HETATM 1723 O O   . HOH E 3 .  ? 14.639  16.618  7.590   1.00 30.04 ? 376 HOH B O   1 
HETATM 1724 O O   . HOH E 3 .  ? 11.633  13.555  -6.271  1.00 52.76 ? 377 HOH B O   1 
HETATM 1725 O O   . HOH E 3 .  ? -0.070  16.059  8.476   1.00 32.61 ? 378 HOH B O   1 
HETATM 1726 O O   . HOH E 3 .  ? -2.456  -0.507  19.308  1.00 36.68 ? 379 HOH B O   1 
HETATM 1727 O O   . HOH E 3 .  ? -9.091  9.428   8.160   1.00 39.42 ? 380 HOH B O   1 
HETATM 1728 O O   . HOH E 3 .  ? 20.082  10.037  8.435   1.00 39.18 ? 381 HOH B O   1 
HETATM 1729 O O   . HOH E 3 .  ? -14.413 -1.798  11.114  1.00 35.08 ? 382 HOH B O   1 
HETATM 1730 O O   . HOH E 3 .  ? 17.897  9.746   18.001  1.00 29.83 ? 383 HOH B O   1 
HETATM 1731 O O   . HOH E 3 .  ? -3.866  17.224  21.670  1.00 34.23 ? 384 HOH B O   1 
HETATM 1732 O O   . HOH E 3 .  ? 17.056  -1.930  -9.255  1.00 39.82 ? 385 HOH B O   1 
HETATM 1733 O O   . HOH E 3 .  ? 16.736  0.312   4.735   1.00 29.11 ? 386 HOH B O   1 
HETATM 1734 O O   . HOH E 3 .  ? 13.556  4.700   -13.292 1.00 43.71 ? 387 HOH B O   1 
HETATM 1735 O O   . HOH E 3 .  ? 7.280   19.408  17.713  1.00 37.53 ? 388 HOH B O   1 
HETATM 1736 O O   . HOH E 3 .  ? -1.453  16.982  19.695  1.00 53.35 ? 389 HOH B O   1 
HETATM 1737 O O   . HOH E 3 .  ? -3.597  3.240   19.345  1.00 38.82 ? 390 HOH B O   1 
HETATM 1738 O O   . HOH E 3 .  ? -4.056  12.216  4.415   1.00 40.80 ? 391 HOH B O   1 
HETATM 1739 O O   . HOH E 3 .  ? 15.362  12.978  1.486   1.00 37.15 ? 392 HOH B O   1 
HETATM 1740 O O   . HOH E 3 .  ? -6.599  2.381   19.094  1.00 39.16 ? 393 HOH B O   1 
HETATM 1741 O O   . HOH E 3 .  ? 10.214  15.703  -4.319  1.00 43.45 ? 394 HOH B O   1 
HETATM 1742 O O   . HOH E 3 .  ? 10.583  9.002   22.114  1.00 44.11 ? 395 HOH B O   1 
HETATM 1743 O O   . HOH E 3 .  ? 12.285  -12.717 -6.973  1.00 42.28 ? 396 HOH B O   1 
HETATM 1744 O O   . HOH E 3 .  ? -11.525 -2.820  12.790  1.00 45.13 ? 397 HOH B O   1 
HETATM 1745 O O   . HOH E 3 .  ? -16.016 -0.521  8.974   1.00 52.51 ? 398 HOH B O   1 
HETATM 1746 O O   . HOH E 3 .  ? 15.489  -3.811  6.023   1.00 42.36 ? 399 HOH B O   1 
HETATM 1747 O O   . HOH E 3 .  ? 13.678  13.936  3.662   1.00 39.26 ? 400 HOH B O   1 
HETATM 1748 O O   . HOH E 3 .  ? -5.037  17.298  12.484  1.00 53.71 ? 401 HOH B O   1 
HETATM 1749 O O   . HOH E 3 .  ? 19.622  1.299   -6.832  1.00 29.13 ? 402 HOH B O   1 
# 
